data_8J8D
# 
_entry.id   8J8D 
# 
_audit_conform.dict_name       mmcif_pdbx.dic 
_audit_conform.dict_version    5.399 
_audit_conform.dict_location   http://mmcif.pdb.org/dictionaries/ascii/mmcif_pdbx.dic 
# 
loop_
_database_2.database_id 
_database_2.database_code 
_database_2.pdbx_database_accession 
_database_2.pdbx_DOI 
PDB   8J8D         pdb_00008j8d 10.2210/pdb8j8d/pdb 
WWPDB D_1300037359 ?            ?                   
# 
loop_
_pdbx_audit_revision_history.ordinal 
_pdbx_audit_revision_history.data_content_type 
_pdbx_audit_revision_history.major_revision 
_pdbx_audit_revision_history.minor_revision 
_pdbx_audit_revision_history.revision_date 
1 'Structure model' 1 0 2023-12-13 
2 'Structure model' 1 1 2024-10-16 
3 'Structure model' 1 2 2024-12-11 
# 
_pdbx_audit_revision_details.ordinal             1 
_pdbx_audit_revision_details.revision_ordinal    1 
_pdbx_audit_revision_details.data_content_type   'Structure model' 
_pdbx_audit_revision_details.provider            repository 
_pdbx_audit_revision_details.type                'Initial release' 
_pdbx_audit_revision_details.description         ? 
_pdbx_audit_revision_details.details             ? 
# 
loop_
_pdbx_audit_revision_group.ordinal 
_pdbx_audit_revision_group.revision_ordinal 
_pdbx_audit_revision_group.data_content_type 
_pdbx_audit_revision_group.group 
1 2 'Structure model' 'Structure summary'   
2 3 'Structure model' 'Database references' 
# 
loop_
_pdbx_audit_revision_category.ordinal 
_pdbx_audit_revision_category.revision_ordinal 
_pdbx_audit_revision_category.data_content_type 
_pdbx_audit_revision_category.category 
1 2 'Structure model' pdbx_entry_details        
2 2 'Structure model' pdbx_modification_feature 
3 3 'Structure model' citation                  
4 3 'Structure model' citation_author           
# 
loop_
_pdbx_audit_revision_item.ordinal 
_pdbx_audit_revision_item.revision_ordinal 
_pdbx_audit_revision_item.data_content_type 
_pdbx_audit_revision_item.item 
1  2 'Structure model' '_pdbx_entry_details.has_protein_modification' 
2  3 'Structure model' '_citation.country'                            
3  3 'Structure model' '_citation.journal_abbrev'                     
4  3 'Structure model' '_citation.journal_id_CSD'                     
5  3 'Structure model' '_citation.journal_id_ISSN'                    
6  3 'Structure model' '_citation.journal_volume'                     
7  3 'Structure model' '_citation.page_first'                         
8  3 'Structure model' '_citation.page_last'                          
9  3 'Structure model' '_citation.pdbx_database_id_DOI'               
10 3 'Structure model' '_citation.pdbx_database_id_PubMed'            
11 3 'Structure model' '_citation.title'                              
12 3 'Structure model' '_citation.year'                               
# 
_pdbx_database_status.status_code                     REL 
_pdbx_database_status.status_code_sf                  REL 
_pdbx_database_status.status_code_mr                  ? 
_pdbx_database_status.entry_id                        8J8D 
_pdbx_database_status.recvd_initial_deposition_date   2023-05-01 
_pdbx_database_status.SG_entry                        N 
_pdbx_database_status.deposit_site                    PDBJ 
_pdbx_database_status.process_site                    PDBJ 
_pdbx_database_status.status_code_cs                  ? 
_pdbx_database_status.status_code_nmr_data            ? 
_pdbx_database_status.methods_development_category    ? 
_pdbx_database_status.pdb_format_compatible           Y 
# 
_pdbx_contact_author.id                 3 
_pdbx_contact_author.email              aknagata@mail.ecc.u-tokyo.ac.jp 
_pdbx_contact_author.name_first         Koji 
_pdbx_contact_author.name_last          Nagata 
_pdbx_contact_author.name_mi            ? 
_pdbx_contact_author.role               'principal investigator/group leader' 
_pdbx_contact_author.identifier_ORCID   0000-0002-4704-0603 
# 
loop_
_audit_author.name 
_audit_author.pdbx_ordinal 
_audit_author.identifier_ORCID 
'Zhang, C.'  1 ? 
'Lu, P.'     2 ? 
'Nagata, K.' 3 ? 
# 
_citation.abstract                  ? 
_citation.abstract_id_CAS           ? 
_citation.book_id_ISBN              ? 
_citation.book_publisher            ? 
_citation.book_publisher_city       ? 
_citation.book_title                ? 
_citation.coordinate_linkage        ? 
_citation.country                   NE 
_citation.database_id_Medline       ? 
_citation.details                   ? 
_citation.id                        primary 
_citation.journal_abbrev            'Protein J.' 
_citation.journal_id_ASTM           ? 
_citation.journal_id_CSD            ? 
_citation.journal_id_ISSN           1572-3887 
_citation.journal_full              ? 
_citation.journal_issue             ? 
_citation.journal_volume            43 
_citation.language                  ? 
_citation.page_first                283 
_citation.page_last                 297 
_citation.title                     
;Refolding, Crystallization, and Crystal Structure Analysis of a Scavenger Receptor Cysteine-Rich Domain of Human Salivary Agglutinin Expressed in Escherichia coli.
;
_citation.year                      2024 
_citation.database_id_CSD           ? 
_citation.pdbx_database_id_DOI      10.1007/s10930-023-10173-x 
_citation.pdbx_database_id_PubMed   38265733 
_citation.pdbx_database_id_patent   ? 
_citation.unpublished_flag          ? 
# 
loop_
_citation_author.citation_id 
_citation_author.name 
_citation_author.ordinal 
_citation_author.identifier_ORCID 
primary 'Zhang, C.'    1  ?                   
primary 'Lu, P.'       2  ?                   
primary 'Wei, S.'      3  ?                   
primary 'Hu, C.'       4  ?                   
primary 'Miyoshi, M.'  5  ?                   
primary 'Okamoto, K.'  6  ?                   
primary 'Itoh, H.'     7  ?                   
primary 'Okuda, S.'    8  ?                   
primary 'Suzuki, M.'   9  ?                   
primary 'Kawakami, H.' 10 ?                   
primary 'Nagata, K.'   11 0000-0002-4704-0603 
# 
loop_
_entity.id 
_entity.type 
_entity.src_method 
_entity.pdbx_description 
_entity.formula_weight 
_entity.pdbx_number_of_molecules 
_entity.pdbx_ec 
_entity.pdbx_mutation 
_entity.pdbx_fragment 
_entity.details 
1 polymer     man 'Deleted in malignant brain tumors 1 protein' 12679.798 1   ? ? 'SRCR domain 11' ? 
2 non-polymer syn 'CHLORIDE ION'                                35.453    2   ? ? ?                ? 
3 water       nat water                                         18.015    154 ? ? ?                ? 
# 
_entity_name_com.entity_id   1 
_entity_name_com.name        
'Glycoprotein 340,Gp-340,Hensin,Salivary agglutinin,SAG,Surfactant pulmonary-associated D-binding protein' 
# 
_entity_poly.entity_id                      1 
_entity_poly.type                           'polypeptide(L)' 
_entity_poly.nstd_linkage                   no 
_entity_poly.nstd_monomer                   no 
_entity_poly.pdbx_seq_one_letter_code       
;TAGSESSLALRLVNGGDRCQGRVEVLYRGSWGTVCDDYWDTNDANVVCRQLGCGWATSAPGNARFGQGSGPIVLDDVRCS
GHESYLWSCPHNGWLSHNCGHHEDAGVICSASQSQPTPS
;
_entity_poly.pdbx_seq_one_letter_code_can   
;TAGSESSLALRLVNGGDRCQGRVEVLYRGSWGTVCDDYWDTNDANVVCRQLGCGWATSAPGNARFGQGSGPIVLDDVRCS
GHESYLWSCPHNGWLSHNCGHHEDAGVICSASQSQPTPS
;
_entity_poly.pdbx_strand_id                 A 
_entity_poly.pdbx_target_identifier         ? 
# 
loop_
_pdbx_entity_nonpoly.entity_id 
_pdbx_entity_nonpoly.name 
_pdbx_entity_nonpoly.comp_id 
2 'CHLORIDE ION' CL  
3 water          HOH 
# 
loop_
_entity_poly_seq.entity_id 
_entity_poly_seq.num 
_entity_poly_seq.mon_id 
_entity_poly_seq.hetero 
1 1   THR n 
1 2   ALA n 
1 3   GLY n 
1 4   SER n 
1 5   GLU n 
1 6   SER n 
1 7   SER n 
1 8   LEU n 
1 9   ALA n 
1 10  LEU n 
1 11  ARG n 
1 12  LEU n 
1 13  VAL n 
1 14  ASN n 
1 15  GLY n 
1 16  GLY n 
1 17  ASP n 
1 18  ARG n 
1 19  CYS n 
1 20  GLN n 
1 21  GLY n 
1 22  ARG n 
1 23  VAL n 
1 24  GLU n 
1 25  VAL n 
1 26  LEU n 
1 27  TYR n 
1 28  ARG n 
1 29  GLY n 
1 30  SER n 
1 31  TRP n 
1 32  GLY n 
1 33  THR n 
1 34  VAL n 
1 35  CYS n 
1 36  ASP n 
1 37  ASP n 
1 38  TYR n 
1 39  TRP n 
1 40  ASP n 
1 41  THR n 
1 42  ASN n 
1 43  ASP n 
1 44  ALA n 
1 45  ASN n 
1 46  VAL n 
1 47  VAL n 
1 48  CYS n 
1 49  ARG n 
1 50  GLN n 
1 51  LEU n 
1 52  GLY n 
1 53  CYS n 
1 54  GLY n 
1 55  TRP n 
1 56  ALA n 
1 57  THR n 
1 58  SER n 
1 59  ALA n 
1 60  PRO n 
1 61  GLY n 
1 62  ASN n 
1 63  ALA n 
1 64  ARG n 
1 65  PHE n 
1 66  GLY n 
1 67  GLN n 
1 68  GLY n 
1 69  SER n 
1 70  GLY n 
1 71  PRO n 
1 72  ILE n 
1 73  VAL n 
1 74  LEU n 
1 75  ASP n 
1 76  ASP n 
1 77  VAL n 
1 78  ARG n 
1 79  CYS n 
1 80  SER n 
1 81  GLY n 
1 82  HIS n 
1 83  GLU n 
1 84  SER n 
1 85  TYR n 
1 86  LEU n 
1 87  TRP n 
1 88  SER n 
1 89  CYS n 
1 90  PRO n 
1 91  HIS n 
1 92  ASN n 
1 93  GLY n 
1 94  TRP n 
1 95  LEU n 
1 96  SER n 
1 97  HIS n 
1 98  ASN n 
1 99  CYS n 
1 100 GLY n 
1 101 HIS n 
1 102 HIS n 
1 103 GLU n 
1 104 ASP n 
1 105 ALA n 
1 106 GLY n 
1 107 VAL n 
1 108 ILE n 
1 109 CYS n 
1 110 SER n 
1 111 ALA n 
1 112 SER n 
1 113 GLN n 
1 114 SER n 
1 115 GLN n 
1 116 PRO n 
1 117 THR n 
1 118 PRO n 
1 119 SER n 
# 
_entity_src_gen.entity_id                          1 
_entity_src_gen.pdbx_src_id                        1 
_entity_src_gen.pdbx_alt_source_flag               sample 
_entity_src_gen.pdbx_seq_type                      'Biological sequence' 
_entity_src_gen.pdbx_beg_seq_num                   1 
_entity_src_gen.pdbx_end_seq_num                   119 
_entity_src_gen.gene_src_common_name               human 
_entity_src_gen.gene_src_genus                     ? 
_entity_src_gen.pdbx_gene_src_gene                 'DMBT1, GP340' 
_entity_src_gen.gene_src_species                   ? 
_entity_src_gen.gene_src_strain                    ? 
_entity_src_gen.gene_src_tissue                    ? 
_entity_src_gen.gene_src_tissue_fraction           ? 
_entity_src_gen.gene_src_details                   ? 
_entity_src_gen.pdbx_gene_src_fragment             ? 
_entity_src_gen.pdbx_gene_src_scientific_name      'Homo sapiens' 
_entity_src_gen.pdbx_gene_src_ncbi_taxonomy_id     9606 
_entity_src_gen.pdbx_gene_src_variant              ? 
_entity_src_gen.pdbx_gene_src_cell_line            ? 
_entity_src_gen.pdbx_gene_src_atcc                 ? 
_entity_src_gen.pdbx_gene_src_organ                ? 
_entity_src_gen.pdbx_gene_src_organelle            ? 
_entity_src_gen.pdbx_gene_src_cell                 ? 
_entity_src_gen.pdbx_gene_src_cellular_location    ? 
_entity_src_gen.host_org_common_name               ? 
_entity_src_gen.pdbx_host_org_scientific_name      'Escherichia coli' 
_entity_src_gen.pdbx_host_org_ncbi_taxonomy_id     562 
_entity_src_gen.host_org_genus                     ? 
_entity_src_gen.pdbx_host_org_gene                 ? 
_entity_src_gen.pdbx_host_org_organ                ? 
_entity_src_gen.host_org_species                   ? 
_entity_src_gen.pdbx_host_org_tissue               ? 
_entity_src_gen.pdbx_host_org_tissue_fraction      ? 
_entity_src_gen.pdbx_host_org_strain               ? 
_entity_src_gen.pdbx_host_org_variant              ? 
_entity_src_gen.pdbx_host_org_cell_line            ? 
_entity_src_gen.pdbx_host_org_atcc                 ? 
_entity_src_gen.pdbx_host_org_culture_collection   ? 
_entity_src_gen.pdbx_host_org_cell                 ? 
_entity_src_gen.pdbx_host_org_organelle            ? 
_entity_src_gen.pdbx_host_org_cellular_location    ? 
_entity_src_gen.pdbx_host_org_vector_type          ? 
_entity_src_gen.pdbx_host_org_vector               ? 
_entity_src_gen.host_org_details                   ? 
_entity_src_gen.expression_system_id               ? 
_entity_src_gen.plasmid_name                       ? 
_entity_src_gen.plasmid_details                    ? 
_entity_src_gen.pdbx_description                   ? 
# 
loop_
_chem_comp.id 
_chem_comp.type 
_chem_comp.mon_nstd_flag 
_chem_comp.name 
_chem_comp.pdbx_synonyms 
_chem_comp.formula 
_chem_comp.formula_weight 
ALA 'L-peptide linking' y ALANINE         ? 'C3 H7 N O2'     89.093  
ARG 'L-peptide linking' y ARGININE        ? 'C6 H15 N4 O2 1' 175.209 
ASN 'L-peptide linking' y ASPARAGINE      ? 'C4 H8 N2 O3'    132.118 
ASP 'L-peptide linking' y 'ASPARTIC ACID' ? 'C4 H7 N O4'     133.103 
CL  non-polymer         . 'CHLORIDE ION'  ? 'Cl -1'          35.453  
CYS 'L-peptide linking' y CYSTEINE        ? 'C3 H7 N O2 S'   121.158 
GLN 'L-peptide linking' y GLUTAMINE       ? 'C5 H10 N2 O3'   146.144 
GLU 'L-peptide linking' y 'GLUTAMIC ACID' ? 'C5 H9 N O4'     147.129 
GLY 'peptide linking'   y GLYCINE         ? 'C2 H5 N O2'     75.067  
HIS 'L-peptide linking' y HISTIDINE       ? 'C6 H10 N3 O2 1' 156.162 
HOH non-polymer         . WATER           ? 'H2 O'           18.015  
ILE 'L-peptide linking' y ISOLEUCINE      ? 'C6 H13 N O2'    131.173 
LEU 'L-peptide linking' y LEUCINE         ? 'C6 H13 N O2'    131.173 
PHE 'L-peptide linking' y PHENYLALANINE   ? 'C9 H11 N O2'    165.189 
PRO 'L-peptide linking' y PROLINE         ? 'C5 H9 N O2'     115.130 
SER 'L-peptide linking' y SERINE          ? 'C3 H7 N O3'     105.093 
THR 'L-peptide linking' y THREONINE       ? 'C4 H9 N O3'     119.119 
TRP 'L-peptide linking' y TRYPTOPHAN      ? 'C11 H12 N2 O2'  204.225 
TYR 'L-peptide linking' y TYROSINE        ? 'C9 H11 N O3'    181.189 
VAL 'L-peptide linking' y VALINE          ? 'C5 H11 N O2'    117.146 
# 
loop_
_pdbx_poly_seq_scheme.asym_id 
_pdbx_poly_seq_scheme.entity_id 
_pdbx_poly_seq_scheme.seq_id 
_pdbx_poly_seq_scheme.mon_id 
_pdbx_poly_seq_scheme.ndb_seq_num 
_pdbx_poly_seq_scheme.pdb_seq_num 
_pdbx_poly_seq_scheme.auth_seq_num 
_pdbx_poly_seq_scheme.pdb_mon_id 
_pdbx_poly_seq_scheme.auth_mon_id 
_pdbx_poly_seq_scheme.pdb_strand_id 
_pdbx_poly_seq_scheme.pdb_ins_code 
_pdbx_poly_seq_scheme.hetero 
A 1 1   THR 1   1   ?   ?   ?   A . n 
A 1 2   ALA 2   2   ?   ?   ?   A . n 
A 1 3   GLY 3   3   ?   ?   ?   A . n 
A 1 4   SER 4   4   ?   ?   ?   A . n 
A 1 5   GLU 5   5   ?   ?   ?   A . n 
A 1 6   SER 6   6   6   SER SER A . n 
A 1 7   SER 7   7   7   SER SER A . n 
A 1 8   LEU 8   8   8   LEU LEU A . n 
A 1 9   ALA 9   9   9   ALA ALA A . n 
A 1 10  LEU 10  10  10  LEU LEU A . n 
A 1 11  ARG 11  11  11  ARG ARG A . n 
A 1 12  LEU 12  12  12  LEU LEU A . n 
A 1 13  VAL 13  13  13  VAL VAL A . n 
A 1 14  ASN 14  14  14  ASN ASN A . n 
A 1 15  GLY 15  15  15  GLY GLY A . n 
A 1 16  GLY 16  16  16  GLY GLY A . n 
A 1 17  ASP 17  17  17  ASP ASP A . n 
A 1 18  ARG 18  18  18  ARG ARG A . n 
A 1 19  CYS 19  19  19  CYS CYS A . n 
A 1 20  GLN 20  20  20  GLN GLN A . n 
A 1 21  GLY 21  21  21  GLY GLY A . n 
A 1 22  ARG 22  22  22  ARG ARG A . n 
A 1 23  VAL 23  23  23  VAL VAL A . n 
A 1 24  GLU 24  24  24  GLU GLU A . n 
A 1 25  VAL 25  25  25  VAL VAL A . n 
A 1 26  LEU 26  26  26  LEU LEU A . n 
A 1 27  TYR 27  27  27  TYR TYR A . n 
A 1 28  ARG 28  28  28  ARG ARG A . n 
A 1 29  GLY 29  29  29  GLY GLY A . n 
A 1 30  SER 30  30  30  SER SER A . n 
A 1 31  TRP 31  31  31  TRP TRP A . n 
A 1 32  GLY 32  32  32  GLY GLY A . n 
A 1 33  THR 33  33  33  THR THR A . n 
A 1 34  VAL 34  34  34  VAL VAL A . n 
A 1 35  CYS 35  35  35  CYS CYS A . n 
A 1 36  ASP 36  36  36  ASP ASP A . n 
A 1 37  ASP 37  37  37  ASP ASP A . n 
A 1 38  TYR 38  38  38  TYR TYR A . n 
A 1 39  TRP 39  39  39  TRP TRP A . n 
A 1 40  ASP 40  40  40  ASP ASP A . n 
A 1 41  THR 41  41  41  THR THR A . n 
A 1 42  ASN 42  42  42  ASN ASN A . n 
A 1 43  ASP 43  43  43  ASP ASP A . n 
A 1 44  ALA 44  44  44  ALA ALA A . n 
A 1 45  ASN 45  45  45  ASN ASN A . n 
A 1 46  VAL 46  46  46  VAL VAL A . n 
A 1 47  VAL 47  47  47  VAL VAL A . n 
A 1 48  CYS 48  48  48  CYS CYS A . n 
A 1 49  ARG 49  49  49  ARG ARG A . n 
A 1 50  GLN 50  50  50  GLN GLN A . n 
A 1 51  LEU 51  51  51  LEU LEU A . n 
A 1 52  GLY 52  52  52  GLY GLY A . n 
A 1 53  CYS 53  53  53  CYS CYS A . n 
A 1 54  GLY 54  54  54  GLY GLY A . n 
A 1 55  TRP 55  55  55  TRP TRP A . n 
A 1 56  ALA 56  56  56  ALA ALA A . n 
A 1 57  THR 57  57  57  THR THR A . n 
A 1 58  SER 58  58  58  SER SER A . n 
A 1 59  ALA 59  59  59  ALA ALA A . n 
A 1 60  PRO 60  60  60  PRO PRO A . n 
A 1 61  GLY 61  61  61  GLY GLY A . n 
A 1 62  ASN 62  62  62  ASN ASN A . n 
A 1 63  ALA 63  63  63  ALA ALA A . n 
A 1 64  ARG 64  64  64  ARG ARG A . n 
A 1 65  PHE 65  65  65  PHE PHE A . n 
A 1 66  GLY 66  66  66  GLY GLY A . n 
A 1 67  GLN 67  67  67  GLN GLN A . n 
A 1 68  GLY 68  68  68  GLY GLY A . n 
A 1 69  SER 69  69  69  SER SER A . n 
A 1 70  GLY 70  70  70  GLY GLY A . n 
A 1 71  PRO 71  71  71  PRO PRO A . n 
A 1 72  ILE 72  72  72  ILE ILE A . n 
A 1 73  VAL 73  73  73  VAL VAL A . n 
A 1 74  LEU 74  74  74  LEU LEU A . n 
A 1 75  ASP 75  75  75  ASP ASP A . n 
A 1 76  ASP 76  76  76  ASP ASP A . n 
A 1 77  VAL 77  77  77  VAL VAL A . n 
A 1 78  ARG 78  78  78  ARG ARG A . n 
A 1 79  CYS 79  79  79  CYS CYS A . n 
A 1 80  SER 80  80  80  SER SER A . n 
A 1 81  GLY 81  81  81  GLY GLY A . n 
A 1 82  HIS 82  82  82  HIS HIS A . n 
A 1 83  GLU 83  83  83  GLU GLU A . n 
A 1 84  SER 84  84  84  SER SER A . n 
A 1 85  TYR 85  85  85  TYR TYR A . n 
A 1 86  LEU 86  86  86  LEU LEU A . n 
A 1 87  TRP 87  87  87  TRP TRP A . n 
A 1 88  SER 88  88  88  SER SER A . n 
A 1 89  CYS 89  89  89  CYS CYS A . n 
A 1 90  PRO 90  90  90  PRO PRO A . n 
A 1 91  HIS 91  91  91  HIS HIS A . n 
A 1 92  ASN 92  92  92  ASN ASN A . n 
A 1 93  GLY 93  93  93  GLY GLY A . n 
A 1 94  TRP 94  94  94  TRP TRP A . n 
A 1 95  LEU 95  95  95  LEU LEU A . n 
A 1 96  SER 96  96  96  SER SER A . n 
A 1 97  HIS 97  97  97  HIS HIS A . n 
A 1 98  ASN 98  98  98  ASN ASN A . n 
A 1 99  CYS 99  99  99  CYS CYS A . n 
A 1 100 GLY 100 100 100 GLY GLY A . n 
A 1 101 HIS 101 101 101 HIS HIS A . n 
A 1 102 HIS 102 102 102 HIS HIS A . n 
A 1 103 GLU 103 103 103 GLU GLU A . n 
A 1 104 ASP 104 104 104 ASP ASP A . n 
A 1 105 ALA 105 105 105 ALA ALA A . n 
A 1 106 GLY 106 106 106 GLY GLY A . n 
A 1 107 VAL 107 107 107 VAL VAL A . n 
A 1 108 ILE 108 108 108 ILE ILE A . n 
A 1 109 CYS 109 109 109 CYS CYS A . n 
A 1 110 SER 110 110 110 SER SER A . n 
A 1 111 ALA 111 111 111 ALA ALA A . n 
A 1 112 SER 112 112 112 SER SER A . n 
A 1 113 GLN 113 113 113 GLN GLN A . n 
A 1 114 SER 114 114 ?   ?   ?   A . n 
A 1 115 GLN 115 115 ?   ?   ?   A . n 
A 1 116 PRO 116 116 ?   ?   ?   A . n 
A 1 117 THR 117 117 ?   ?   ?   A . n 
A 1 118 PRO 118 118 ?   ?   ?   A . n 
A 1 119 SER 119 119 ?   ?   ?   A . n 
# 
loop_
_pdbx_nonpoly_scheme.asym_id 
_pdbx_nonpoly_scheme.entity_id 
_pdbx_nonpoly_scheme.mon_id 
_pdbx_nonpoly_scheme.ndb_seq_num 
_pdbx_nonpoly_scheme.pdb_seq_num 
_pdbx_nonpoly_scheme.auth_seq_num 
_pdbx_nonpoly_scheme.pdb_mon_id 
_pdbx_nonpoly_scheme.auth_mon_id 
_pdbx_nonpoly_scheme.pdb_strand_id 
_pdbx_nonpoly_scheme.pdb_ins_code 
B 2 CL  1   201 1   CL  CL  A . 
C 2 CL  1   202 2   CL  CL  A . 
D 3 HOH 1   301 311 HOH HOH A . 
D 3 HOH 2   302 312 HOH HOH A . 
D 3 HOH 3   303 48  HOH HOH A . 
D 3 HOH 4   304 85  HOH HOH A . 
D 3 HOH 5   305 136 HOH HOH A . 
D 3 HOH 6   306 265 HOH HOH A . 
D 3 HOH 7   307 224 HOH HOH A . 
D 3 HOH 8   308 111 HOH HOH A . 
D 3 HOH 9   309 126 HOH HOH A . 
D 3 HOH 10  310 61  HOH HOH A . 
D 3 HOH 11  311 197 HOH HOH A . 
D 3 HOH 12  312 74  HOH HOH A . 
D 3 HOH 13  313 272 HOH HOH A . 
D 3 HOH 14  314 20  HOH HOH A . 
D 3 HOH 15  315 95  HOH HOH A . 
D 3 HOH 16  316 104 HOH HOH A . 
D 3 HOH 17  317 102 HOH HOH A . 
D 3 HOH 18  318 130 HOH HOH A . 
D 3 HOH 19  319 131 HOH HOH A . 
D 3 HOH 20  320 194 HOH HOH A . 
D 3 HOH 21  321 137 HOH HOH A . 
D 3 HOH 22  322 184 HOH HOH A . 
D 3 HOH 23  323 34  HOH HOH A . 
D 3 HOH 24  324 2   HOH HOH A . 
D 3 HOH 25  325 91  HOH HOH A . 
D 3 HOH 26  326 310 HOH HOH A . 
D 3 HOH 27  327 27  HOH HOH A . 
D 3 HOH 28  328 83  HOH HOH A . 
D 3 HOH 29  329 115 HOH HOH A . 
D 3 HOH 30  330 116 HOH HOH A . 
D 3 HOH 31  331 29  HOH HOH A . 
D 3 HOH 32  332 128 HOH HOH A . 
D 3 HOH 33  333 45  HOH HOH A . 
D 3 HOH 34  334 191 HOH HOH A . 
D 3 HOH 35  335 201 HOH HOH A . 
D 3 HOH 36  336 261 HOH HOH A . 
D 3 HOH 37  337 58  HOH HOH A . 
D 3 HOH 38  338 238 HOH HOH A . 
D 3 HOH 39  339 236 HOH HOH A . 
D 3 HOH 40  340 55  HOH HOH A . 
D 3 HOH 41  341 7   HOH HOH A . 
D 3 HOH 42  342 186 HOH HOH A . 
D 3 HOH 43  343 214 HOH HOH A . 
D 3 HOH 44  344 183 HOH HOH A . 
D 3 HOH 45  345 145 HOH HOH A . 
D 3 HOH 46  346 47  HOH HOH A . 
D 3 HOH 47  347 76  HOH HOH A . 
D 3 HOH 48  348 173 HOH HOH A . 
D 3 HOH 49  349 144 HOH HOH A . 
D 3 HOH 50  350 43  HOH HOH A . 
D 3 HOH 51  351 87  HOH HOH A . 
D 3 HOH 52  352 19  HOH HOH A . 
D 3 HOH 53  353 82  HOH HOH A . 
D 3 HOH 54  354 75  HOH HOH A . 
D 3 HOH 55  355 122 HOH HOH A . 
D 3 HOH 56  356 140 HOH HOH A . 
D 3 HOH 57  357 101 HOH HOH A . 
D 3 HOH 58  358 109 HOH HOH A . 
D 3 HOH 59  359 143 HOH HOH A . 
D 3 HOH 60  360 138 HOH HOH A . 
D 3 HOH 61  361 44  HOH HOH A . 
D 3 HOH 62  362 16  HOH HOH A . 
D 3 HOH 63  363 63  HOH HOH A . 
D 3 HOH 64  364 141 HOH HOH A . 
D 3 HOH 65  365 223 HOH HOH A . 
D 3 HOH 66  366 17  HOH HOH A . 
D 3 HOH 67  367 35  HOH HOH A . 
D 3 HOH 68  368 72  HOH HOH A . 
D 3 HOH 69  369 67  HOH HOH A . 
D 3 HOH 70  370 139 HOH HOH A . 
D 3 HOH 71  371 257 HOH HOH A . 
D 3 HOH 72  372 110 HOH HOH A . 
D 3 HOH 73  373 193 HOH HOH A . 
D 3 HOH 74  374 179 HOH HOH A . 
D 3 HOH 75  375 24  HOH HOH A . 
D 3 HOH 76  376 94  HOH HOH A . 
D 3 HOH 77  377 3   HOH HOH A . 
D 3 HOH 78  378 71  HOH HOH A . 
D 3 HOH 79  379 267 HOH HOH A . 
D 3 HOH 80  380 154 HOH HOH A . 
D 3 HOH 81  381 114 HOH HOH A . 
D 3 HOH 82  382 15  HOH HOH A . 
D 3 HOH 83  383 13  HOH HOH A . 
D 3 HOH 84  384 68  HOH HOH A . 
D 3 HOH 85  385 174 HOH HOH A . 
D 3 HOH 86  386 97  HOH HOH A . 
D 3 HOH 87  387 121 HOH HOH A . 
D 3 HOH 88  388 25  HOH HOH A . 
D 3 HOH 89  389 8   HOH HOH A . 
D 3 HOH 90  390 86  HOH HOH A . 
D 3 HOH 91  391 119 HOH HOH A . 
D 3 HOH 92  392 65  HOH HOH A . 
D 3 HOH 93  393 62  HOH HOH A . 
D 3 HOH 94  394 133 HOH HOH A . 
D 3 HOH 95  395 90  HOH HOH A . 
D 3 HOH 96  396 50  HOH HOH A . 
D 3 HOH 97  397 204 HOH HOH A . 
D 3 HOH 98  398 59  HOH HOH A . 
D 3 HOH 99  399 57  HOH HOH A . 
D 3 HOH 100 400 175 HOH HOH A . 
D 3 HOH 101 401 92  HOH HOH A . 
D 3 HOH 102 402 64  HOH HOH A . 
D 3 HOH 103 403 46  HOH HOH A . 
D 3 HOH 104 404 100 HOH HOH A . 
D 3 HOH 105 405 134 HOH HOH A . 
D 3 HOH 106 406 26  HOH HOH A . 
D 3 HOH 107 407 240 HOH HOH A . 
D 3 HOH 108 408 124 HOH HOH A . 
D 3 HOH 109 409 51  HOH HOH A . 
D 3 HOH 110 410 264 HOH HOH A . 
D 3 HOH 111 411 18  HOH HOH A . 
D 3 HOH 112 412 146 HOH HOH A . 
D 3 HOH 113 413 195 HOH HOH A . 
D 3 HOH 114 414 84  HOH HOH A . 
D 3 HOH 115 415 98  HOH HOH A . 
D 3 HOH 116 416 81  HOH HOH A . 
D 3 HOH 117 417 36  HOH HOH A . 
D 3 HOH 118 418 118 HOH HOH A . 
D 3 HOH 119 419 211 HOH HOH A . 
D 3 HOH 120 420 147 HOH HOH A . 
D 3 HOH 121 421 178 HOH HOH A . 
D 3 HOH 122 422 222 HOH HOH A . 
D 3 HOH 123 423 80  HOH HOH A . 
D 3 HOH 124 424 6   HOH HOH A . 
D 3 HOH 125 425 180 HOH HOH A . 
D 3 HOH 126 426 78  HOH HOH A . 
D 3 HOH 127 427 160 HOH HOH A . 
D 3 HOH 128 428 117 HOH HOH A . 
D 3 HOH 129 429 77  HOH HOH A . 
D 3 HOH 130 430 150 HOH HOH A . 
D 3 HOH 131 431 135 HOH HOH A . 
D 3 HOH 132 432 196 HOH HOH A . 
D 3 HOH 133 433 273 HOH HOH A . 
D 3 HOH 134 434 295 HOH HOH A . 
D 3 HOH 135 435 158 HOH HOH A . 
D 3 HOH 136 436 107 HOH HOH A . 
D 3 HOH 137 437 246 HOH HOH A . 
D 3 HOH 138 438 41  HOH HOH A . 
D 3 HOH 139 439 161 HOH HOH A . 
D 3 HOH 140 440 157 HOH HOH A . 
D 3 HOH 141 441 281 HOH HOH A . 
D 3 HOH 142 442 200 HOH HOH A . 
D 3 HOH 143 443 284 HOH HOH A . 
D 3 HOH 144 444 165 HOH HOH A . 
D 3 HOH 145 445 247 HOH HOH A . 
D 3 HOH 146 446 66  HOH HOH A . 
D 3 HOH 147 447 182 HOH HOH A . 
D 3 HOH 148 448 203 HOH HOH A . 
D 3 HOH 149 449 205 HOH HOH A . 
D 3 HOH 150 450 253 HOH HOH A . 
D 3 HOH 151 451 120 HOH HOH A . 
D 3 HOH 152 452 88  HOH HOH A . 
D 3 HOH 153 453 301 HOH HOH A . 
D 3 HOH 154 454 22  HOH HOH A . 
# 
loop_
_software.citation_id 
_software.classification 
_software.compiler_name 
_software.compiler_version 
_software.contact_author 
_software.contact_author_email 
_software.date 
_software.description 
_software.dependencies 
_software.hardware 
_software.language 
_software.location 
_software.mods 
_software.name 
_software.os 
_software.os_version 
_software.type 
_software.version 
_software.pdbx_ordinal 
? refinement       ? ? ? ? ? ? ? ? ? ? ? REFMAC ? ? ? 5.8.0352 1 
? 'data reduction' ? ? ? ? ? ? ? ? ? ? ? XDS    ? ? ? .        2 
? 'data scaling'   ? ? ? ? ? ? ? ? ? ? ? XDS    ? ? ? .        3 
? phasing          ? ? ? ? ? ? ? ? ? ? ? MOLREP ? ? ? .        4 
# 
_cell.angle_alpha                  90.00 
_cell.angle_alpha_esd              ? 
_cell.angle_beta                   90.00 
_cell.angle_beta_esd               ? 
_cell.angle_gamma                  90.00 
_cell.angle_gamma_esd              ? 
_cell.entry_id                     8J8D 
_cell.details                      ? 
_cell.formula_units_Z              ? 
_cell.length_a                     81.802 
_cell.length_a_esd                 ? 
_cell.length_b                     31.705 
_cell.length_b_esd                 ? 
_cell.length_c                     35.219 
_cell.length_c_esd                 ? 
_cell.volume                       ? 
_cell.volume_esd                   ? 
_cell.Z_PDB                        4 
_cell.reciprocal_angle_alpha       ? 
_cell.reciprocal_angle_beta        ? 
_cell.reciprocal_angle_gamma       ? 
_cell.reciprocal_angle_alpha_esd   ? 
_cell.reciprocal_angle_beta_esd    ? 
_cell.reciprocal_angle_gamma_esd   ? 
_cell.reciprocal_length_a          ? 
_cell.reciprocal_length_b          ? 
_cell.reciprocal_length_c          ? 
_cell.reciprocal_length_a_esd      ? 
_cell.reciprocal_length_b_esd      ? 
_cell.reciprocal_length_c_esd      ? 
_cell.pdbx_unique_axis             ? 
_cell.pdbx_esd_method              ? 
# 
_symmetry.entry_id                         8J8D 
_symmetry.cell_setting                     ? 
_symmetry.Int_Tables_number                18 
_symmetry.space_group_name_Hall            ? 
_symmetry.space_group_name_H-M             'P 21 21 2' 
_symmetry.pdbx_full_space_group_name_H-M   ? 
# 
_exptl.absorpt_coefficient_mu     ? 
_exptl.absorpt_correction_T_max   ? 
_exptl.absorpt_correction_T_min   ? 
_exptl.absorpt_correction_type    ? 
_exptl.absorpt_process_details    ? 
_exptl.entry_id                   8J8D 
_exptl.crystals_number            1 
_exptl.details                    ? 
_exptl.method                     'X-RAY DIFFRACTION' 
_exptl.method_details             ? 
# 
_exptl_crystal.colour                       ? 
_exptl_crystal.density_diffrn               ? 
_exptl_crystal.density_Matthews             1.96 
_exptl_crystal.density_method               ? 
_exptl_crystal.density_percent_sol          37.32 
_exptl_crystal.description                  ? 
_exptl_crystal.F_000                        ? 
_exptl_crystal.id                           1 
_exptl_crystal.preparation                  ? 
_exptl_crystal.size_max                     ? 
_exptl_crystal.size_mid                     ? 
_exptl_crystal.size_min                     ? 
_exptl_crystal.size_rad                     ? 
_exptl_crystal.colour_lustre                ? 
_exptl_crystal.colour_modifier              ? 
_exptl_crystal.colour_primary               ? 
_exptl_crystal.density_meas                 ? 
_exptl_crystal.density_meas_esd             ? 
_exptl_crystal.density_meas_gt              ? 
_exptl_crystal.density_meas_lt              ? 
_exptl_crystal.density_meas_temp            ? 
_exptl_crystal.density_meas_temp_esd        ? 
_exptl_crystal.density_meas_temp_gt         ? 
_exptl_crystal.density_meas_temp_lt         ? 
_exptl_crystal.pdbx_crystal_image_url       ? 
_exptl_crystal.pdbx_crystal_image_format    ? 
_exptl_crystal.pdbx_mosaicity               ? 
_exptl_crystal.pdbx_mosaicity_esd           ? 
_exptl_crystal.pdbx_mosaic_method           ? 
_exptl_crystal.pdbx_mosaic_block_size       ? 
_exptl_crystal.pdbx_mosaic_block_size_esd   ? 
# 
_exptl_crystal_grow.apparatus       ? 
_exptl_crystal_grow.atmosphere      ? 
_exptl_crystal_grow.crystal_id      1 
_exptl_crystal_grow.details         ? 
_exptl_crystal_grow.method          'VAPOR DIFFUSION, HANGING DROP' 
_exptl_crystal_grow.method_ref      ? 
_exptl_crystal_grow.pH              6.2 
_exptl_crystal_grow.pressure        ? 
_exptl_crystal_grow.pressure_esd    ? 
_exptl_crystal_grow.seeding         ? 
_exptl_crystal_grow.seeding_ref     ? 
_exptl_crystal_grow.temp_details    ? 
_exptl_crystal_grow.temp_esd        ? 
_exptl_crystal_grow.time            ? 
_exptl_crystal_grow.pdbx_details    '0.2 M Ammonium iodide, 20% PEG3350' 
_exptl_crystal_grow.pdbx_pH_range   ? 
_exptl_crystal_grow.temp            293.15 
# 
_diffrn.ambient_environment              ? 
_diffrn.ambient_temp                     100 
_diffrn.ambient_temp_details             ? 
_diffrn.ambient_temp_esd                 ? 
_diffrn.crystal_id                       1 
_diffrn.crystal_support                  ? 
_diffrn.crystal_treatment                ? 
_diffrn.details                          ? 
_diffrn.id                               1 
_diffrn.ambient_pressure                 ? 
_diffrn.ambient_pressure_esd             ? 
_diffrn.ambient_pressure_gt              ? 
_diffrn.ambient_pressure_lt              ? 
_diffrn.ambient_temp_gt                  ? 
_diffrn.ambient_temp_lt                  ? 
_diffrn.pdbx_serial_crystal_experiment   N 
# 
_diffrn_detector.details                      ? 
_diffrn_detector.detector                     PIXEL 
_diffrn_detector.diffrn_id                    1 
_diffrn_detector.type                         'DECTRIS PILATUS 2M-F' 
_diffrn_detector.area_resol_mean              ? 
_diffrn_detector.dtime                        ? 
_diffrn_detector.pdbx_frames_total            ? 
_diffrn_detector.pdbx_collection_time_total   ? 
_diffrn_detector.pdbx_collection_date         2022-11-24 
_diffrn_detector.pdbx_frequency               ? 
_diffrn_detector.id                           ? 
_diffrn_detector.number_of_axes               ? 
# 
_diffrn_radiation.collimation                      ? 
_diffrn_radiation.diffrn_id                        1 
_diffrn_radiation.filter_edge                      ? 
_diffrn_radiation.inhomogeneity                    ? 
_diffrn_radiation.monochromator                    ? 
_diffrn_radiation.polarisn_norm                    ? 
_diffrn_radiation.polarisn_ratio                   ? 
_diffrn_radiation.probe                            ? 
_diffrn_radiation.type                             ? 
_diffrn_radiation.xray_symbol                      ? 
_diffrn_radiation.wavelength_id                    1 
_diffrn_radiation.pdbx_monochromatic_or_laue_m_l   M 
_diffrn_radiation.pdbx_wavelength_list             ? 
_diffrn_radiation.pdbx_wavelength                  ? 
_diffrn_radiation.pdbx_diffrn_protocol             'SINGLE WAVELENGTH' 
_diffrn_radiation.pdbx_analyzer                    ? 
_diffrn_radiation.pdbx_scattering_type             x-ray 
# 
_diffrn_radiation_wavelength.id           1 
_diffrn_radiation_wavelength.wavelength   1.00 
_diffrn_radiation_wavelength.wt           1.0 
# 
_diffrn_source.current                     ? 
_diffrn_source.details                     ? 
_diffrn_source.diffrn_id                   1 
_diffrn_source.power                       ? 
_diffrn_source.size                        ? 
_diffrn_source.source                      SYNCHROTRON 
_diffrn_source.target                      ? 
_diffrn_source.type                        'PHOTON FACTORY BEAMLINE AR-NE3A' 
_diffrn_source.voltage                     ? 
_diffrn_source.take-off_angle              ? 
_diffrn_source.pdbx_wavelength_list        1.00 
_diffrn_source.pdbx_wavelength             ? 
_diffrn_source.pdbx_synchrotron_beamline   AR-NE3A 
_diffrn_source.pdbx_synchrotron_site       'Photon Factory' 
# 
_reflns.B_iso_Wilson_estimate                          ? 
_reflns.entry_id                                       8J8D 
_reflns.data_reduction_details                         ? 
_reflns.data_reduction_method                          ? 
_reflns.d_resolution_high                              1.51 
_reflns.d_resolution_low                               40.90 
_reflns.details                                        ? 
_reflns.limit_h_max                                    ? 
_reflns.limit_h_min                                    ? 
_reflns.limit_k_max                                    ? 
_reflns.limit_k_min                                    ? 
_reflns.limit_l_max                                    ? 
_reflns.limit_l_min                                    ? 
_reflns.number_all                                     ? 
_reflns.number_obs                                     22788 
_reflns.observed_criterion                             ? 
_reflns.observed_criterion_F_max                       ? 
_reflns.observed_criterion_F_min                       ? 
_reflns.observed_criterion_I_max                       ? 
_reflns.observed_criterion_I_min                       ? 
_reflns.observed_criterion_sigma_F                     ? 
_reflns.observed_criterion_sigma_I                     ? 
_reflns.percent_possible_obs                           98.7 
_reflns.R_free_details                                 ? 
_reflns.Rmerge_F_all                                   ? 
_reflns.Rmerge_F_obs                                   ? 
_reflns.Friedel_coverage                               ? 
_reflns.number_gt                                      ? 
_reflns.threshold_expression                           ? 
_reflns.pdbx_redundancy                                2.94 
_reflns.pdbx_netI_over_av_sigmaI                       ? 
_reflns.pdbx_netI_over_sigmaI                          27.02 
_reflns.pdbx_res_netI_over_av_sigmaI_2                 ? 
_reflns.pdbx_res_netI_over_sigmaI_2                    ? 
_reflns.pdbx_chi_squared                               ? 
_reflns.pdbx_scaling_rejects                           ? 
_reflns.pdbx_d_res_high_opt                            ? 
_reflns.pdbx_d_res_low_opt                             ? 
_reflns.pdbx_d_res_opt_method                          ? 
_reflns.phase_calculation_details                      ? 
_reflns.pdbx_Rrim_I_all                                ? 
_reflns.pdbx_Rpim_I_all                                ? 
_reflns.pdbx_d_opt                                     ? 
_reflns.pdbx_number_measured_all                       ? 
_reflns.pdbx_diffrn_id                                 1 
_reflns.pdbx_ordinal                                   1 
_reflns.pdbx_CC_half                                   0.999 
_reflns.pdbx_CC_star                                   ? 
_reflns.pdbx_R_split                                   ? 
_reflns.pdbx_Rmerge_I_obs                              ? 
_reflns.pdbx_Rmerge_I_all                              ? 
_reflns.pdbx_Rsym_value                                ? 
_reflns.pdbx_CC_split_method                           ? 
_reflns.pdbx_aniso_diffraction_limit_axis_1_ortho[1]   ? 
_reflns.pdbx_aniso_diffraction_limit_axis_1_ortho[2]   ? 
_reflns.pdbx_aniso_diffraction_limit_axis_1_ortho[3]   ? 
_reflns.pdbx_aniso_diffraction_limit_axis_2_ortho[1]   ? 
_reflns.pdbx_aniso_diffraction_limit_axis_2_ortho[2]   ? 
_reflns.pdbx_aniso_diffraction_limit_axis_2_ortho[3]   ? 
_reflns.pdbx_aniso_diffraction_limit_axis_3_ortho[1]   ? 
_reflns.pdbx_aniso_diffraction_limit_axis_3_ortho[2]   ? 
_reflns.pdbx_aniso_diffraction_limit_axis_3_ortho[3]   ? 
_reflns.pdbx_aniso_diffraction_limit_1                 ? 
_reflns.pdbx_aniso_diffraction_limit_2                 ? 
_reflns.pdbx_aniso_diffraction_limit_3                 ? 
_reflns.pdbx_aniso_B_tensor_eigenvector_1_ortho[1]     ? 
_reflns.pdbx_aniso_B_tensor_eigenvector_1_ortho[2]     ? 
_reflns.pdbx_aniso_B_tensor_eigenvector_1_ortho[3]     ? 
_reflns.pdbx_aniso_B_tensor_eigenvector_2_ortho[1]     ? 
_reflns.pdbx_aniso_B_tensor_eigenvector_2_ortho[2]     ? 
_reflns.pdbx_aniso_B_tensor_eigenvector_2_ortho[3]     ? 
_reflns.pdbx_aniso_B_tensor_eigenvector_3_ortho[1]     ? 
_reflns.pdbx_aniso_B_tensor_eigenvector_3_ortho[2]     ? 
_reflns.pdbx_aniso_B_tensor_eigenvector_3_ortho[3]     ? 
_reflns.pdbx_aniso_B_tensor_eigenvalue_1               ? 
_reflns.pdbx_aniso_B_tensor_eigenvalue_2               ? 
_reflns.pdbx_aniso_B_tensor_eigenvalue_3               ? 
_reflns.pdbx_orthogonalization_convention              ? 
_reflns.pdbx_percent_possible_ellipsoidal              ? 
_reflns.pdbx_percent_possible_spherical                ? 
_reflns.pdbx_percent_possible_ellipsoidal_anomalous    ? 
_reflns.pdbx_percent_possible_spherical_anomalous      ? 
_reflns.pdbx_redundancy_anomalous                      ? 
_reflns.pdbx_CC_half_anomalous                         ? 
_reflns.pdbx_absDiff_over_sigma_anomalous              ? 
_reflns.pdbx_percent_possible_anomalous                ? 
_reflns.pdbx_observed_signal_threshold                 ? 
_reflns.pdbx_signal_type                               ? 
_reflns.pdbx_signal_details                            ? 
_reflns.pdbx_signal_software_id                        ? 
# 
_reflns_shell.d_res_high                                    1.51 
_reflns_shell.d_res_low                                     4.49 
_reflns_shell.meanI_over_sigI_all                           ? 
_reflns_shell.meanI_over_sigI_obs                           ? 
_reflns_shell.number_measured_all                           ? 
_reflns_shell.number_measured_obs                           ? 
_reflns_shell.number_possible                               ? 
_reflns_shell.number_unique_all                             ? 
_reflns_shell.number_unique_obs                             3604 
_reflns_shell.percent_possible_obs                          ? 
_reflns_shell.Rmerge_F_all                                  ? 
_reflns_shell.Rmerge_F_obs                                  ? 
_reflns_shell.meanI_over_sigI_gt                            ? 
_reflns_shell.meanI_over_uI_all                             ? 
_reflns_shell.meanI_over_uI_gt                              ? 
_reflns_shell.number_measured_gt                            ? 
_reflns_shell.number_unique_gt                              ? 
_reflns_shell.percent_possible_gt                           ? 
_reflns_shell.Rmerge_F_gt                                   ? 
_reflns_shell.Rmerge_I_gt                                   ? 
_reflns_shell.pdbx_redundancy                               ? 
_reflns_shell.pdbx_chi_squared                              ? 
_reflns_shell.pdbx_netI_over_sigmaI_all                     ? 
_reflns_shell.pdbx_netI_over_sigmaI_obs                     ? 
_reflns_shell.pdbx_Rrim_I_all                               ? 
_reflns_shell.pdbx_Rpim_I_all                               ? 
_reflns_shell.pdbx_rejects                                  ? 
_reflns_shell.pdbx_ordinal                                  1 
_reflns_shell.pdbx_diffrn_id                                1 
_reflns_shell.pdbx_CC_half                                  0.993 
_reflns_shell.pdbx_CC_star                                  ? 
_reflns_shell.pdbx_R_split                                  ? 
_reflns_shell.percent_possible_all                          ? 
_reflns_shell.Rmerge_I_all                                  ? 
_reflns_shell.Rmerge_I_obs                                  ? 
_reflns_shell.pdbx_Rsym_value                               ? 
_reflns_shell.pdbx_percent_possible_ellipsoidal             ? 
_reflns_shell.pdbx_percent_possible_spherical               ? 
_reflns_shell.pdbx_percent_possible_ellipsoidal_anomalous   ? 
_reflns_shell.pdbx_percent_possible_spherical_anomalous     ? 
_reflns_shell.pdbx_redundancy_anomalous                     ? 
_reflns_shell.pdbx_CC_half_anomalous                        ? 
_reflns_shell.pdbx_absDiff_over_sigma_anomalous             ? 
_reflns_shell.pdbx_percent_possible_anomalous               ? 
# 
_refine.aniso_B[1][1]                            0.00 
_refine.aniso_B[1][2]                            -0.00 
_refine.aniso_B[1][3]                            -0.00 
_refine.aniso_B[2][2]                            -0.01 
_refine.aniso_B[2][3]                            0.00 
_refine.aniso_B[3][3]                            0.00 
_refine.B_iso_max                                ? 
_refine.B_iso_mean                               12.012 
_refine.B_iso_min                                ? 
_refine.correlation_coeff_Fo_to_Fc               0.972 
_refine.correlation_coeff_Fo_to_Fc_free          0.954 
_refine.details                                  'HYDROGENS HAVE BEEN ADDED IN THE RIDING POSITIONS' 
_refine.diff_density_max                         ? 
_refine.diff_density_max_esd                     ? 
_refine.diff_density_min                         ? 
_refine.diff_density_min_esd                     ? 
_refine.diff_density_rms                         ? 
_refine.diff_density_rms_esd                     ? 
_refine.entry_id                                 8J8D 
_refine.pdbx_refine_id                           'X-RAY DIFFRACTION' 
_refine.ls_abs_structure_details                 ? 
_refine.ls_abs_structure_Flack                   ? 
_refine.ls_abs_structure_Flack_esd               ? 
_refine.ls_abs_structure_Rogers                  ? 
_refine.ls_abs_structure_Rogers_esd              ? 
_refine.ls_d_res_high                            1.51 
_refine.ls_d_res_low                             40.90 
_refine.ls_extinction_coef                       ? 
_refine.ls_extinction_coef_esd                   ? 
_refine.ls_extinction_expression                 ? 
_refine.ls_extinction_method                     ? 
_refine.ls_goodness_of_fit_all                   ? 
_refine.ls_goodness_of_fit_all_esd               ? 
_refine.ls_goodness_of_fit_obs                   ? 
_refine.ls_goodness_of_fit_obs_esd               ? 
_refine.ls_hydrogen_treatment                    ? 
_refine.ls_matrix_type                           ? 
_refine.ls_number_constraints                    ? 
_refine.ls_number_parameters                     ? 
_refine.ls_number_reflns_all                     ? 
_refine.ls_number_reflns_obs                     13685 
_refine.ls_number_reflns_R_free                  742 
_refine.ls_number_reflns_R_work                  ? 
_refine.ls_number_restraints                     ? 
_refine.ls_percent_reflns_obs                    95.30 
_refine.ls_percent_reflns_R_free                 5.1 
_refine.ls_R_factor_all                          ? 
_refine.ls_R_factor_obs                          0.13999 
_refine.ls_R_factor_R_free                       0.17225 
_refine.ls_R_factor_R_free_error                 ? 
_refine.ls_R_factor_R_free_error_details         ? 
_refine.ls_R_factor_R_work                       0.13814 
_refine.ls_R_Fsqd_factor_obs                     ? 
_refine.ls_R_I_factor_obs                        ? 
_refine.ls_redundancy_reflns_all                 ? 
_refine.ls_redundancy_reflns_obs                 ? 
_refine.ls_restrained_S_all                      ? 
_refine.ls_restrained_S_obs                      ? 
_refine.ls_shift_over_esd_max                    ? 
_refine.ls_shift_over_esd_mean                   ? 
_refine.ls_structure_factor_coef                 ? 
_refine.ls_weighting_details                     ? 
_refine.ls_weighting_scheme                      ? 
_refine.ls_wR_factor_all                         ? 
_refine.ls_wR_factor_obs                         ? 
_refine.ls_wR_factor_R_free                      ? 
_refine.ls_wR_factor_R_work                      ? 
_refine.occupancy_max                            ? 
_refine.occupancy_min                            ? 
_refine.solvent_model_details                    MASK 
_refine.solvent_model_param_bsol                 ? 
_refine.solvent_model_param_ksol                 ? 
_refine.pdbx_R_complete                          ? 
_refine.ls_R_factor_gt                           ? 
_refine.ls_goodness_of_fit_gt                    ? 
_refine.ls_goodness_of_fit_ref                   ? 
_refine.ls_shift_over_su_max                     ? 
_refine.ls_shift_over_su_max_lt                  ? 
_refine.ls_shift_over_su_mean                    ? 
_refine.ls_shift_over_su_mean_lt                 ? 
_refine.pdbx_ls_sigma_I                          ? 
_refine.pdbx_ls_sigma_F                          ? 
_refine.pdbx_ls_sigma_Fsqd                       ? 
_refine.pdbx_data_cutoff_high_absF               ? 
_refine.pdbx_data_cutoff_high_rms_absF           ? 
_refine.pdbx_data_cutoff_low_absF                ? 
_refine.pdbx_isotropic_thermal_model             ? 
_refine.pdbx_ls_cross_valid_method               THROUGHOUT 
_refine.pdbx_method_to_determine_struct          'MOLECULAR REPLACEMENT' 
_refine.pdbx_starting_model                      6S5A 
_refine.pdbx_stereochemistry_target_values       'MAXIMUM LIKELIHOOD' 
_refine.pdbx_R_Free_selection_details            RANDOM 
_refine.pdbx_stereochem_target_val_spec_case     ? 
_refine.pdbx_overall_ESU_R                       0.074 
_refine.pdbx_overall_ESU_R_Free                  0.076 
_refine.pdbx_solvent_vdw_probe_radii             1.20 
_refine.pdbx_solvent_ion_probe_radii             0.80 
_refine.pdbx_solvent_shrinkage_radii             0.80 
_refine.pdbx_real_space_R                        ? 
_refine.pdbx_density_correlation                 ? 
_refine.pdbx_pd_number_of_powder_patterns        ? 
_refine.pdbx_pd_number_of_points                 ? 
_refine.pdbx_pd_meas_number_of_points            ? 
_refine.pdbx_pd_proc_ls_prof_R_factor            ? 
_refine.pdbx_pd_proc_ls_prof_wR_factor           ? 
_refine.pdbx_pd_Marquardt_correlation_coeff      ? 
_refine.pdbx_pd_Fsqrd_R_factor                   ? 
_refine.pdbx_pd_ls_matrix_band_width             ? 
_refine.pdbx_overall_phase_error                 ? 
_refine.pdbx_overall_SU_R_free_Cruickshank_DPI   ? 
_refine.pdbx_overall_SU_R_free_Blow_DPI          ? 
_refine.pdbx_overall_SU_R_Blow_DPI               ? 
_refine.pdbx_TLS_residual_ADP_flag               ? 
_refine.pdbx_diffrn_id                           1 
_refine.overall_SU_B                             1.151 
_refine.overall_SU_ML                            0.043 
_refine.overall_SU_R_Cruickshank_DPI             ? 
_refine.overall_SU_R_free                        ? 
_refine.overall_FOM_free_R_set                   ? 
_refine.overall_FOM_work_R_set                   ? 
_refine.pdbx_average_fsc_overall                 ? 
_refine.pdbx_average_fsc_work                    ? 
_refine.pdbx_average_fsc_free                    ? 
# 
_refine_hist.pdbx_refine_id                   'X-RAY DIFFRACTION' 
_refine_hist.cycle_id                         1 
_refine_hist.details                          ? 
_refine_hist.d_res_high                       1.51 
_refine_hist.d_res_low                        40.90 
_refine_hist.number_atoms_solvent             154 
_refine_hist.number_atoms_total               969 
_refine_hist.number_reflns_all                ? 
_refine_hist.number_reflns_obs                ? 
_refine_hist.number_reflns_R_free             ? 
_refine_hist.number_reflns_R_work             ? 
_refine_hist.R_factor_all                     ? 
_refine_hist.R_factor_obs                     ? 
_refine_hist.R_factor_R_free                  ? 
_refine_hist.R_factor_R_work                  ? 
_refine_hist.pdbx_number_residues_total       ? 
_refine_hist.pdbx_B_iso_mean_ligand           ? 
_refine_hist.pdbx_B_iso_mean_solvent          ? 
_refine_hist.pdbx_number_atoms_protein        813 
_refine_hist.pdbx_number_atoms_nucleic_acid   0 
_refine_hist.pdbx_number_atoms_ligand         2 
_refine_hist.pdbx_number_atoms_lipid          ? 
_refine_hist.pdbx_number_atoms_carb           ? 
_refine_hist.pdbx_pseudo_atom_details         ? 
# 
loop_
_refine_ls_restr.pdbx_refine_id 
_refine_ls_restr.criterion 
_refine_ls_restr.dev_ideal 
_refine_ls_restr.dev_ideal_target 
_refine_ls_restr.number 
_refine_ls_restr.rejects 
_refine_ls_restr.type 
_refine_ls_restr.weight 
_refine_ls_restr.pdbx_restraint_function 
'X-RAY DIFFRACTION' ? 0.011  0.011  834  ? r_bond_refined_d             ? ? 
'X-RAY DIFFRACTION' ? 0.002  0.016  676  ? r_bond_other_d               ? ? 
'X-RAY DIFFRACTION' ? 1.714  1.631  1135 ? r_angle_refined_deg          ? ? 
'X-RAY DIFFRACTION' ? 0.661  1.573  1576 ? r_angle_other_deg            ? ? 
'X-RAY DIFFRACTION' ? 7.175  5.000  107  ? r_dihedral_angle_1_deg       ? ? 
'X-RAY DIFFRACTION' ? 5.092  5.000  7    ? r_dihedral_angle_2_deg       ? ? 
'X-RAY DIFFRACTION' ? 13.828 10.000 114  ? r_dihedral_angle_3_deg       ? ? 
'X-RAY DIFFRACTION' ? ?      ?      ?    ? r_dihedral_angle_4_deg       ? ? 
'X-RAY DIFFRACTION' ? 0.108  0.200  115  ? r_chiral_restr               ? ? 
'X-RAY DIFFRACTION' ? 0.011  0.020  1010 ? r_gen_planes_refined         ? ? 
'X-RAY DIFFRACTION' ? 0.001  0.020  182  ? r_gen_planes_other           ? ? 
'X-RAY DIFFRACTION' ? ?      ?      ?    ? r_nbd_refined                ? ? 
'X-RAY DIFFRACTION' ? ?      ?      ?    ? r_nbd_other                  ? ? 
'X-RAY DIFFRACTION' ? ?      ?      ?    ? r_nbtor_refined              ? ? 
'X-RAY DIFFRACTION' ? ?      ?      ?    ? r_nbtor_other                ? ? 
'X-RAY DIFFRACTION' ? ?      ?      ?    ? r_xyhbond_nbd_refined        ? ? 
'X-RAY DIFFRACTION' ? ?      ?      ?    ? r_xyhbond_nbd_other          ? ? 
'X-RAY DIFFRACTION' ? ?      ?      ?    ? r_metal_ion_refined          ? ? 
'X-RAY DIFFRACTION' ? ?      ?      ?    ? r_metal_ion_other            ? ? 
'X-RAY DIFFRACTION' ? ?      ?      ?    ? r_symmetry_vdw_refined       ? ? 
'X-RAY DIFFRACTION' ? ?      ?      ?    ? r_symmetry_vdw_other         ? ? 
'X-RAY DIFFRACTION' ? ?      ?      ?    ? r_symmetry_hbond_refined     ? ? 
'X-RAY DIFFRACTION' ? ?      ?      ?    ? r_symmetry_hbond_other       ? ? 
'X-RAY DIFFRACTION' ? ?      ?      ?    ? r_symmetry_metal_ion_refined ? ? 
'X-RAY DIFFRACTION' ? ?      ?      ?    ? r_symmetry_metal_ion_other   ? ? 
'X-RAY DIFFRACTION' ? 1.472  1.089  431  ? r_mcbond_it                  ? ? 
'X-RAY DIFFRACTION' ? 1.442  1.088  431  ? r_mcbond_other               ? ? 
'X-RAY DIFFRACTION' ? 2.337  1.624  537  ? r_mcangle_it                 ? ? 
'X-RAY DIFFRACTION' ? 2.336  1.632  538  ? r_mcangle_other              ? ? 
'X-RAY DIFFRACTION' ? 2.074  1.331  403  ? r_scbond_it                  ? ? 
'X-RAY DIFFRACTION' ? 2.033  1.319  402  ? r_scbond_other               ? ? 
'X-RAY DIFFRACTION' ? ?      ?      ?    ? r_scangle_it                 ? ? 
'X-RAY DIFFRACTION' ? 3.063  1.926  599  ? r_scangle_other              ? ? 
'X-RAY DIFFRACTION' ? 27.272 46.210 1500 ? r_long_range_B_refined       ? ? 
'X-RAY DIFFRACTION' ? 26.697 30.897 1252 ? r_long_range_B_other         ? ? 
'X-RAY DIFFRACTION' ? ?      ?      ?    ? r_rigid_bond_restr           ? ? 
'X-RAY DIFFRACTION' ? ?      ?      ?    ? r_sphericity_free            ? ? 
'X-RAY DIFFRACTION' ? ?      ?      ?    ? r_sphericity_bonded          ? ? 
# 
_refine_ls_shell.pdbx_refine_id                   'X-RAY DIFFRACTION' 
_refine_ls_shell.d_res_high                       1.51 
_refine_ls_shell.d_res_low                        1.545 
_refine_ls_shell.number_reflns_all                ? 
_refine_ls_shell.number_reflns_obs                ? 
_refine_ls_shell.number_reflns_R_free             31 
_refine_ls_shell.number_reflns_R_work             687 
_refine_ls_shell.percent_reflns_obs               65.15 
_refine_ls_shell.percent_reflns_R_free            ? 
_refine_ls_shell.R_factor_all                     ? 
_refine_ls_shell.R_factor_obs                     ? 
_refine_ls_shell.R_factor_R_free_error            ? 
_refine_ls_shell.R_factor_R_work                  0.175 
_refine_ls_shell.redundancy_reflns_all            ? 
_refine_ls_shell.redundancy_reflns_obs            ? 
_refine_ls_shell.wR_factor_all                    ? 
_refine_ls_shell.wR_factor_obs                    ? 
_refine_ls_shell.wR_factor_R_free                 ? 
_refine_ls_shell.wR_factor_R_work                 ? 
_refine_ls_shell.pdbx_R_complete                  ? 
_refine_ls_shell.pdbx_total_number_of_bins_used   ? 
_refine_ls_shell.pdbx_phase_error                 ? 
_refine_ls_shell.pdbx_fsc_work                    ? 
_refine_ls_shell.pdbx_fsc_free                    ? 
_refine_ls_shell.R_factor_R_free                  0.194 
# 
_struct.entry_id                     8J8D 
_struct.title                        'Crystal structure of SRCR domain 11 of DMBT1' 
_struct.pdbx_model_details           ? 
_struct.pdbx_formula_weight          ? 
_struct.pdbx_formula_weight_method   ? 
_struct.pdbx_model_type_details      ? 
_struct.pdbx_CASP_flag               N 
# 
_struct_keywords.entry_id        8J8D 
_struct_keywords.text            
'scavenger receptor cysteine-rich domain; Salivary scavenger and agglutinin, METAL BINDING PROTEIN' 
_struct_keywords.pdbx_keywords   'METAL BINDING PROTEIN' 
# 
loop_
_struct_asym.id 
_struct_asym.pdbx_blank_PDB_chainid_flag 
_struct_asym.pdbx_modified 
_struct_asym.entity_id 
_struct_asym.details 
A N N 1 ? 
B N N 2 ? 
C N N 2 ? 
D N N 3 ? 
# 
_struct_ref.id                         1 
_struct_ref.db_name                    UNP 
_struct_ref.db_code                    DMBT1_HUMAN 
_struct_ref.pdbx_db_accession          Q9UGM3 
_struct_ref.pdbx_db_isoform            ? 
_struct_ref.entity_id                  1 
_struct_ref.pdbx_seq_one_letter_code   
;TAGSESSLALRLVNGGDRCQGRVEVLYRGSWGTVCDDYWDTNDANVVCRQLGCGWATSAPGNARFGQGSGPIVLDDVRCS
GHESYLWSCPHNGWLSHNCGHHEDAGVICSASQSQPTPS
;
_struct_ref.pdbx_align_begin           1242 
# 
_struct_ref_seq.align_id                      1 
_struct_ref_seq.ref_id                        1 
_struct_ref_seq.pdbx_PDB_id_code              8J8D 
_struct_ref_seq.pdbx_strand_id                A 
_struct_ref_seq.seq_align_beg                 1 
_struct_ref_seq.pdbx_seq_align_beg_ins_code   ? 
_struct_ref_seq.seq_align_end                 119 
_struct_ref_seq.pdbx_seq_align_end_ins_code   ? 
_struct_ref_seq.pdbx_db_accession             Q9UGM3 
_struct_ref_seq.db_align_beg                  1242 
_struct_ref_seq.pdbx_db_align_beg_ins_code    ? 
_struct_ref_seq.db_align_end                  1360 
_struct_ref_seq.pdbx_db_align_end_ins_code    ? 
_struct_ref_seq.pdbx_auth_seq_align_beg       1 
_struct_ref_seq.pdbx_auth_seq_align_end       119 
# 
_pdbx_struct_assembly.id                   1 
_pdbx_struct_assembly.details              author_defined_assembly 
_pdbx_struct_assembly.method_details       ? 
_pdbx_struct_assembly.oligomeric_details   monomeric 
_pdbx_struct_assembly.oligomeric_count     1 
# 
_pdbx_struct_assembly_gen.assembly_id       1 
_pdbx_struct_assembly_gen.oper_expression   1 
_pdbx_struct_assembly_gen.asym_id_list      A,B,C,D 
# 
_pdbx_struct_assembly_auth_evidence.id                     1 
_pdbx_struct_assembly_auth_evidence.assembly_id            1 
_pdbx_struct_assembly_auth_evidence.experimental_support   'gel filtration' 
_pdbx_struct_assembly_auth_evidence.details                ? 
# 
_pdbx_struct_oper_list.id                   1 
_pdbx_struct_oper_list.type                 'identity operation' 
_pdbx_struct_oper_list.name                 1_555 
_pdbx_struct_oper_list.symmetry_operation   x,y,z 
_pdbx_struct_oper_list.matrix[1][1]         1.0000000000 
_pdbx_struct_oper_list.matrix[1][2]         0.0000000000 
_pdbx_struct_oper_list.matrix[1][3]         0.0000000000 
_pdbx_struct_oper_list.vector[1]            0.0000000000 
_pdbx_struct_oper_list.matrix[2][1]         0.0000000000 
_pdbx_struct_oper_list.matrix[2][2]         1.0000000000 
_pdbx_struct_oper_list.matrix[2][3]         0.0000000000 
_pdbx_struct_oper_list.vector[2]            0.0000000000 
_pdbx_struct_oper_list.matrix[3][1]         0.0000000000 
_pdbx_struct_oper_list.matrix[3][2]         0.0000000000 
_pdbx_struct_oper_list.matrix[3][3]         1.0000000000 
_pdbx_struct_oper_list.vector[3]            0.0000000000 
# 
loop_
_struct_conf.conf_type_id 
_struct_conf.id 
_struct_conf.pdbx_PDB_helix_id 
_struct_conf.beg_label_comp_id 
_struct_conf.beg_label_asym_id 
_struct_conf.beg_label_seq_id 
_struct_conf.pdbx_beg_PDB_ins_code 
_struct_conf.end_label_comp_id 
_struct_conf.end_label_asym_id 
_struct_conf.end_label_seq_id 
_struct_conf.pdbx_end_PDB_ins_code 
_struct_conf.beg_auth_comp_id 
_struct_conf.beg_auth_asym_id 
_struct_conf.beg_auth_seq_id 
_struct_conf.end_auth_comp_id 
_struct_conf.end_auth_asym_id 
_struct_conf.end_auth_seq_id 
_struct_conf.pdbx_PDB_helix_class 
_struct_conf.details 
_struct_conf.pdbx_PDB_helix_length 
HELX_P HELX_P1 AA1 ASP A 40  ? LEU A 51  ? ASP A 40  LEU A 51  1 ? 12 
HELX_P HELX_P2 AA2 TYR A 85  ? CYS A 89  ? TYR A 85  CYS A 89  5 ? 5  
HELX_P HELX_P3 AA3 GLY A 100 ? ASP A 104 ? GLY A 100 ASP A 104 5 ? 5  
# 
_struct_conf_type.id          HELX_P 
_struct_conf_type.criteria    ? 
_struct_conf_type.reference   ? 
# 
loop_
_struct_conn.id 
_struct_conn.conn_type_id 
_struct_conn.pdbx_leaving_atom_flag 
_struct_conn.pdbx_PDB_id 
_struct_conn.ptnr1_label_asym_id 
_struct_conn.ptnr1_label_comp_id 
_struct_conn.ptnr1_label_seq_id 
_struct_conn.ptnr1_label_atom_id 
_struct_conn.pdbx_ptnr1_label_alt_id 
_struct_conn.pdbx_ptnr1_PDB_ins_code 
_struct_conn.pdbx_ptnr1_standard_comp_id 
_struct_conn.ptnr1_symmetry 
_struct_conn.ptnr2_label_asym_id 
_struct_conn.ptnr2_label_comp_id 
_struct_conn.ptnr2_label_seq_id 
_struct_conn.ptnr2_label_atom_id 
_struct_conn.pdbx_ptnr2_label_alt_id 
_struct_conn.pdbx_ptnr2_PDB_ins_code 
_struct_conn.ptnr1_auth_asym_id 
_struct_conn.ptnr1_auth_comp_id 
_struct_conn.ptnr1_auth_seq_id 
_struct_conn.ptnr2_auth_asym_id 
_struct_conn.ptnr2_auth_comp_id 
_struct_conn.ptnr2_auth_seq_id 
_struct_conn.ptnr2_symmetry 
_struct_conn.pdbx_ptnr3_label_atom_id 
_struct_conn.pdbx_ptnr3_label_seq_id 
_struct_conn.pdbx_ptnr3_label_comp_id 
_struct_conn.pdbx_ptnr3_label_asym_id 
_struct_conn.pdbx_ptnr3_label_alt_id 
_struct_conn.pdbx_ptnr3_PDB_ins_code 
_struct_conn.details 
_struct_conn.pdbx_dist_value 
_struct_conn.pdbx_value_order 
_struct_conn.pdbx_role 
disulf1 disulf ? ? A CYS 19 SG ? ? ? 1_555 A CYS 53  SG ? ? A CYS 19 A CYS 53  1_555 ? ? ? ? ? ? ? 2.057 ? ? 
disulf2 disulf ? ? A CYS 35 SG ? ? ? 1_555 A CYS 99  SG ? ? A CYS 35 A CYS 99  1_555 ? ? ? ? ? ? ? 2.045 ? ? 
disulf3 disulf ? ? A CYS 48 SG ? ? ? 1_555 A CYS 109 SG ? ? A CYS 48 A CYS 109 1_555 ? ? ? ? ? ? ? 2.038 ? ? 
disulf4 disulf ? ? A CYS 79 SG ? ? ? 1_555 A CYS 89  SG ? ? A CYS 79 A CYS 89  1_555 ? ? ? ? ? ? ? 2.033 ? ? 
# 
_struct_conn_type.id          disulf 
_struct_conn_type.criteria    ? 
_struct_conn_type.reference   ? 
# 
loop_
_pdbx_modification_feature.ordinal 
_pdbx_modification_feature.label_comp_id 
_pdbx_modification_feature.label_asym_id 
_pdbx_modification_feature.label_seq_id 
_pdbx_modification_feature.label_alt_id 
_pdbx_modification_feature.modified_residue_label_comp_id 
_pdbx_modification_feature.modified_residue_label_asym_id 
_pdbx_modification_feature.modified_residue_label_seq_id 
_pdbx_modification_feature.modified_residue_label_alt_id 
_pdbx_modification_feature.auth_comp_id 
_pdbx_modification_feature.auth_asym_id 
_pdbx_modification_feature.auth_seq_id 
_pdbx_modification_feature.PDB_ins_code 
_pdbx_modification_feature.symmetry 
_pdbx_modification_feature.modified_residue_auth_comp_id 
_pdbx_modification_feature.modified_residue_auth_asym_id 
_pdbx_modification_feature.modified_residue_auth_seq_id 
_pdbx_modification_feature.modified_residue_PDB_ins_code 
_pdbx_modification_feature.modified_residue_symmetry 
_pdbx_modification_feature.comp_id_linking_atom 
_pdbx_modification_feature.modified_residue_id_linking_atom 
_pdbx_modification_feature.modified_residue_id 
_pdbx_modification_feature.ref_pcm_id 
_pdbx_modification_feature.ref_comp_id 
_pdbx_modification_feature.type 
_pdbx_modification_feature.category 
1 CYS A 19 ? CYS A 53  ? CYS A 19 ? 1_555 CYS A 53  ? 1_555 SG SG . . . None 'Disulfide bridge' 
2 CYS A 35 ? CYS A 99  ? CYS A 35 ? 1_555 CYS A 99  ? 1_555 SG SG . . . None 'Disulfide bridge' 
3 CYS A 48 ? CYS A 109 ? CYS A 48 ? 1_555 CYS A 109 ? 1_555 SG SG . . . None 'Disulfide bridge' 
4 CYS A 79 ? CYS A 89  ? CYS A 79 ? 1_555 CYS A 89  ? 1_555 SG SG . . . None 'Disulfide bridge' 
# 
loop_
_struct_sheet.id 
_struct_sheet.type 
_struct_sheet.number_strands 
_struct_sheet.details 
AA1 ? 4 ? 
AA2 ? 4 ? 
# 
loop_
_struct_sheet_order.sheet_id 
_struct_sheet_order.range_id_1 
_struct_sheet_order.range_id_2 
_struct_sheet_order.offset 
_struct_sheet_order.sense 
AA1 1 2 ? anti-parallel 
AA1 2 3 ? anti-parallel 
AA1 3 4 ? anti-parallel 
AA2 1 2 ? anti-parallel 
AA2 2 3 ? anti-parallel 
AA2 3 4 ? parallel      
# 
loop_
_struct_sheet_range.sheet_id 
_struct_sheet_range.id 
_struct_sheet_range.beg_label_comp_id 
_struct_sheet_range.beg_label_asym_id 
_struct_sheet_range.beg_label_seq_id 
_struct_sheet_range.pdbx_beg_PDB_ins_code 
_struct_sheet_range.end_label_comp_id 
_struct_sheet_range.end_label_asym_id 
_struct_sheet_range.end_label_seq_id 
_struct_sheet_range.pdbx_end_PDB_ins_code 
_struct_sheet_range.beg_auth_comp_id 
_struct_sheet_range.beg_auth_asym_id 
_struct_sheet_range.beg_auth_seq_id 
_struct_sheet_range.end_auth_comp_id 
_struct_sheet_range.end_auth_asym_id 
_struct_sheet_range.end_auth_seq_id 
AA1 1 ALA A 9   ? ASP A 17  ? ALA A 9   ASP A 17  
AA1 2 GLN A 20  ? TYR A 27  ? GLN A 20  TYR A 27  
AA1 3 GLY A 106 ? CYS A 109 ? GLY A 106 CYS A 109 
AA1 4 ALA A 56  ? SER A 58  ? ALA A 56  SER A 58  
AA2 1 ALA A 9   ? ASP A 17  ? ALA A 9   ASP A 17  
AA2 2 GLN A 20  ? TYR A 27  ? GLN A 20  TYR A 27  
AA2 3 SER A 30  ? VAL A 34  ? SER A 30  VAL A 34  
AA2 4 ILE A 72  ? LEU A 74  ? ILE A 72  LEU A 74  
# 
loop_
_pdbx_struct_sheet_hbond.sheet_id 
_pdbx_struct_sheet_hbond.range_id_1 
_pdbx_struct_sheet_hbond.range_id_2 
_pdbx_struct_sheet_hbond.range_1_label_atom_id 
_pdbx_struct_sheet_hbond.range_1_label_comp_id 
_pdbx_struct_sheet_hbond.range_1_label_asym_id 
_pdbx_struct_sheet_hbond.range_1_label_seq_id 
_pdbx_struct_sheet_hbond.range_1_PDB_ins_code 
_pdbx_struct_sheet_hbond.range_1_auth_atom_id 
_pdbx_struct_sheet_hbond.range_1_auth_comp_id 
_pdbx_struct_sheet_hbond.range_1_auth_asym_id 
_pdbx_struct_sheet_hbond.range_1_auth_seq_id 
_pdbx_struct_sheet_hbond.range_2_label_atom_id 
_pdbx_struct_sheet_hbond.range_2_label_comp_id 
_pdbx_struct_sheet_hbond.range_2_label_asym_id 
_pdbx_struct_sheet_hbond.range_2_label_seq_id 
_pdbx_struct_sheet_hbond.range_2_PDB_ins_code 
_pdbx_struct_sheet_hbond.range_2_auth_atom_id 
_pdbx_struct_sheet_hbond.range_2_auth_comp_id 
_pdbx_struct_sheet_hbond.range_2_auth_asym_id 
_pdbx_struct_sheet_hbond.range_2_auth_seq_id 
AA1 1 2 N VAL A 13  ? N VAL A 13  O ARG A 22  ? O ARG A 22  
AA1 2 3 N GLY A 21  ? N GLY A 21  O VAL A 107 ? O VAL A 107 
AA1 3 4 O ILE A 108 ? O ILE A 108 N THR A 57  ? N THR A 57  
AA2 1 2 N VAL A 13  ? N VAL A 13  O ARG A 22  ? O ARG A 22  
AA2 2 3 N VAL A 25  ? N VAL A 25  O GLY A 32  ? O GLY A 32  
AA2 3 4 N THR A 33  ? N THR A 33  O VAL A 73  ? O VAL A 73  
# 
_pdbx_entry_details.entry_id                   8J8D 
_pdbx_entry_details.has_ligand_of_interest     N 
_pdbx_entry_details.compound_details           ? 
_pdbx_entry_details.source_details             ? 
_pdbx_entry_details.nonpolymer_details         ? 
_pdbx_entry_details.sequence_details           ? 
_pdbx_entry_details.has_protein_modification   Y 
# 
loop_
_pdbx_validate_close_contact.id 
_pdbx_validate_close_contact.PDB_model_num 
_pdbx_validate_close_contact.auth_atom_id_1 
_pdbx_validate_close_contact.auth_asym_id_1 
_pdbx_validate_close_contact.auth_comp_id_1 
_pdbx_validate_close_contact.auth_seq_id_1 
_pdbx_validate_close_contact.PDB_ins_code_1 
_pdbx_validate_close_contact.label_alt_id_1 
_pdbx_validate_close_contact.auth_atom_id_2 
_pdbx_validate_close_contact.auth_asym_id_2 
_pdbx_validate_close_contact.auth_comp_id_2 
_pdbx_validate_close_contact.auth_seq_id_2 
_pdbx_validate_close_contact.PDB_ins_code_2 
_pdbx_validate_close_contact.label_alt_id_2 
_pdbx_validate_close_contact.dist 
1 1 ND2 A ASN 62 ? ? O A HOH 301 ? ? 1.47 
2 1 OD1 A ASN 92 ? ? O A HOH 302 ? ? 2.16 
# 
_pdbx_validate_torsion.id              1 
_pdbx_validate_torsion.PDB_model_num   1 
_pdbx_validate_torsion.auth_comp_id    ASN 
_pdbx_validate_torsion.auth_asym_id    A 
_pdbx_validate_torsion.auth_seq_id     92 
_pdbx_validate_torsion.PDB_ins_code    ? 
_pdbx_validate_torsion.label_alt_id    ? 
_pdbx_validate_torsion.phi             -90.75 
_pdbx_validate_torsion.psi             59.26 
# 
loop_
_pdbx_unobs_or_zero_occ_residues.id 
_pdbx_unobs_or_zero_occ_residues.PDB_model_num 
_pdbx_unobs_or_zero_occ_residues.polymer_flag 
_pdbx_unobs_or_zero_occ_residues.occupancy_flag 
_pdbx_unobs_or_zero_occ_residues.auth_asym_id 
_pdbx_unobs_or_zero_occ_residues.auth_comp_id 
_pdbx_unobs_or_zero_occ_residues.auth_seq_id 
_pdbx_unobs_or_zero_occ_residues.PDB_ins_code 
_pdbx_unobs_or_zero_occ_residues.label_asym_id 
_pdbx_unobs_or_zero_occ_residues.label_comp_id 
_pdbx_unobs_or_zero_occ_residues.label_seq_id 
1  1 Y 1 A THR 1   ? A THR 1   
2  1 Y 1 A ALA 2   ? A ALA 2   
3  1 Y 1 A GLY 3   ? A GLY 3   
4  1 Y 1 A SER 4   ? A SER 4   
5  1 Y 1 A GLU 5   ? A GLU 5   
6  1 Y 1 A SER 114 ? A SER 114 
7  1 Y 1 A GLN 115 ? A GLN 115 
8  1 Y 1 A PRO 116 ? A PRO 116 
9  1 Y 1 A THR 117 ? A THR 117 
10 1 Y 1 A PRO 118 ? A PRO 118 
11 1 Y 1 A SER 119 ? A SER 119 
# 
loop_
_chem_comp_atom.comp_id 
_chem_comp_atom.atom_id 
_chem_comp_atom.type_symbol 
_chem_comp_atom.pdbx_aromatic_flag 
_chem_comp_atom.pdbx_stereo_config 
_chem_comp_atom.pdbx_ordinal 
ALA N    N  N N 1   
ALA CA   C  N S 2   
ALA C    C  N N 3   
ALA O    O  N N 4   
ALA CB   C  N N 5   
ALA OXT  O  N N 6   
ALA H    H  N N 7   
ALA H2   H  N N 8   
ALA HA   H  N N 9   
ALA HB1  H  N N 10  
ALA HB2  H  N N 11  
ALA HB3  H  N N 12  
ALA HXT  H  N N 13  
ARG N    N  N N 14  
ARG CA   C  N S 15  
ARG C    C  N N 16  
ARG O    O  N N 17  
ARG CB   C  N N 18  
ARG CG   C  N N 19  
ARG CD   C  N N 20  
ARG NE   N  N N 21  
ARG CZ   C  N N 22  
ARG NH1  N  N N 23  
ARG NH2  N  N N 24  
ARG OXT  O  N N 25  
ARG H    H  N N 26  
ARG H2   H  N N 27  
ARG HA   H  N N 28  
ARG HB2  H  N N 29  
ARG HB3  H  N N 30  
ARG HG2  H  N N 31  
ARG HG3  H  N N 32  
ARG HD2  H  N N 33  
ARG HD3  H  N N 34  
ARG HE   H  N N 35  
ARG HH11 H  N N 36  
ARG HH12 H  N N 37  
ARG HH21 H  N N 38  
ARG HH22 H  N N 39  
ARG HXT  H  N N 40  
ASN N    N  N N 41  
ASN CA   C  N S 42  
ASN C    C  N N 43  
ASN O    O  N N 44  
ASN CB   C  N N 45  
ASN CG   C  N N 46  
ASN OD1  O  N N 47  
ASN ND2  N  N N 48  
ASN OXT  O  N N 49  
ASN H    H  N N 50  
ASN H2   H  N N 51  
ASN HA   H  N N 52  
ASN HB2  H  N N 53  
ASN HB3  H  N N 54  
ASN HD21 H  N N 55  
ASN HD22 H  N N 56  
ASN HXT  H  N N 57  
ASP N    N  N N 58  
ASP CA   C  N S 59  
ASP C    C  N N 60  
ASP O    O  N N 61  
ASP CB   C  N N 62  
ASP CG   C  N N 63  
ASP OD1  O  N N 64  
ASP OD2  O  N N 65  
ASP OXT  O  N N 66  
ASP H    H  N N 67  
ASP H2   H  N N 68  
ASP HA   H  N N 69  
ASP HB2  H  N N 70  
ASP HB3  H  N N 71  
ASP HD2  H  N N 72  
ASP HXT  H  N N 73  
CL  CL   CL N N 74  
CYS N    N  N N 75  
CYS CA   C  N R 76  
CYS C    C  N N 77  
CYS O    O  N N 78  
CYS CB   C  N N 79  
CYS SG   S  N N 80  
CYS OXT  O  N N 81  
CYS H    H  N N 82  
CYS H2   H  N N 83  
CYS HA   H  N N 84  
CYS HB2  H  N N 85  
CYS HB3  H  N N 86  
CYS HG   H  N N 87  
CYS HXT  H  N N 88  
GLN N    N  N N 89  
GLN CA   C  N S 90  
GLN C    C  N N 91  
GLN O    O  N N 92  
GLN CB   C  N N 93  
GLN CG   C  N N 94  
GLN CD   C  N N 95  
GLN OE1  O  N N 96  
GLN NE2  N  N N 97  
GLN OXT  O  N N 98  
GLN H    H  N N 99  
GLN H2   H  N N 100 
GLN HA   H  N N 101 
GLN HB2  H  N N 102 
GLN HB3  H  N N 103 
GLN HG2  H  N N 104 
GLN HG3  H  N N 105 
GLN HE21 H  N N 106 
GLN HE22 H  N N 107 
GLN HXT  H  N N 108 
GLU N    N  N N 109 
GLU CA   C  N S 110 
GLU C    C  N N 111 
GLU O    O  N N 112 
GLU CB   C  N N 113 
GLU CG   C  N N 114 
GLU CD   C  N N 115 
GLU OE1  O  N N 116 
GLU OE2  O  N N 117 
GLU OXT  O  N N 118 
GLU H    H  N N 119 
GLU H2   H  N N 120 
GLU HA   H  N N 121 
GLU HB2  H  N N 122 
GLU HB3  H  N N 123 
GLU HG2  H  N N 124 
GLU HG3  H  N N 125 
GLU HE2  H  N N 126 
GLU HXT  H  N N 127 
GLY N    N  N N 128 
GLY CA   C  N N 129 
GLY C    C  N N 130 
GLY O    O  N N 131 
GLY OXT  O  N N 132 
GLY H    H  N N 133 
GLY H2   H  N N 134 
GLY HA2  H  N N 135 
GLY HA3  H  N N 136 
GLY HXT  H  N N 137 
HIS N    N  N N 138 
HIS CA   C  N S 139 
HIS C    C  N N 140 
HIS O    O  N N 141 
HIS CB   C  N N 142 
HIS CG   C  Y N 143 
HIS ND1  N  Y N 144 
HIS CD2  C  Y N 145 
HIS CE1  C  Y N 146 
HIS NE2  N  Y N 147 
HIS OXT  O  N N 148 
HIS H    H  N N 149 
HIS H2   H  N N 150 
HIS HA   H  N N 151 
HIS HB2  H  N N 152 
HIS HB3  H  N N 153 
HIS HD1  H  N N 154 
HIS HD2  H  N N 155 
HIS HE1  H  N N 156 
HIS HE2  H  N N 157 
HIS HXT  H  N N 158 
HOH O    O  N N 159 
HOH H1   H  N N 160 
HOH H2   H  N N 161 
ILE N    N  N N 162 
ILE CA   C  N S 163 
ILE C    C  N N 164 
ILE O    O  N N 165 
ILE CB   C  N S 166 
ILE CG1  C  N N 167 
ILE CG2  C  N N 168 
ILE CD1  C  N N 169 
ILE OXT  O  N N 170 
ILE H    H  N N 171 
ILE H2   H  N N 172 
ILE HA   H  N N 173 
ILE HB   H  N N 174 
ILE HG12 H  N N 175 
ILE HG13 H  N N 176 
ILE HG21 H  N N 177 
ILE HG22 H  N N 178 
ILE HG23 H  N N 179 
ILE HD11 H  N N 180 
ILE HD12 H  N N 181 
ILE HD13 H  N N 182 
ILE HXT  H  N N 183 
LEU N    N  N N 184 
LEU CA   C  N S 185 
LEU C    C  N N 186 
LEU O    O  N N 187 
LEU CB   C  N N 188 
LEU CG   C  N N 189 
LEU CD1  C  N N 190 
LEU CD2  C  N N 191 
LEU OXT  O  N N 192 
LEU H    H  N N 193 
LEU H2   H  N N 194 
LEU HA   H  N N 195 
LEU HB2  H  N N 196 
LEU HB3  H  N N 197 
LEU HG   H  N N 198 
LEU HD11 H  N N 199 
LEU HD12 H  N N 200 
LEU HD13 H  N N 201 
LEU HD21 H  N N 202 
LEU HD22 H  N N 203 
LEU HD23 H  N N 204 
LEU HXT  H  N N 205 
PHE N    N  N N 206 
PHE CA   C  N S 207 
PHE C    C  N N 208 
PHE O    O  N N 209 
PHE CB   C  N N 210 
PHE CG   C  Y N 211 
PHE CD1  C  Y N 212 
PHE CD2  C  Y N 213 
PHE CE1  C  Y N 214 
PHE CE2  C  Y N 215 
PHE CZ   C  Y N 216 
PHE OXT  O  N N 217 
PHE H    H  N N 218 
PHE H2   H  N N 219 
PHE HA   H  N N 220 
PHE HB2  H  N N 221 
PHE HB3  H  N N 222 
PHE HD1  H  N N 223 
PHE HD2  H  N N 224 
PHE HE1  H  N N 225 
PHE HE2  H  N N 226 
PHE HZ   H  N N 227 
PHE HXT  H  N N 228 
PRO N    N  N N 229 
PRO CA   C  N S 230 
PRO C    C  N N 231 
PRO O    O  N N 232 
PRO CB   C  N N 233 
PRO CG   C  N N 234 
PRO CD   C  N N 235 
PRO OXT  O  N N 236 
PRO H    H  N N 237 
PRO HA   H  N N 238 
PRO HB2  H  N N 239 
PRO HB3  H  N N 240 
PRO HG2  H  N N 241 
PRO HG3  H  N N 242 
PRO HD2  H  N N 243 
PRO HD3  H  N N 244 
PRO HXT  H  N N 245 
SER N    N  N N 246 
SER CA   C  N S 247 
SER C    C  N N 248 
SER O    O  N N 249 
SER CB   C  N N 250 
SER OG   O  N N 251 
SER OXT  O  N N 252 
SER H    H  N N 253 
SER H2   H  N N 254 
SER HA   H  N N 255 
SER HB2  H  N N 256 
SER HB3  H  N N 257 
SER HG   H  N N 258 
SER HXT  H  N N 259 
THR N    N  N N 260 
THR CA   C  N S 261 
THR C    C  N N 262 
THR O    O  N N 263 
THR CB   C  N R 264 
THR OG1  O  N N 265 
THR CG2  C  N N 266 
THR OXT  O  N N 267 
THR H    H  N N 268 
THR H2   H  N N 269 
THR HA   H  N N 270 
THR HB   H  N N 271 
THR HG1  H  N N 272 
THR HG21 H  N N 273 
THR HG22 H  N N 274 
THR HG23 H  N N 275 
THR HXT  H  N N 276 
TRP N    N  N N 277 
TRP CA   C  N S 278 
TRP C    C  N N 279 
TRP O    O  N N 280 
TRP CB   C  N N 281 
TRP CG   C  Y N 282 
TRP CD1  C  Y N 283 
TRP CD2  C  Y N 284 
TRP NE1  N  Y N 285 
TRP CE2  C  Y N 286 
TRP CE3  C  Y N 287 
TRP CZ2  C  Y N 288 
TRP CZ3  C  Y N 289 
TRP CH2  C  Y N 290 
TRP OXT  O  N N 291 
TRP H    H  N N 292 
TRP H2   H  N N 293 
TRP HA   H  N N 294 
TRP HB2  H  N N 295 
TRP HB3  H  N N 296 
TRP HD1  H  N N 297 
TRP HE1  H  N N 298 
TRP HE3  H  N N 299 
TRP HZ2  H  N N 300 
TRP HZ3  H  N N 301 
TRP HH2  H  N N 302 
TRP HXT  H  N N 303 
TYR N    N  N N 304 
TYR CA   C  N S 305 
TYR C    C  N N 306 
TYR O    O  N N 307 
TYR CB   C  N N 308 
TYR CG   C  Y N 309 
TYR CD1  C  Y N 310 
TYR CD2  C  Y N 311 
TYR CE1  C  Y N 312 
TYR CE2  C  Y N 313 
TYR CZ   C  Y N 314 
TYR OH   O  N N 315 
TYR OXT  O  N N 316 
TYR H    H  N N 317 
TYR H2   H  N N 318 
TYR HA   H  N N 319 
TYR HB2  H  N N 320 
TYR HB3  H  N N 321 
TYR HD1  H  N N 322 
TYR HD2  H  N N 323 
TYR HE1  H  N N 324 
TYR HE2  H  N N 325 
TYR HH   H  N N 326 
TYR HXT  H  N N 327 
VAL N    N  N N 328 
VAL CA   C  N S 329 
VAL C    C  N N 330 
VAL O    O  N N 331 
VAL CB   C  N N 332 
VAL CG1  C  N N 333 
VAL CG2  C  N N 334 
VAL OXT  O  N N 335 
VAL H    H  N N 336 
VAL H2   H  N N 337 
VAL HA   H  N N 338 
VAL HB   H  N N 339 
VAL HG11 H  N N 340 
VAL HG12 H  N N 341 
VAL HG13 H  N N 342 
VAL HG21 H  N N 343 
VAL HG22 H  N N 344 
VAL HG23 H  N N 345 
VAL HXT  H  N N 346 
# 
loop_
_chem_comp_bond.comp_id 
_chem_comp_bond.atom_id_1 
_chem_comp_bond.atom_id_2 
_chem_comp_bond.value_order 
_chem_comp_bond.pdbx_aromatic_flag 
_chem_comp_bond.pdbx_stereo_config 
_chem_comp_bond.pdbx_ordinal 
ALA N   CA   sing N N 1   
ALA N   H    sing N N 2   
ALA N   H2   sing N N 3   
ALA CA  C    sing N N 4   
ALA CA  CB   sing N N 5   
ALA CA  HA   sing N N 6   
ALA C   O    doub N N 7   
ALA C   OXT  sing N N 8   
ALA CB  HB1  sing N N 9   
ALA CB  HB2  sing N N 10  
ALA CB  HB3  sing N N 11  
ALA OXT HXT  sing N N 12  
ARG N   CA   sing N N 13  
ARG N   H    sing N N 14  
ARG N   H2   sing N N 15  
ARG CA  C    sing N N 16  
ARG CA  CB   sing N N 17  
ARG CA  HA   sing N N 18  
ARG C   O    doub N N 19  
ARG C   OXT  sing N N 20  
ARG CB  CG   sing N N 21  
ARG CB  HB2  sing N N 22  
ARG CB  HB3  sing N N 23  
ARG CG  CD   sing N N 24  
ARG CG  HG2  sing N N 25  
ARG CG  HG3  sing N N 26  
ARG CD  NE   sing N N 27  
ARG CD  HD2  sing N N 28  
ARG CD  HD3  sing N N 29  
ARG NE  CZ   sing N N 30  
ARG NE  HE   sing N N 31  
ARG CZ  NH1  sing N N 32  
ARG CZ  NH2  doub N N 33  
ARG NH1 HH11 sing N N 34  
ARG NH1 HH12 sing N N 35  
ARG NH2 HH21 sing N N 36  
ARG NH2 HH22 sing N N 37  
ARG OXT HXT  sing N N 38  
ASN N   CA   sing N N 39  
ASN N   H    sing N N 40  
ASN N   H2   sing N N 41  
ASN CA  C    sing N N 42  
ASN CA  CB   sing N N 43  
ASN CA  HA   sing N N 44  
ASN C   O    doub N N 45  
ASN C   OXT  sing N N 46  
ASN CB  CG   sing N N 47  
ASN CB  HB2  sing N N 48  
ASN CB  HB3  sing N N 49  
ASN CG  OD1  doub N N 50  
ASN CG  ND2  sing N N 51  
ASN ND2 HD21 sing N N 52  
ASN ND2 HD22 sing N N 53  
ASN OXT HXT  sing N N 54  
ASP N   CA   sing N N 55  
ASP N   H    sing N N 56  
ASP N   H2   sing N N 57  
ASP CA  C    sing N N 58  
ASP CA  CB   sing N N 59  
ASP CA  HA   sing N N 60  
ASP C   O    doub N N 61  
ASP C   OXT  sing N N 62  
ASP CB  CG   sing N N 63  
ASP CB  HB2  sing N N 64  
ASP CB  HB3  sing N N 65  
ASP CG  OD1  doub N N 66  
ASP CG  OD2  sing N N 67  
ASP OD2 HD2  sing N N 68  
ASP OXT HXT  sing N N 69  
CYS N   CA   sing N N 70  
CYS N   H    sing N N 71  
CYS N   H2   sing N N 72  
CYS CA  C    sing N N 73  
CYS CA  CB   sing N N 74  
CYS CA  HA   sing N N 75  
CYS C   O    doub N N 76  
CYS C   OXT  sing N N 77  
CYS CB  SG   sing N N 78  
CYS CB  HB2  sing N N 79  
CYS CB  HB3  sing N N 80  
CYS SG  HG   sing N N 81  
CYS OXT HXT  sing N N 82  
GLN N   CA   sing N N 83  
GLN N   H    sing N N 84  
GLN N   H2   sing N N 85  
GLN CA  C    sing N N 86  
GLN CA  CB   sing N N 87  
GLN CA  HA   sing N N 88  
GLN C   O    doub N N 89  
GLN C   OXT  sing N N 90  
GLN CB  CG   sing N N 91  
GLN CB  HB2  sing N N 92  
GLN CB  HB3  sing N N 93  
GLN CG  CD   sing N N 94  
GLN CG  HG2  sing N N 95  
GLN CG  HG3  sing N N 96  
GLN CD  OE1  doub N N 97  
GLN CD  NE2  sing N N 98  
GLN NE2 HE21 sing N N 99  
GLN NE2 HE22 sing N N 100 
GLN OXT HXT  sing N N 101 
GLU N   CA   sing N N 102 
GLU N   H    sing N N 103 
GLU N   H2   sing N N 104 
GLU CA  C    sing N N 105 
GLU CA  CB   sing N N 106 
GLU CA  HA   sing N N 107 
GLU C   O    doub N N 108 
GLU C   OXT  sing N N 109 
GLU CB  CG   sing N N 110 
GLU CB  HB2  sing N N 111 
GLU CB  HB3  sing N N 112 
GLU CG  CD   sing N N 113 
GLU CG  HG2  sing N N 114 
GLU CG  HG3  sing N N 115 
GLU CD  OE1  doub N N 116 
GLU CD  OE2  sing N N 117 
GLU OE2 HE2  sing N N 118 
GLU OXT HXT  sing N N 119 
GLY N   CA   sing N N 120 
GLY N   H    sing N N 121 
GLY N   H2   sing N N 122 
GLY CA  C    sing N N 123 
GLY CA  HA2  sing N N 124 
GLY CA  HA3  sing N N 125 
GLY C   O    doub N N 126 
GLY C   OXT  sing N N 127 
GLY OXT HXT  sing N N 128 
HIS N   CA   sing N N 129 
HIS N   H    sing N N 130 
HIS N   H2   sing N N 131 
HIS CA  C    sing N N 132 
HIS CA  CB   sing N N 133 
HIS CA  HA   sing N N 134 
HIS C   O    doub N N 135 
HIS C   OXT  sing N N 136 
HIS CB  CG   sing N N 137 
HIS CB  HB2  sing N N 138 
HIS CB  HB3  sing N N 139 
HIS CG  ND1  sing Y N 140 
HIS CG  CD2  doub Y N 141 
HIS ND1 CE1  doub Y N 142 
HIS ND1 HD1  sing N N 143 
HIS CD2 NE2  sing Y N 144 
HIS CD2 HD2  sing N N 145 
HIS CE1 NE2  sing Y N 146 
HIS CE1 HE1  sing N N 147 
HIS NE2 HE2  sing N N 148 
HIS OXT HXT  sing N N 149 
HOH O   H1   sing N N 150 
HOH O   H2   sing N N 151 
ILE N   CA   sing N N 152 
ILE N   H    sing N N 153 
ILE N   H2   sing N N 154 
ILE CA  C    sing N N 155 
ILE CA  CB   sing N N 156 
ILE CA  HA   sing N N 157 
ILE C   O    doub N N 158 
ILE C   OXT  sing N N 159 
ILE CB  CG1  sing N N 160 
ILE CB  CG2  sing N N 161 
ILE CB  HB   sing N N 162 
ILE CG1 CD1  sing N N 163 
ILE CG1 HG12 sing N N 164 
ILE CG1 HG13 sing N N 165 
ILE CG2 HG21 sing N N 166 
ILE CG2 HG22 sing N N 167 
ILE CG2 HG23 sing N N 168 
ILE CD1 HD11 sing N N 169 
ILE CD1 HD12 sing N N 170 
ILE CD1 HD13 sing N N 171 
ILE OXT HXT  sing N N 172 
LEU N   CA   sing N N 173 
LEU N   H    sing N N 174 
LEU N   H2   sing N N 175 
LEU CA  C    sing N N 176 
LEU CA  CB   sing N N 177 
LEU CA  HA   sing N N 178 
LEU C   O    doub N N 179 
LEU C   OXT  sing N N 180 
LEU CB  CG   sing N N 181 
LEU CB  HB2  sing N N 182 
LEU CB  HB3  sing N N 183 
LEU CG  CD1  sing N N 184 
LEU CG  CD2  sing N N 185 
LEU CG  HG   sing N N 186 
LEU CD1 HD11 sing N N 187 
LEU CD1 HD12 sing N N 188 
LEU CD1 HD13 sing N N 189 
LEU CD2 HD21 sing N N 190 
LEU CD2 HD22 sing N N 191 
LEU CD2 HD23 sing N N 192 
LEU OXT HXT  sing N N 193 
PHE N   CA   sing N N 194 
PHE N   H    sing N N 195 
PHE N   H2   sing N N 196 
PHE CA  C    sing N N 197 
PHE CA  CB   sing N N 198 
PHE CA  HA   sing N N 199 
PHE C   O    doub N N 200 
PHE C   OXT  sing N N 201 
PHE CB  CG   sing N N 202 
PHE CB  HB2  sing N N 203 
PHE CB  HB3  sing N N 204 
PHE CG  CD1  doub Y N 205 
PHE CG  CD2  sing Y N 206 
PHE CD1 CE1  sing Y N 207 
PHE CD1 HD1  sing N N 208 
PHE CD2 CE2  doub Y N 209 
PHE CD2 HD2  sing N N 210 
PHE CE1 CZ   doub Y N 211 
PHE CE1 HE1  sing N N 212 
PHE CE2 CZ   sing Y N 213 
PHE CE2 HE2  sing N N 214 
PHE CZ  HZ   sing N N 215 
PHE OXT HXT  sing N N 216 
PRO N   CA   sing N N 217 
PRO N   CD   sing N N 218 
PRO N   H    sing N N 219 
PRO CA  C    sing N N 220 
PRO CA  CB   sing N N 221 
PRO CA  HA   sing N N 222 
PRO C   O    doub N N 223 
PRO C   OXT  sing N N 224 
PRO CB  CG   sing N N 225 
PRO CB  HB2  sing N N 226 
PRO CB  HB3  sing N N 227 
PRO CG  CD   sing N N 228 
PRO CG  HG2  sing N N 229 
PRO CG  HG3  sing N N 230 
PRO CD  HD2  sing N N 231 
PRO CD  HD3  sing N N 232 
PRO OXT HXT  sing N N 233 
SER N   CA   sing N N 234 
SER N   H    sing N N 235 
SER N   H2   sing N N 236 
SER CA  C    sing N N 237 
SER CA  CB   sing N N 238 
SER CA  HA   sing N N 239 
SER C   O    doub N N 240 
SER C   OXT  sing N N 241 
SER CB  OG   sing N N 242 
SER CB  HB2  sing N N 243 
SER CB  HB3  sing N N 244 
SER OG  HG   sing N N 245 
SER OXT HXT  sing N N 246 
THR N   CA   sing N N 247 
THR N   H    sing N N 248 
THR N   H2   sing N N 249 
THR CA  C    sing N N 250 
THR CA  CB   sing N N 251 
THR CA  HA   sing N N 252 
THR C   O    doub N N 253 
THR C   OXT  sing N N 254 
THR CB  OG1  sing N N 255 
THR CB  CG2  sing N N 256 
THR CB  HB   sing N N 257 
THR OG1 HG1  sing N N 258 
THR CG2 HG21 sing N N 259 
THR CG2 HG22 sing N N 260 
THR CG2 HG23 sing N N 261 
THR OXT HXT  sing N N 262 
TRP N   CA   sing N N 263 
TRP N   H    sing N N 264 
TRP N   H2   sing N N 265 
TRP CA  C    sing N N 266 
TRP CA  CB   sing N N 267 
TRP CA  HA   sing N N 268 
TRP C   O    doub N N 269 
TRP C   OXT  sing N N 270 
TRP CB  CG   sing N N 271 
TRP CB  HB2  sing N N 272 
TRP CB  HB3  sing N N 273 
TRP CG  CD1  doub Y N 274 
TRP CG  CD2  sing Y N 275 
TRP CD1 NE1  sing Y N 276 
TRP CD1 HD1  sing N N 277 
TRP CD2 CE2  doub Y N 278 
TRP CD2 CE3  sing Y N 279 
TRP NE1 CE2  sing Y N 280 
TRP NE1 HE1  sing N N 281 
TRP CE2 CZ2  sing Y N 282 
TRP CE3 CZ3  doub Y N 283 
TRP CE3 HE3  sing N N 284 
TRP CZ2 CH2  doub Y N 285 
TRP CZ2 HZ2  sing N N 286 
TRP CZ3 CH2  sing Y N 287 
TRP CZ3 HZ3  sing N N 288 
TRP CH2 HH2  sing N N 289 
TRP OXT HXT  sing N N 290 
TYR N   CA   sing N N 291 
TYR N   H    sing N N 292 
TYR N   H2   sing N N 293 
TYR CA  C    sing N N 294 
TYR CA  CB   sing N N 295 
TYR CA  HA   sing N N 296 
TYR C   O    doub N N 297 
TYR C   OXT  sing N N 298 
TYR CB  CG   sing N N 299 
TYR CB  HB2  sing N N 300 
TYR CB  HB3  sing N N 301 
TYR CG  CD1  doub Y N 302 
TYR CG  CD2  sing Y N 303 
TYR CD1 CE1  sing Y N 304 
TYR CD1 HD1  sing N N 305 
TYR CD2 CE2  doub Y N 306 
TYR CD2 HD2  sing N N 307 
TYR CE1 CZ   doub Y N 308 
TYR CE1 HE1  sing N N 309 
TYR CE2 CZ   sing Y N 310 
TYR CE2 HE2  sing N N 311 
TYR CZ  OH   sing N N 312 
TYR OH  HH   sing N N 313 
TYR OXT HXT  sing N N 314 
VAL N   CA   sing N N 315 
VAL N   H    sing N N 316 
VAL N   H2   sing N N 317 
VAL CA  C    sing N N 318 
VAL CA  CB   sing N N 319 
VAL CA  HA   sing N N 320 
VAL C   O    doub N N 321 
VAL C   OXT  sing N N 322 
VAL CB  CG1  sing N N 323 
VAL CB  CG2  sing N N 324 
VAL CB  HB   sing N N 325 
VAL CG1 HG11 sing N N 326 
VAL CG1 HG12 sing N N 327 
VAL CG1 HG13 sing N N 328 
VAL CG2 HG21 sing N N 329 
VAL CG2 HG22 sing N N 330 
VAL CG2 HG23 sing N N 331 
VAL OXT HXT  sing N N 332 
# 
_pdbx_audit_support.funding_organization   'Japan Society for the Promotion of Science (JSPS)' 
_pdbx_audit_support.country                Japan 
_pdbx_audit_support.grant_number           JP18H02151 
_pdbx_audit_support.ordinal                1 
# 
_pdbx_initial_refinement_model.id               1 
_pdbx_initial_refinement_model.entity_id_list   ? 
_pdbx_initial_refinement_model.type             'experimental model' 
_pdbx_initial_refinement_model.source_name      PDB 
_pdbx_initial_refinement_model.accession_code   6S5A 
_pdbx_initial_refinement_model.details          ? 
# 
_atom_sites.entry_id                    8J8D 
_atom_sites.Cartn_transf_matrix[1][1]   ? 
_atom_sites.Cartn_transf_matrix[1][2]   ? 
_atom_sites.Cartn_transf_matrix[1][3]   ? 
_atom_sites.Cartn_transf_matrix[2][1]   ? 
_atom_sites.Cartn_transf_matrix[2][2]   ? 
_atom_sites.Cartn_transf_matrix[2][3]   ? 
_atom_sites.Cartn_transf_matrix[3][1]   ? 
_atom_sites.Cartn_transf_matrix[3][2]   ? 
_atom_sites.Cartn_transf_matrix[3][3]   ? 
_atom_sites.Cartn_transf_vector[1]      ? 
_atom_sites.Cartn_transf_vector[2]      ? 
_atom_sites.Cartn_transf_vector[3]      ? 
_atom_sites.fract_transf_matrix[1][1]   0.00371863 
_atom_sites.fract_transf_matrix[1][2]   0.01140529 
_atom_sites.fract_transf_matrix[1][3]   0.00235409 
_atom_sites.fract_transf_matrix[2][1]   -0.01950191 
_atom_sites.fract_transf_matrix[2][2]   0.00124838 
_atom_sites.fract_transf_matrix[2][3]   0.02475786 
_atom_sites.fract_transf_matrix[3][1]   0.02057681 
_atom_sites.fract_transf_matrix[3][2]   -0.01016018 
_atom_sites.fract_transf_matrix[3][3]   0.01672079 
_atom_sites.fract_transf_vector[1]      -0.147468 
_atom_sites.fract_transf_vector[2]      0.094645 
_atom_sites.fract_transf_vector[3]      -0.176889 
_atom_sites.solution_primary            ? 
_atom_sites.solution_secondary          ? 
_atom_sites.solution_hydrogens          ? 
_atom_sites.special_details             ? 
# 
loop_
_atom_type.symbol 
C  
CL 
N  
O  
S  
# 
loop_
_atom_site.group_PDB 
_atom_site.id 
_atom_site.type_symbol 
_atom_site.label_atom_id 
_atom_site.label_alt_id 
_atom_site.label_comp_id 
_atom_site.label_asym_id 
_atom_site.label_entity_id 
_atom_site.label_seq_id 
_atom_site.pdbx_PDB_ins_code 
_atom_site.Cartn_x 
_atom_site.Cartn_y 
_atom_site.Cartn_z 
_atom_site.occupancy 
_atom_site.B_iso_or_equiv 
_atom_site.pdbx_formal_charge 
_atom_site.auth_seq_id 
_atom_site.auth_comp_id 
_atom_site.auth_asym_id 
_atom_site.auth_atom_id 
_atom_site.pdbx_PDB_model_num 
ATOM   1   N  N   . SER A 1 6   ? 5.581   10.697  -13.478 1.00 22.28 ? 6   SER A N   1 
ATOM   2   C  CA  . SER A 1 6   ? 6.393   11.410  -12.480 1.00 18.23 ? 6   SER A CA  1 
ATOM   3   C  C   . SER A 1 6   ? 5.581   11.909  -11.283 1.00 15.43 ? 6   SER A C   1 
ATOM   4   O  O   . SER A 1 6   ? 6.211   12.345  -10.334 1.00 16.73 ? 6   SER A O   1 
ATOM   5   C  CB  . SER A 1 6   ? 7.158   12.553  -13.095 1.00 20.12 ? 6   SER A CB  1 
ATOM   6   O  OG  . SER A 1 6   ? 6.308   13.641  -13.429 1.00 22.02 ? 6   SER A OG  1 
ATOM   7   N  N   . SER A 1 7   ? 4.250   11.935  -11.310 1.00 12.33 ? 7   SER A N   1 
ATOM   8   C  CA  . SER A 1 7   ? 3.504   12.384  -10.150 1.00 11.60 ? 7   SER A CA  1 
ATOM   9   C  C   . SER A 1 7   ? 3.194   11.273  -9.156  1.00 9.65  ? 7   SER A C   1 
ATOM   10  O  O   . SER A 1 7   ? 2.771   11.571  -8.037  1.00 9.15  ? 7   SER A O   1 
ATOM   11  C  CB  . SER A 1 7   ? 2.220   13.052  -10.482 1.00 15.26 ? 7   SER A CB  1 
ATOM   12  O  OG  . SER A 1 7   ? 2.441   14.321  -11.052 1.00 21.34 ? 7   SER A OG  1 
ATOM   13  N  N   . LEU A 1 8   ? 3.455   10.033  -9.506  1.00 10.39 ? 8   LEU A N   1 
ATOM   14  C  CA  . LEU A 1 8   ? 3.103   8.944   -8.615  1.00 9.39  ? 8   LEU A CA  1 
ATOM   15  C  C   . LEU A 1 8   ? 3.863   9.107   -7.303  1.00 8.67  ? 8   LEU A C   1 
ATOM   16  O  O   . LEU A 1 8   ? 5.012   9.468   -7.303  1.00 9.83  ? 8   LEU A O   1 
ATOM   17  C  CB  . LEU A 1 8   ? 3.481   7.624   -9.280  1.00 10.65 ? 8   LEU A CB  1 
ATOM   18  C  CG  . LEU A 1 8   ? 2.609   7.190   -10.451 1.00 11.92 ? 8   LEU A CG  1 
ATOM   19  C  CD1 . LEU A 1 8   ? 3.322   6.038   -11.176 1.00 12.89 ? 8   LEU A CD1 1 
ATOM   20  C  CD2 . LEU A 1 8   ? 1.215   6.791   -9.998  1.00 13.90 ? 8   LEU A CD2 1 
ATOM   21  N  N   . ALA A 1 9   ? 3.189   8.762   -6.201  1.00 8.11  ? 9   ALA A N   1 
ATOM   22  C  CA  . ALA A 1 9   ? 3.711   8.864   -4.866  1.00 7.62  ? 9   ALA A CA  1 
ATOM   23  C  C   . ALA A 1 9   ? 2.959   7.892   -3.966  1.00 7.07  ? 9   ALA A C   1 
ATOM   24  O  O   . ALA A 1 9   ? 1.848   7.497   -4.255  1.00 7.31  ? 9   ALA A O   1 
ATOM   25  C  CB  . ALA A 1 9   ? 3.654   10.268  -4.317  1.00 7.92  ? 9   ALA A CB  1 
ATOM   26  N  N   . LEU A 1 10  ? 3.632   7.523   -2.879  1.00 7.18  ? 10  LEU A N   1 
ATOM   27  C  CA  . LEU A 1 10  ? 3.107   6.613   -1.875  1.00 8.20  ? 10  LEU A CA  1 
ATOM   28  C  C   . LEU A 1 10  ? 3.221   7.241   -0.490  1.00 7.71  ? 10  LEU A C   1 
ATOM   29  O  O   . LEU A 1 10  ? 4.189   7.916   -0.187  1.00 8.21  ? 10  LEU A O   1 
ATOM   30  C  CB  . LEU A 1 10  ? 3.870   5.280   -1.931  1.00 10.41 ? 10  LEU A CB  1 
ATOM   31  C  CG  . LEU A 1 10  ? 3.186   4.156   -1.105  1.00 13.40 ? 10  LEU A CG  1 
ATOM   32  C  CD1 . LEU A 1 10  ? 3.152   2.833   -1.806  1.00 14.40 ? 10  LEU A CD1 1 
ATOM   33  C  CD2 . LEU A 1 10  ? 3.781   4.075   0.294   1.00 17.11 ? 10  LEU A CD2 1 
ATOM   34  N  N   . ARG A 1 11  ? 2.235   6.929   0.356   1.00 7.55  ? 11  ARG A N   1 
ATOM   35  C  CA  . ARG A 1 11  ? 2.335   7.296   1.743   1.00 8.14  ? 11  ARG A CA  1 
ATOM   36  C  C   . ARG A 1 11  ? 1.653   6.229   2.604   1.00 7.68  ? 11  ARG A C   1 
ATOM   37  O  O   . ARG A 1 11  ? 0.856   5.432   2.112   1.00 8.05  ? 11  ARG A O   1 
ATOM   38  C  CB  . ARG A 1 11  ? 1.683   8.669   2.006   1.00 8.21  ? 11  ARG A CB  1 
ATOM   39  C  CG  . ARG A 1 11  ? 0.172   8.697   1.825   1.00 9.40  ? 11  ARG A CG  1 
ATOM   40  C  CD  . ARG A 1 11  ? -0.416  10.094  1.970   1.00 10.14 ? 11  ARG A CD  1 
ATOM   41  N  NE  . ARG A 1 11  ? -1.849  10.108  1.911   1.00 9.93  ? 11  ARG A NE  1 
ATOM   42  C  CZ  . ARG A 1 11  ? -2.564  11.208  2.059   1.00 10.85 ? 11  ARG A CZ  1 
ATOM   43  N  NH1 . ARG A 1 11  ? -1.946  12.366  2.262   1.00 11.88 ? 11  ARG A NH1 1 
ATOM   44  N  NH2 . ARG A 1 11  ? -3.875  11.120  2.051   1.00 11.89 ? 11  ARG A NH2 1 
ATOM   45  N  N   . LEU A 1 12  ? 1.930   6.273   3.906   1.00 8.55  ? 12  LEU A N   1 
ATOM   46  C  CA  . LEU A 1 12  ? 1.158   5.501   4.875   1.00 8.88  ? 12  LEU A CA  1 
ATOM   47  C  C   . LEU A 1 12  ? 0.416   6.466   5.770   1.00 9.66  ? 12  LEU A C   1 
ATOM   48  O  O   . LEU A 1 12  ? 1.002   7.445   6.235   1.00 11.55 ? 12  LEU A O   1 
ATOM   49  C  CB  . LEU A 1 12  ? 2.084   4.625   5.732   1.00 8.58  ? 12  LEU A CB  1 
ATOM   50  C  CG  . LEU A 1 12  ? 2.965   3.662   4.951   1.00 8.99  ? 12  LEU A CG  1 
ATOM   51  C  CD1 . LEU A 1 12  ? 3.927   2.892   5.844   1.00 9.82  ? 12  LEU A CD1 1 
ATOM   52  C  CD2 . LEU A 1 12  ? 2.153   2.730   4.098   1.00 9.64  ? 12  LEU A CD2 1 
ATOM   53  N  N   . VAL A 1 13  ? -0.840  6.144   6.041   1.00 9.06  ? 13  VAL A N   1 
ATOM   54  C  CA  . VAL A 1 13  ? -1.662  7.031   6.864   1.00 10.21 ? 13  VAL A CA  1 
ATOM   55  C  C   . VAL A 1 13  ? -2.375  6.264   7.971   1.00 10.44 ? 13  VAL A C   1 
ATOM   56  O  O   . VAL A 1 13  ? -2.624  5.064   7.884   1.00 10.33 ? 13  VAL A O   1 
ATOM   57  C  CB  . VAL A 1 13  ? -2.663  7.813   6.017   1.00 12.03 ? 13  VAL A CB  1 
ATOM   58  C  CG1 . VAL A 1 13  ? -1.954  8.724   5.034   1.00 13.35 ? 13  VAL A CG1 1 
ATOM   59  C  CG2 . VAL A 1 13  ? -3.679  6.897   5.419   1.00 12.70 ? 13  VAL A CG2 1 
ATOM   60  N  N   . ASN A 1 14  ? -2.744  7.034   9.005   1.00 10.45 ? 14  ASN A N   1 
ATOM   61  C  CA  . ASN A 1 14  ? -3.636  6.588   10.060  1.00 11.99 ? 14  ASN A CA  1 
ATOM   62  C  C   . ASN A 1 14  ? -2.984  5.521   10.930  1.00 11.74 ? 14  ASN A C   1 
ATOM   63  O  O   . ASN A 1 14  ? -3.728  4.776   11.594  1.00 13.82 ? 14  ASN A O   1 
ATOM   64  C  CB  . ASN A 1 14  ? -5.020  6.159   9.551   1.00 12.80 ? 14  ASN A CB  1 
ATOM   65  C  CG  . ASN A 1 14  ? -6.083  6.252   10.627  1.00 17.94 ? 14  ASN A CG  1 
ATOM   66  O  OD1 . ASN A 1 14  ? -6.028  7.161   11.449  1.00 21.48 ? 14  ASN A OD1 1 
ATOM   67  N  ND2 . ASN A 1 14  ? -6.971  5.283   10.688  1.00 18.87 ? 14  ASN A ND2 1 
ATOM   68  N  N   . GLY A 1 15  ? -1.648  5.463   10.986  1.00 12.43 ? 15  GLY A N   1 
ATOM   69  C  CA  . GLY A 1 15  ? -0.932  4.454   11.749  1.00 13.49 ? 15  GLY A CA  1 
ATOM   70  C  C   . GLY A 1 15  ? -0.151  5.054   12.920  1.00 15.21 ? 15  GLY A C   1 
ATOM   71  O  O   . GLY A 1 15  ? 0.456   4.300   13.673  1.00 15.35 ? 15  GLY A O   1 
ATOM   72  N  N   . GLY A 1 16  ? -0.119  6.385   12.984  1.00 14.98 ? 16  GLY A N   1 
ATOM   73  C  CA  . GLY A 1 16  ? 0.476   7.123   14.090  1.00 16.98 ? 16  GLY A CA  1 
ATOM   74  C  C   . GLY A 1 16  ? 1.982   7.274   13.917  1.00 17.57 ? 16  GLY A C   1 
ATOM   75  O  O   . GLY A 1 16  ? 2.648   7.741   14.841  1.00 19.62 ? 16  GLY A O   1 
ATOM   76  N  N   . ASP A 1 17  ? 2.503   6.927   12.735  1.00 15.53 ? 17  ASP A N   1 
ATOM   77  C  CA  . ASP A 1 17  ? 3.920   7.007   12.448  1.00 16.17 ? 17  ASP A CA  1 
ATOM   78  C  C   . ASP A 1 17  ? 4.032   7.050   10.928  1.00 14.78 ? 17  ASP A C   1 
ATOM   79  O  O   . ASP A 1 17  ? 3.204   6.469   10.250  1.00 12.73 ? 17  ASP A O   1 
ATOM   80  C  CB  . ASP A 1 17  ? 4.665   5.764   12.946  1.00 18.93 ? 17  ASP A CB  1 
ATOM   81  C  CG  . ASP A 1 17  ? 6.167   5.826   12.896  1.00 23.13 ? 17  ASP A CG  1 
ATOM   82  O  OD1 . ASP A 1 17  ? 6.741   5.528   11.831  1.00 20.63 ? 17  ASP A OD1 1 
ATOM   83  O  OD2 . ASP A 1 17  ? 6.763   6.179   13.960  1.00 23.74 ? 17  ASP A OD2 1 
ATOM   84  N  N   . ARG A 1 18  ? 5.072   7.694   10.378  1.00 13.62 ? 18  ARG A N   1 
ATOM   85  C  CA  . ARG A 1 18  ? 5.349   7.733   8.956   1.00 13.02 ? 18  ARG A CA  1 
ATOM   86  C  C   . ARG A 1 18  ? 5.521   6.336   8.335   1.00 11.36 ? 18  ARG A C   1 
ATOM   87  O  O   . ARG A 1 18  ? 5.241   6.122   7.157   1.00 10.77 ? 18  ARG A O   1 
ATOM   88  C  CB  . ARG A 1 18  ? 6.685   8.485   8.782   1.00 14.04 ? 18  ARG A CB  1 
ATOM   89  C  CG  . ARG A 1 18  ? 6.964   8.902   7.361   1.00 14.43 ? 18  ARG A CG  1 
ATOM   90  C  CD  . ARG A 1 18  ? 8.349   9.538   7.273   1.00 13.68 ? 18  ARG A CD  1 
ATOM   91  N  NE  . ARG A 1 18  ? 9.441   8.597   7.392   1.00 15.16 ? 18  ARG A NE  1 
ATOM   92  C  CZ  . ARG A 1 18  ? 9.877   7.872   6.388   1.00 10.98 ? 18  ARG A CZ  1 
ATOM   93  N  NH1 . ARG A 1 18  ? 9.279   7.994   5.228   1.00 13.91 ? 18  ARG A NH1 1 
ATOM   94  N  NH2 . ARG A 1 18  ? 10.942  7.113   6.555   1.00 14.20 ? 18  ARG A NH2 1 
ATOM   95  N  N   . CYS A 1 19  ? 5.971   5.405   9.154   1.00 9.76  ? 19  CYS A N   1 
ATOM   96  C  CA  . CYS A 1 19  ? 6.418   4.095   8.698   1.00 9.77  ? 19  CYS A CA  1 
ATOM   97  C  C   . CYS A 1 19  ? 5.494   2.933   9.098   1.00 8.71  ? 19  CYS A C   1 
ATOM   98  O  O   . CYS A 1 19  ? 5.908   1.765   9.002   1.00 8.48  ? 19  CYS A O   1 
ATOM   99  C  CB  . CYS A 1 19  ? 7.858   3.817   9.116   1.00 10.07 ? 19  CYS A CB  1 
ATOM   100 S  SG  . CYS A 1 19  ? 9.085   4.900   8.332   1.00 10.82 ? 19  CYS A SG  1 
ATOM   101 N  N   . GLN A 1 20  ? 4.253   3.243   9.467   1.00 8.86  ? 20  GLN A N   1 
ATOM   102 C  CA  . GLN A 1 20  ? 3.227   2.198   9.489   1.00 9.41  ? 20  GLN A CA  1 
ATOM   103 C  C   . GLN A 1 20  ? 1.881   2.843   9.202   1.00 8.68  ? 20  GLN A C   1 
ATOM   104 O  O   . GLN A 1 20  ? 1.666   4.011   9.521   1.00 8.97  ? 20  GLN A O   1 
ATOM   105 C  CB  . GLN A 1 20  ? 3.171   1.450   10.821  1.00 11.24 ? 20  GLN A CB  1 
ATOM   106 C  CG  . GLN A 1 20  ? 2.767   2.327   11.979  1.00 13.51 ? 20  GLN A CG  1 
ATOM   107 C  CD  . GLN A 1 20  ? 2.587   1.515   13.219  1.00 16.83 ? 20  GLN A CD  1 
ATOM   108 O  OE1 . GLN A 1 20  ? 3.461   0.729   13.564  1.00 24.81 ? 20  GLN A OE1 1 
ATOM   109 N  NE2 . GLN A 1 20  ? 1.462   1.737   13.884  1.00 20.14 ? 20  GLN A NE2 1 
ATOM   110 N  N   . GLY A 1 21  ? 1.003   2.103   8.540   1.00 7.10  ? 21  GLY A N   1 
ATOM   111 C  CA  . GLY A 1 21  ? -0.335  2.556   8.335   1.00 6.67  ? 21  GLY A CA  1 
ATOM   112 C  C   . GLY A 1 21  ? -0.947  2.012   7.051   1.00 6.27  ? 21  GLY A C   1 
ATOM   113 O  O   . GLY A 1 21  ? -0.478  1.056   6.454   1.00 6.66  ? 21  GLY A O   1 
ATOM   114 N  N   . ARG A 1 22  ? -2.068  2.611   6.682   1.00 6.61  ? 22  ARG A N   1 
ATOM   115 C  CA  . ARG A 1 22  ? -2.809  2.261   5.473   1.00 6.93  ? 22  ARG A CA  1 
ATOM   116 C  C   . ARG A 1 22  ? -2.034  2.797   4.275   1.00 6.89  ? 22  ARG A C   1 
ATOM   117 O  O   . ARG A 1 22  ? -1.605  3.944   4.284   1.00 7.95  ? 22  ARG A O   1 
ATOM   118 C  CB  . ARG A 1 22  ? -4.172  2.954   5.491   1.00 7.29  ? 22  ARG A CB  1 
ATOM   119 C  CG  . ARG A 1 22  ? -5.009  2.656   4.253   1.00 8.25  ? 22  ARG A CG  1 
ATOM   120 C  CD  . ARG A 1 22  ? -6.426  3.176   4.356   1.00 9.17  ? 22  ARG A CD  1 
ATOM   121 N  NE  . ARG A 1 22  ? -6.488  4.603   4.419   1.00 10.56 ? 22  ARG A NE  1 
ATOM   122 C  CZ  . ARG A 1 22  ? -6.954  5.328   5.454   1.00 11.65 ? 22  ARG A CZ  1 
ATOM   123 N  NH1 . ARG A 1 22  ? -7.260  4.772   6.612   1.00 12.88 ? 22  ARG A NH1 1 
ATOM   124 N  NH2 . ARG A 1 22  ? -7.145  6.622   5.318   1.00 13.23 ? 22  ARG A NH2 1 
ATOM   125 N  N   . VAL A 1 23  ? -1.858  1.941   3.252   1.00 6.91  ? 23  VAL A N   1 
ATOM   126 C  CA  . VAL A 1 23  ? -1.120  2.323   2.071   1.00 7.02  ? 23  VAL A CA  1 
ATOM   127 C  C   . VAL A 1 23  ? -2.027  3.182   1.199   1.00 6.50  ? 23  VAL A C   1 
ATOM   128 O  O   . VAL A 1 23  ? -3.165  2.829   0.850   1.00 7.03  ? 23  VAL A O   1 
ATOM   129 C  CB  . VAL A 1 23  ? -0.692  1.083   1.271   1.00 7.68  ? 23  VAL A CB  1 
ATOM   130 C  CG1 . VAL A 1 23  ? 0.006   1.490   -0.020  1.00 8.23  ? 23  VAL A CG1 1 
ATOM   131 C  CG2 . VAL A 1 23  ? 0.167   0.165   2.092   1.00 9.12  ? 23  VAL A CG2 1 
ATOM   132 N  N   . GLU A 1 24  ? -1.479  4.313   0.745   1.00 6.96  ? 24  GLU A N   1 
ATOM   133 C  CA  . GLU A 1 24  ? -2.152  5.163   -0.226  1.00 7.52  ? 24  GLU A CA  1 
ATOM   134 C  C   . GLU A 1 24  ? -1.178  5.567   -1.328  1.00 7.27  ? 24  GLU A C   1 
ATOM   135 O  O   . GLU A 1 24  ? 0.020   5.790   -1.097  1.00 6.88  ? 24  GLU A O   1 
ATOM   136 C  CB  . GLU A 1 24  ? -2.775  6.397   0.414   1.00 8.32  ? 24  GLU A CB  1 
ATOM   137 C  CG  . GLU A 1 24  ? -3.884  5.996   1.399   1.00 9.40  ? 24  GLU A CG  1 
ATOM   138 C  CD  . GLU A 1 24  ? -4.693  7.149   1.941   1.00 11.56 ? 24  GLU A CD  1 
ATOM   139 O  OE1 . GLU A 1 24  ? -4.258  8.289   1.761   1.00 13.41 ? 24  GLU A OE1 1 
ATOM   140 O  OE2 . GLU A 1 24  ? -5.784  6.851   2.471   1.00 13.84 ? 24  GLU A OE2 1 
ATOM   141 N  N   . VAL A 1 25  ? -1.717  5.579   -2.544  1.00 6.56  ? 25  VAL A N   1 
ATOM   142 C  CA  . VAL A 1 25  ? -0.960  5.947   -3.734  1.00 7.38  ? 25  VAL A CA  1 
ATOM   143 C  C   . VAL A 1 25  ? -1.683  7.100   -4.427  1.00 7.65  ? 25  VAL A C   1 
ATOM   144 O  O   . VAL A 1 25  ? -2.893  7.064   -4.630  1.00 7.85  ? 25  VAL A O   1 
ATOM   145 C  CB  . VAL A 1 25  ? -0.805  4.742   -4.686  1.00 7.68  ? 25  VAL A CB  1 
ATOM   146 C  CG1 . VAL A 1 25  ? -0.198  5.125   -6.033  1.00 7.73  ? 25  VAL A CG1 1 
ATOM   147 C  CG2 . VAL A 1 25  ? 0.042   3.645   -4.028  1.00 8.03  ? 25  VAL A CG2 1 
ATOM   148 N  N   . LEU A 1 26  ? -0.882  8.067   -4.856  1.00 8.04  ? 26  LEU A N   1 
ATOM   149 C  CA  . LEU A 1 26  ? -1.419  9.219   -5.566  1.00 8.02  ? 26  LEU A CA  1 
ATOM   150 C  C   . LEU A 1 26  ? -1.528  8.915   -7.061  1.00 8.49  ? 26  LEU A C   1 
ATOM   151 O  O   . LEU A 1 26  ? -0.509  8.691   -7.697  1.00 9.04  ? 26  LEU A O   1 
ATOM   152 C  CB  . LEU A 1 26  ? -0.485  10.385  -5.340  1.00 8.71  ? 26  LEU A CB  1 
ATOM   153 C  CG  . LEU A 1 26  ? -0.933  11.696  -5.994  1.00 9.05  ? 26  LEU A CG  1 
ATOM   154 C  CD1 . LEU A 1 26  ? -2.132  12.275  -5.308  1.00 9.91  ? 26  LEU A CD1 1 
ATOM   155 C  CD2 . LEU A 1 26  ? 0.236   12.647  -6.055  1.00 10.91 ? 26  LEU A CD2 1 
ATOM   156 N  N   . TYR A 1 27  ? -2.758  8.867   -7.549  1.00 9.38  ? 27  TYR A N   1 
ATOM   157 C  CA  . TYR A 1 27  ? -3.042  8.494   -8.914  1.00 9.68  ? 27  TYR A CA  1 
ATOM   158 C  C   . TYR A 1 27  ? -4.111  9.441   -9.465  1.00 10.52 ? 27  TYR A C   1 
ATOM   159 O  O   . TYR A 1 27  ? -5.151  9.614   -8.844  1.00 10.40 ? 27  TYR A O   1 
ATOM   160 C  CB  . TYR A 1 27  ? -3.516  7.039   -8.938  1.00 9.80  ? 27  TYR A CB  1 
ATOM   161 C  CG  . TYR A 1 27  ? -3.777  6.519   -10.328 1.00 10.88 ? 27  TYR A CG  1 
ATOM   162 C  CD1 . TYR A 1 27  ? -2.737  6.306   -11.223 1.00 10.68 ? 27  TYR A CD1 1 
ATOM   163 C  CD2 . TYR A 1 27  ? -5.051  6.209   -10.698 1.00 11.70 ? 27  TYR A CD2 1 
ATOM   164 C  CE1 . TYR A 1 27  ? -2.966  5.797   -12.492 1.00 12.73 ? 27  TYR A CE1 1 
ATOM   165 C  CE2 . TYR A 1 27  ? -5.311  5.708   -11.976 1.00 12.33 ? 27  TYR A CE2 1 
ATOM   166 C  CZ  . TYR A 1 27  ? -4.265  5.532   -12.870 1.00 12.48 ? 27  TYR A CZ  1 
ATOM   167 O  OH  . TYR A 1 27  ? -4.409  4.997   -14.176 1.00 16.72 ? 27  TYR A OH  1 
ATOM   168 N  N   . ARG A 1 28  ? -3.784  10.051  -10.609 1.00 11.64 ? 28  ARG A N   1 
ATOM   169 C  CA  . ARG A 1 28  ? -4.690  10.954  -11.322 1.00 13.66 ? 28  ARG A CA  1 
ATOM   170 C  C   . ARG A 1 28  ? -5.222  12.002  -10.343 1.00 15.11 ? 28  ARG A C   1 
ATOM   171 O  O   . ARG A 1 28  ? -6.421  12.338  -10.336 1.00 16.69 ? 28  ARG A O   1 
ATOM   172 C  CB  . ARG A 1 28  ? -5.788  10.141  -12.016 1.00 14.20 ? 28  ARG A CB  1 
ATOM   173 C  CG  . ARG A 1 28  ? -5.280  9.182   -13.088 1.00 14.98 ? 28  ARG A CG  1 
ATOM   174 C  CD  . ARG A 1 28  ? -6.318  8.339   -13.838 1.00 17.78 ? 28  ARG A CD  1 
ATOM   175 N  NE  . ARG A 1 28  ? -7.307  9.128   -14.551 1.00 20.28 ? 28  ARG A NE  1 
ATOM   176 C  CZ  . ARG A 1 28  ? -8.315  8.620   -15.285 1.00 20.29 ? 28  ARG A CZ  1 
ATOM   177 N  NH1 . ARG A 1 28  ? -8.594  7.324   -15.325 1.00 20.26 ? 28  ARG A NH1 1 
ATOM   178 N  NH2 . ARG A 1 28  ? -9.074  9.458   -15.964 1.00 20.86 ? 28  ARG A NH2 1 
ATOM   179 N  N   . GLY A 1 29  ? -4.308  12.583  -9.576  1.00 15.11 ? 29  GLY A N   1 
ATOM   180 C  CA  . GLY A 1 29  ? -4.599  13.731  -8.738  1.00 16.13 ? 29  GLY A CA  1 
ATOM   181 C  C   . GLY A 1 29  ? -5.080  13.423  -7.324  1.00 15.80 ? 29  GLY A C   1 
ATOM   182 O  O   . GLY A 1 29  ? -5.256  14.360  -6.536  1.00 18.08 ? 29  GLY A O   1 
ATOM   183 N  N   . SER A 1 30  ? -5.346  12.151  -7.010  1.00 13.76 ? 30  SER A N   1 
ATOM   184 C  CA  . SER A 1 30  ? -6.047  11.771  -5.787  1.00 14.46 ? 30  SER A CA  1 
ATOM   185 C  C   . SER A 1 30  ? -5.322  10.645  -5.060  1.00 10.58 ? 30  SER A C   1 
ATOM   186 O  O   . SER A 1 30  ? -4.864  9.722   -5.702  1.00 10.37 ? 30  SER A O   1 
ATOM   187 C  CB  . SER A 1 30  ? -7.482  11.306  -6.026  1.00 20.35 ? 30  SER A CB  1 
ATOM   188 O  OG  . SER A 1 30  ? -8.319  12.388  -6.391  1.00 25.02 ? 30  SER A OG  1 
ATOM   189 N  N   . TRP A 1 31  ? -5.270  10.714  -3.733  1.00 9.77  ? 31  TRP A N   1 
ATOM   190 C  CA  . TRP A 1 31  ? -4.750  9.639   -2.896  1.00 9.19  ? 31  TRP A CA  1 
ATOM   191 C  C   . TRP A 1 31  ? -5.761  8.504   -2.860  1.00 10.48 ? 31  TRP A C   1 
ATOM   192 O  O   . TRP A 1 31  ? -6.854  8.707   -2.343  1.00 15.00 ? 31  TRP A O   1 
ATOM   193 C  CB  . TRP A 1 31  ? -4.443  10.122  -1.487  1.00 9.05  ? 31  TRP A CB  1 
ATOM   194 C  CG  . TRP A 1 31  ? -3.262  11.049  -1.439  1.00 8.76  ? 31  TRP A CG  1 
ATOM   195 C  CD1 . TRP A 1 31  ? -3.247  12.417  -1.263  1.00 8.77  ? 31  TRP A CD1 1 
ATOM   196 C  CD2 . TRP A 1 31  ? -1.894  10.644  -1.526  1.00 8.52  ? 31  TRP A CD2 1 
ATOM   197 N  NE1 . TRP A 1 31  ? -1.967  12.877  -1.279  1.00 8.61  ? 31  TRP A NE1 1 
ATOM   198 C  CE2 . TRP A 1 31  ? -1.111  11.811  -1.446  1.00 7.86  ? 31  TRP A CE2 1 
ATOM   199 C  CE3 . TRP A 1 31  ? -1.242  9.425   -1.692  1.00 7.71  ? 31  TRP A CE3 1 
ATOM   200 C  CZ2 . TRP A 1 31  ? 0.279   11.773  -1.469  1.00 8.33  ? 31  TRP A CZ2 1 
ATOM   201 C  CZ3 . TRP A 1 31  ? 0.127   9.379   -1.719  1.00 8.03  ? 31  TRP A CZ3 1 
ATOM   202 C  CH2 . TRP A 1 31  ? 0.871   10.533  -1.575  1.00 8.09  ? 31  TRP A CH2 1 
ATOM   203 N  N   . GLY A 1 32  ? -5.349  7.325   -3.304  1.00 7.49  ? 32  GLY A N   1 
ATOM   204 C  CA  . GLY A 1 32  ? -6.210  6.189   -3.283  1.00 8.31  ? 32  GLY A CA  1 
ATOM   205 C  C   . GLY A 1 32  ? -5.606  5.047   -2.508  1.00 7.87  ? 32  GLY A C   1 
ATOM   206 O  O   . GLY A 1 32  ? -4.402  5.033   -2.253  1.00 8.81  ? 32  GLY A O   1 
ATOM   207 N  N   . THR A 1 33  ? -6.461  4.102   -2.164  1.00 7.71  ? 33  THR A N   1 
ATOM   208 C  CA  . THR A 1 33  ? -6.043  2.965   -1.370  1.00 7.23  ? 33  THR A CA  1 
ATOM   209 C  C   . THR A 1 33  ? -5.725  1.760   -2.247  1.00 6.98  ? 33  THR A C   1 
ATOM   210 O  O   . THR A 1 33  ? -5.862  1.764   -3.476  1.00 8.09  ? 33  THR A O   1 
ATOM   211 C  CB  . THR A 1 33  ? -7.071  2.644   -0.291  1.00 7.92  ? 33  THR A CB  1 
ATOM   212 O  OG1 . THR A 1 33  ? -8.260  2.283   -0.990  1.00 7.66  ? 33  THR A OG1 1 
ATOM   213 C  CG2 . THR A 1 33  ? -7.319  3.798   0.647   1.00 8.79  ? 33  THR A CG2 1 
ATOM   214 N  N   . VAL A 1 34  ? -5.234  0.724   -1.581  1.00 6.69  ? 34  VAL A N   1 
ATOM   215 C  CA  . VAL A 1 34  ? -4.772  -0.507  -2.210  1.00 6.90  ? 34  VAL A CA  1 
ATOM   216 C  C   . VAL A 1 34  ? -5.569  -1.668  -1.639  1.00 7.36  ? 34  VAL A C   1 
ATOM   217 O  O   . VAL A 1 34  ? -5.579  -1.849  -0.437  1.00 7.60  ? 34  VAL A O   1 
ATOM   218 C  CB  . VAL A 1 34  ? -3.262  -0.682  -1.988  1.00 7.26  ? 34  VAL A CB  1 
ATOM   219 C  CG1 . VAL A 1 34  ? -2.785  -1.982  -2.624  1.00 7.85  ? 34  VAL A CG1 1 
ATOM   220 C  CG2 . VAL A 1 34  ? -2.529  0.504   -2.557  1.00 7.91  ? 34  VAL A CG2 1 
ATOM   221 N  N   . CYS A 1 35  ? -6.267  -2.433  -2.458  1.00 7.92  ? 35  CYS A N   1 
ATOM   222 C  CA  . CYS A 1 35  ? -7.039  -3.564  -1.990  1.00 8.85  ? 35  CYS A CA  1 
ATOM   223 C  C   . CYS A 1 35  ? -6.137  -4.733  -1.655  1.00 9.92  ? 35  CYS A C   1 
ATOM   224 O  O   . CYS A 1 35  ? -5.168  -4.990  -2.364  1.00 11.67 ? 35  CYS A O   1 
ATOM   225 C  CB  . CYS A 1 35  ? -7.995  -3.907  -3.108  1.00 10.11 ? 35  CYS A CB  1 
ATOM   226 S  SG  . CYS A 1 35  ? -9.013  -5.338  -2.700  1.00 11.20 ? 35  CYS A SG  1 
ATOM   227 N  N   . ASP A 1 36  ? -6.506  -5.469  -0.603  1.00 9.75  ? 36  ASP A N   1 
ATOM   228 C  CA  . ASP A 1 36  ? -5.706  -6.626  -0.127  1.00 9.93  ? 36  ASP A CA  1 
ATOM   229 C  C   . ASP A 1 36  ? -6.139  -7.950  -0.776  1.00 13.13 ? 36  ASP A C   1 
ATOM   230 O  O   . ASP A 1 36  ? -5.728  -8.964  -0.251  1.00 15.55 ? 36  ASP A O   1 
ATOM   231 C  CB  . ASP A 1 36  ? -5.826  -6.763  1.394   1.00 11.18 ? 36  ASP A CB  1 
ATOM   232 C  CG  . ASP A 1 36  ? -7.184  -7.226  1.900   1.00 11.69 ? 36  ASP A CG  1 
ATOM   233 O  OD1 . ASP A 1 36  ? -8.071  -7.500  1.085   1.00 12.80 ? 36  ASP A OD1 1 
ATOM   234 O  OD2 . ASP A 1 36  ? -7.336  -7.320  3.115   1.00 14.02 ? 36  ASP A OD2 1 
ATOM   235 N  N   . ASP A 1 37  ? -6.865  -7.920  -1.890  1.00 12.20 ? 37  ASP A N   1 
ATOM   236 C  CA  . ASP A 1 37  ? -7.381  -9.198  -2.476  1.00 14.28 ? 37  ASP A CA  1 
ATOM   237 C  C   . ASP A 1 37  ? -6.175  -10.111 -2.587  1.00 16.94 ? 37  ASP A C   1 
ATOM   238 O  O   . ASP A 1 37  ? -6.349  -11.326 -2.478  1.00 18.38 ? 37  ASP A O   1 
ATOM   239 C  CB  . ASP A 1 37  ? -8.236  -9.031  -3.726  1.00 14.50 ? 37  ASP A CB  1 
ATOM   240 C  CG  . ASP A 1 37  ? -7.709  -8.073  -4.760  1.00 15.81 ? 37  ASP A CG  1 
ATOM   241 O  OD1 . ASP A 1 37  ? -6.545  -7.671  -4.668  1.00 13.94 ? 37  ASP A OD1 1 
ATOM   242 O  OD2 . ASP A 1 37  ? -8.502  -7.742  -5.617  1.00 16.95 ? 37  ASP A OD2 1 
ATOM   243 N  N   . TYR A 1 38  ? -5.042  -9.528  -2.903  1.00 13.49 ? 38  TYR A N   1 
ATOM   244 C  CA  . TYR A 1 38  ? -3.774  -10.235 -2.697  1.00 13.26 ? 38  TYR A CA  1 
ATOM   245 C  C   . TYR A 1 38  ? -2.860  -9.169  -2.097  1.00 14.22 ? 38  TYR A C   1 
ATOM   246 O  O   . TYR A 1 38  ? -2.777  -8.077  -2.637  1.00 15.74 ? 38  TYR A O   1 
ATOM   247 C  CB  . TYR A 1 38  ? -3.075  -10.844 -3.909  1.00 15.89 ? 38  TYR A CB  1 
ATOM   248 C  CG  . TYR A 1 38  ? -1.855  -11.595 -3.460  1.00 15.65 ? 38  TYR A CG  1 
ATOM   249 C  CD1 . TYR A 1 38  ? -1.974  -12.823 -2.833  1.00 16.52 ? 38  TYR A CD1 1 
ATOM   250 C  CD2 . TYR A 1 38  ? -0.602  -11.025 -3.555  1.00 13.78 ? 38  TYR A CD2 1 
ATOM   251 C  CE1 . TYR A 1 38  ? -0.861  -13.500 -2.368  1.00 14.79 ? 38  TYR A CE1 1 
ATOM   252 C  CE2 . TYR A 1 38  ? 0.519   -11.686 -3.095  1.00 13.81 ? 38  TYR A CE2 1 
ATOM   253 C  CZ  . TYR A 1 38  ? 0.388   -12.928 -2.504  1.00 14.18 ? 38  TYR A CZ  1 
ATOM   254 O  OH  . TYR A 1 38  ? 1.507   -13.570 -2.055  1.00 15.43 ? 38  TYR A OH  1 
ATOM   255 N  N   . TRP A 1 39  ? -2.247  -9.506  -0.989  1.00 11.05 ? 39  TRP A N   1 
ATOM   256 C  CA  . TRP A 1 39  ? -1.313  -8.583  -0.325  1.00 10.27 ? 39  TRP A CA  1 
ATOM   257 C  C   . TRP A 1 39  ? -0.405  -9.460  0.525   1.00 11.66 ? 39  TRP A C   1 
ATOM   258 O  O   . TRP A 1 39  ? -0.876  -10.417 1.092   1.00 15.81 ? 39  TRP A O   1 
ATOM   259 C  CB  . TRP A 1 39  ? -2.075  -7.517  0.480   1.00 9.86  ? 39  TRP A CB  1 
ATOM   260 C  CG  . TRP A 1 39  ? -1.232  -6.417  1.042   1.00 9.56  ? 39  TRP A CG  1 
ATOM   261 C  CD1 . TRP A 1 39  ? -0.913  -6.216  2.352   1.00 9.19  ? 39  TRP A CD1 1 
ATOM   262 C  CD2 . TRP A 1 39  ? -0.593  -5.360  0.309   1.00 7.69  ? 39  TRP A CD2 1 
ATOM   263 N  NE1 . TRP A 1 39  ? -0.122  -5.108  2.482   1.00 9.37  ? 39  TRP A NE1 1 
ATOM   264 C  CE2 . TRP A 1 39  ? 0.091   -4.561  1.248   1.00 8.26  ? 39  TRP A CE2 1 
ATOM   265 C  CE3 . TRP A 1 39  ? -0.539  -5.003  -1.042  1.00 7.97  ? 39  TRP A CE3 1 
ATOM   266 C  CZ2 . TRP A 1 39  ? 0.829   -3.441  0.876   1.00 8.74  ? 39  TRP A CZ2 1 
ATOM   267 C  CZ3 . TRP A 1 39  ? 0.188   -3.895  -1.408  1.00 7.77  ? 39  TRP A CZ3 1 
ATOM   268 C  CH2 . TRP A 1 39  ? 0.862   -3.123  -0.462  1.00 8.58  ? 39  TRP A CH2 1 
ATOM   269 N  N   . ASP A 1 40  ? 0.872   -9.173  0.493   1.00 9.51  ? 40  ASP A N   1 
ATOM   270 C  CA  . ASP A 1 40  ? 1.815   -10.003 1.208   1.00 9.65  ? 40  ASP A CA  1 
ATOM   271 C  C   . ASP A 1 40  ? 3.032   -9.181  1.668   1.00 9.44  ? 40  ASP A C   1 
ATOM   272 O  O   . ASP A 1 40  ? 3.110   -7.962  1.428   1.00 8.60  ? 40  ASP A O   1 
ATOM   273 C  CB  . ASP A 1 40  ? 2.272   -11.169 0.299   1.00 9.26  ? 40  ASP A CB  1 
ATOM   274 C  CG  . ASP A 1 40  ? 3.139   -10.831 -0.913  1.00 10.76 ? 40  ASP A CG  1 
ATOM   275 O  OD1 . ASP A 1 40  ? 3.488   -9.671  -1.068  1.00 9.13  ? 40  ASP A OD1 1 
ATOM   276 O  OD2 . ASP A 1 40  ? 3.377   -11.773 -1.766  1.00 11.68 ? 40  ASP A OD2 1 
ATOM   277 N  N   . THR A 1 41  ? 4.015   -9.883  2.260   1.00 10.32 ? 41  THR A N   1 
ATOM   278 C  CA  . THR A 1 41  ? 5.172   -9.175  2.795   1.00 9.92  ? 41  THR A CA  1 
ATOM   279 C  C   . THR A 1 41  ? 6.148   -8.791  1.701   1.00 8.54  ? 41  THR A C   1 
ATOM   280 O  O   . THR A 1 41  ? 6.972   -7.917  1.904   1.00 9.27  ? 41  THR A O   1 
ATOM   281 C  CB  . THR A 1 41  ? 5.824   -9.944  3.921   1.00 13.30 ? 41  THR A CB  1 
ATOM   282 O  OG1 . THR A 1 41  ? 6.125   -11.241 3.428   1.00 15.80 ? 41  THR A OG1 1 
ATOM   283 C  CG2 . THR A 1 41  ? 4.907   -10.034 5.114   1.00 14.89 ? 41  THR A CG2 1 
ATOM   284 N  N   . ASN A 1 42  ? 6.079   -9.395  0.532   1.00 7.94  ? 42  ASN A N   1 
ATOM   285 C  CA  . ASN A 1 42  ? 6.837   -8.871  -0.603  1.00 7.93  ? 42  ASN A CA  1 
ATOM   286 C  C   . ASN A 1 42  ? 6.367   -7.459  -0.941  1.00 7.72  ? 42  ASN A C   1 
ATOM   287 O  O   . ASN A 1 42  ? 7.165   -6.553  -1.155  1.00 8.04  ? 42  ASN A O   1 
ATOM   288 C  CB  . ASN A 1 42  ? 6.682   -9.757  -1.823  1.00 7.87  ? 42  ASN A CB  1 
ATOM   289 C  CG  . ASN A 1 42  ? 7.229   -11.166 -1.623  1.00 7.88  ? 42  ASN A CG  1 
ATOM   290 O  OD1 . ASN A 1 42  ? 6.482   -12.159 -1.733  1.00 10.11 ? 42  ASN A OD1 1 
ATOM   291 N  ND2 . ASN A 1 42  ? 8.504   -11.248 -1.357  1.00 7.20  ? 42  ASN A ND2 1 
ATOM   292 N  N   . ASP A 1 43  ? 5.049   -7.289  -1.054  1.00 7.19  ? 43  ASP A N   1 
ATOM   293 C  CA  . ASP A 1 43  ? 4.482   -5.988  -1.281  1.00 6.38  ? 43  ASP A CA  1 
ATOM   294 C  C   . ASP A 1 43  ? 4.880   -4.999  -0.181  1.00 6.58  ? 43  ASP A C   1 
ATOM   295 O  O   . ASP A 1 43  ? 5.262   -3.883  -0.448  1.00 6.36  ? 43  ASP A O   1 
ATOM   296 C  CB  . ASP A 1 43  ? 2.961   -6.096  -1.342  1.00 6.61  ? 43  ASP A CB  1 
ATOM   297 C  CG  . ASP A 1 43  ? 2.414   -6.898  -2.497  1.00 7.70  ? 43  ASP A CG  1 
ATOM   298 O  OD1 . ASP A 1 43  ? 3.113   -7.081  -3.503  1.00 9.13  ? 43  ASP A OD1 1 
ATOM   299 O  OD2 . ASP A 1 43  ? 1.208   -7.358  -2.422  1.00 7.77  ? 43  ASP A OD2 1 
ATOM   300 N  N   . ALA A 1 44  ? 4.775   -5.443  1.083   1.00 6.21  ? 44  ALA A N   1 
ATOM   301 C  CA  . ALA A 1 44  ? 5.121   -4.579  2.205   1.00 6.69  ? 44  ALA A CA  1 
ATOM   302 C  C   . ALA A 1 44  ? 6.590   -4.197  2.156   1.00 6.38  ? 44  ALA A C   1 
ATOM   303 O  O   . ALA A 1 44  ? 6.929   -3.083  2.510   1.00 7.13  ? 44  ALA A O   1 
ATOM   304 C  CB  . ALA A 1 44  ? 4.716   -5.225  3.507   1.00 6.88  ? 44  ALA A CB  1 
ATOM   305 N  N   . ASN A 1 45  ? 7.456   -5.150  1.791   1.00 6.58  ? 45  ASN A N   1 
ATOM   306 C  CA  . ASN A 1 45  ? 8.870   -4.806  1.746   1.00 7.00  ? 45  ASN A CA  1 
ATOM   307 C  C   . ASN A 1 45  ? 9.129   -3.736  0.692   1.00 7.34  ? 45  ASN A C   1 
ATOM   308 O  O   . ASN A 1 45  ? 9.973   -2.872  0.897   1.00 8.58  ? 45  ASN A O   1 
ATOM   309 C  CB  . ASN A 1 45  ? 9.750   -6.022  1.490   1.00 7.65  ? 45  ASN A CB  1 
ATOM   310 C  CG  . ASN A 1 45  ? 9.993   -6.841  2.736   1.00 9.53  ? 45  ASN A CG  1 
ATOM   311 O  OD1 . ASN A 1 45  ? 10.014  -6.343  3.838   1.00 13.86 ? 45  ASN A OD1 1 
ATOM   312 N  ND2 . ASN A 1 45  ? 10.154  -8.144  2.556   1.00 14.86 ? 45  ASN A ND2 1 
ATOM   313 N  N   . VAL A 1 46  ? 8.459   -3.802  -0.469  1.00 6.73  ? 46  VAL A N   1 
ATOM   314 C  CA  . VAL A 1 46  ? 8.653   -2.771  -1.474  1.00 6.82  ? 46  VAL A CA  1 
ATOM   315 C  C   . VAL A 1 46  ? 8.218   -1.413  -0.919  1.00 6.89  ? 46  VAL A C   1 
ATOM   316 O  O   . VAL A 1 46  ? 8.902   -0.419  -1.102  1.00 7.17  ? 46  VAL A O   1 
ATOM   317 C  CB  . VAL A 1 46  ? 7.914   -3.136  -2.751  1.00 6.98  ? 46  VAL A CB  1 
ATOM   318 C  CG1 . VAL A 1 46  ? 7.810   -1.960  -3.703  1.00 6.85  ? 46  VAL A CG1 1 
ATOM   319 C  CG2 . VAL A 1 46  ? 8.513   -4.352  -3.437  1.00 7.58  ? 46  VAL A CG2 1 
ATOM   320 N  N   . VAL A 1 47  ? 7.059   -1.390  -0.251  1.00 6.92  ? 47  VAL A N   1 
ATOM   321 C  CA  . VAL A 1 47  ? 6.579   -0.154  0.350   1.00 7.21  ? 47  VAL A CA  1 
ATOM   322 C  C   . VAL A 1 47  ? 7.578   0.391   1.356   1.00 7.50  ? 47  VAL A C   1 
ATOM   323 O  O   . VAL A 1 47  ? 7.882   1.588   1.320   1.00 7.59  ? 47  VAL A O   1 
ATOM   324 C  CB  . VAL A 1 47  ? 5.208   -0.385  1.006   1.00 7.35  ? 47  VAL A CB  1 
ATOM   325 C  CG1 . VAL A 1 47  ? 4.821   0.760   1.920   1.00 7.36  ? 47  VAL A CG1 1 
ATOM   326 C  CG2 . VAL A 1 47  ? 4.145   -0.618  -0.033  1.00 7.79  ? 47  VAL A CG2 1 
ATOM   327 N  N   . CYS A 1 48  ? 8.015   -0.452  2.288   1.00 6.77  ? 48  CYS A N   1 
ATOM   328 C  CA  . CYS A 1 48  ? 8.913   -0.010  3.337   1.00 8.12  ? 48  CYS A CA  1 
ATOM   329 C  C   . CYS A 1 48  ? 10.213  0.535   2.751   1.00 7.96  ? 48  CYS A C   1 
ATOM   330 O  O   . CYS A 1 48  ? 10.715  1.598   3.184   1.00 9.17  ? 48  CYS A O   1 
ATOM   331 C  CB  . CYS A 1 48  ? 9.176   -1.069  4.393   1.00 9.47  ? 48  CYS A CB  1 
ATOM   332 S  SG  . CYS A 1 48  ? 7.687   -1.559  5.290   1.00 9.49  ? 48  CYS A SG  1 
ATOM   333 N  N   . ARG A 1 49  ? 10.735  -0.150  1.763   1.00 7.66  ? 49  ARG A N   1 
ATOM   334 C  CA  . ARG A 1 49  ? 11.987  0.325   1.126   1.00 9.66  ? 49  ARG A CA  1 
ATOM   335 C  C   . ARG A 1 49  ? 11.771  1.658   0.397   1.00 9.14  ? 49  ARG A C   1 
ATOM   336 O  O   . ARG A 1 49  ? 12.596  2.549   0.556   1.00 9.47  ? 49  ARG A O   1 
ATOM   337 C  CB  . ARG A 1 49  ? 12.486  -0.771  0.183   1.00 10.48 ? 49  ARG A CB  1 
ATOM   338 C  CG  . ARG A 1 49  ? 13.847  -0.473  -0.428  1.00 14.18 ? 49  ARG A CG  1 
ATOM   339 C  CD  . ARG A 1 49  ? 14.191  -1.465  -1.523  1.00 16.51 ? 49  ARG A CD  1 
ATOM   340 N  NE  . ARG A 1 49  ? 14.239  -2.829  -1.034  1.00 18.80 ? 49  ARG A NE  1 
ATOM   341 C  CZ  . ARG A 1 49  ? 13.395  -3.794  -1.369  1.00 18.18 ? 49  ARG A CZ  1 
ATOM   342 N  NH1 . ARG A 1 49  ? 12.364  -3.548  -2.154  1.00 15.75 ? 49  ARG A NH1 1 
ATOM   343 N  NH2 . ARG A 1 49  ? 13.589  -5.015  -0.906  1.00 20.70 ? 49  ARG A NH2 1 
ATOM   344 N  N   . GLN A 1 50  ? 10.691  1.758   -0.364  1.00 8.47  ? 50  GLN A N   1 
ATOM   345 C  CA  . GLN A 1 50  ? 10.472  2.969   -1.156  1.00 9.30  ? 50  GLN A CA  1 
ATOM   346 C  C   . GLN A 1 50  ? 10.357  4.195   -0.237  1.00 9.84  ? 50  GLN A C   1 
ATOM   347 O  O   . GLN A 1 50  ? 10.734  5.311   -0.605  1.00 10.57 ? 50  GLN A O   1 
ATOM   348 C  CB  . GLN A 1 50  ? 9.276   2.642   -2.037  1.00 11.44 ? 50  GLN A CB  1 
ATOM   349 C  CG  . GLN A 1 50  ? 8.742   3.767   -2.872  1.00 13.75 ? 50  GLN A CG  1 
ATOM   350 C  CD  . GLN A 1 50  ? 7.408   3.349   -3.469  1.00 14.95 ? 50  GLN A CD  1 
ATOM   351 O  OE1 . GLN A 1 50  ? 6.900   2.222   -3.322  1.00 15.11 ? 50  GLN A OE1 1 
ATOM   352 N  NE2 . GLN A 1 50  ? 6.796   4.337   -4.085  1.00 17.87 ? 50  GLN A NE2 1 
ATOM   353 N  N   . LEU A 1 51  ? 9.829   4.021   0.975   1.00 7.92  ? 51  LEU A N   1 
ATOM   354 C  CA  . LEU A 1 51  ? 9.657   5.085   1.935   1.00 8.70  ? 51  LEU A CA  1 
ATOM   355 C  C   . LEU A 1 51  ? 10.877  5.308   2.819   1.00 8.03  ? 51  LEU A C   1 
ATOM   356 O  O   . LEU A 1 51  ? 10.833  6.158   3.705   1.00 9.42  ? 51  LEU A O   1 
ATOM   357 C  CB  . LEU A 1 51  ? 8.429   4.731   2.784   1.00 9.66  ? 51  LEU A CB  1 
ATOM   358 C  CG  . LEU A 1 51  ? 7.095   4.824   2.045   1.00 10.59 ? 51  LEU A CG  1 
ATOM   359 C  CD1 . LEU A 1 51  ? 5.933   4.461   2.959   1.00 11.55 ? 51  LEU A CD1 1 
ATOM   360 C  CD2 . LEU A 1 51  ? 6.885   6.211   1.508   1.00 12.54 ? 51  LEU A CD2 1 
ATOM   361 N  N   . GLY A 1 52  ? 11.905  4.477   2.698   1.00 7.91  ? 52  GLY A N   1 
ATOM   362 C  CA  . GLY A 1 52  ? 13.054  4.606   3.593   1.00 9.30  ? 52  GLY A CA  1 
ATOM   363 C  C   . GLY A 1 52  ? 12.687  4.240   5.027   1.00 9.76  ? 52  GLY A C   1 
ATOM   364 O  O   . GLY A 1 52  ? 13.228  4.807   5.987   1.00 10.14 ? 52  GLY A O   1 
ATOM   365 N  N   . CYS A 1 53  ? 11.802  3.230   5.192   1.00 9.28  ? 53  CYS A N   1 
ATOM   366 C  CA  . CYS A 1 53  ? 11.315  2.832   6.513   1.00 9.25  ? 53  CYS A CA  1 
ATOM   367 C  C   . CYS A 1 53  ? 11.881  1.476   6.966   1.00 9.24  ? 53  CYS A C   1 
ATOM   368 O  O   . CYS A 1 53  ? 11.324  0.820   7.851   1.00 9.75  ? 53  CYS A O   1 
ATOM   369 C  CB  . CYS A 1 53  ? 9.790   2.707   6.502   1.00 9.71  ? 53  CYS A CB  1 
ATOM   370 S  SG  . CYS A 1 53  ? 8.913   4.285   6.376   1.00 9.90  ? 53  CYS A SG  1 
ATOM   371 N  N   . GLY A 1 54  ? 12.933  0.985   6.315   1.00 9.25  ? 54  GLY A N   1 
ATOM   372 C  CA  . GLY A 1 54  ? 13.519  -0.298  6.677   1.00 10.21 ? 54  GLY A CA  1 
ATOM   373 C  C   . GLY A 1 54  ? 12.834  -1.434  5.923   1.00 10.50 ? 54  GLY A C   1 
ATOM   374 O  O   . GLY A 1 54  ? 12.668  -1.405  4.700   1.00 11.11 ? 54  GLY A O   1 
ATOM   375 N  N   . TRP A 1 55  ? 12.474  -2.481  6.677   1.00 10.17 ? 55  TRP A N   1 
ATOM   376 C  CA  . TRP A 1 55  ? 11.874  -3.691  6.134   1.00 11.25 ? 55  TRP A CA  1 
ATOM   377 C  C   . TRP A 1 55  ? 10.486  -3.885  6.743   1.00 9.34  ? 55  TRP A C   1 
ATOM   378 O  O   . TRP A 1 55  ? 10.163  -3.346  7.806   1.00 9.38  ? 55  TRP A O   1 
ATOM   379 C  CB  . TRP A 1 55  ? 12.769  -4.933  6.360   1.00 12.71 ? 55  TRP A CB  1 
ATOM   380 C  CG  . TRP A 1 55  ? 13.107  -5.205  7.800   1.00 15.00 ? 55  TRP A CG  1 
ATOM   381 C  CD1 . TRP A 1 55  ? 12.488  -6.082  8.650   1.00 16.75 ? 55  TRP A CD1 1 
ATOM   382 C  CD2 . TRP A 1 55  ? 14.176  -4.617  8.564   1.00 15.49 ? 55  TRP A CD2 1 
ATOM   383 N  NE1 . TRP A 1 55  ? 13.060  -6.027  9.894   1.00 16.22 ? 55  TRP A NE1 1 
ATOM   384 C  CE2 . TRP A 1 55  ? 14.095  -5.133  9.875   1.00 16.95 ? 55  TRP A CE2 1 
ATOM   385 C  CE3 . TRP A 1 55  ? 15.161  -3.662  8.295   1.00 16.95 ? 55  TRP A CE3 1 
ATOM   386 C  CZ2 . TRP A 1 55  ? 14.958  -4.732  10.900  1.00 18.80 ? 55  TRP A CZ2 1 
ATOM   387 C  CZ3 . TRP A 1 55  ? 16.011  -3.270  9.309   1.00 18.25 ? 55  TRP A CZ3 1 
ATOM   388 C  CH2 . TRP A 1 55  ? 15.926  -3.817  10.579  1.00 18.30 ? 55  TRP A CH2 1 
ATOM   389 N  N   . ALA A 1 56  ? 9.667   -4.655  6.053   1.00 9.60  ? 56  ALA A N   1 
ATOM   390 C  CA  . ALA A 1 56  ? 8.353   -4.959  6.569   1.00 9.31  ? 56  ALA A CA  1 
ATOM   391 C  C   . ALA A 1 56  ? 8.454   -5.982  7.703   1.00 10.57 ? 56  ALA A C   1 
ATOM   392 O  O   . ALA A 1 56  ? 9.175   -6.965  7.580   1.00 12.32 ? 56  ALA A O   1 
ATOM   393 C  CB  . ALA A 1 56  ? 7.491   -5.473  5.444   1.00 10.12 ? 56  ALA A CB  1 
ATOM   394 N  N   . THR A 1 57  ? 7.713   -5.735  8.756   1.00 9.81  ? 57  THR A N   1 
ATOM   395 C  CA  . THR A 1 57  ? 7.539   -6.746  9.785   1.00 10.69 ? 57  THR A CA  1 
ATOM   396 C  C   . THR A 1 57  ? 6.185   -7.408  9.650   1.00 11.59 ? 57  THR A C   1 
ATOM   397 O  O   . THR A 1 57  ? 6.075   -8.562  10.038  1.00 12.50 ? 57  THR A O   1 
ATOM   398 C  CB  . THR A 1 57  ? 7.806   -6.176  11.178  1.00 11.79 ? 57  THR A CB  1 
ATOM   399 O  OG1 . THR A 1 57  ? 6.919   -5.116  11.478  1.00 12.09 ? 57  THR A OG1 1 
ATOM   400 C  CG2 . THR A 1 57  ? 9.217   -5.627  11.306  1.00 14.40 ? 57  THR A CG2 1 
ATOM   401 N  N   . SER A 1 58  ? 5.190   -6.707  9.128   1.00 10.41 ? 58  SER A N   1 
ATOM   402 C  CA  . SER A 1 58  ? 3.944   -7.359  8.750   1.00 9.91  ? 58  SER A CA  1 
ATOM   403 C  C   . SER A 1 58  ? 3.206   -6.502  7.723   1.00 8.81  ? 58  SER A C   1 
ATOM   404 O  O   . SER A 1 58  ? 3.589   -5.360  7.443   1.00 9.27  ? 58  SER A O   1 
ATOM   405 C  CB  . SER A 1 58  ? 3.073   -7.685  9.956   1.00 10.45 ? 58  SER A CB  1 
ATOM   406 O  OG  . SER A 1 58  ? 2.623   -6.487  10.613  1.00 10.51 ? 58  SER A OG  1 
ATOM   407 N  N   . ALA A 1 59  ? 2.178   -7.108  7.132   1.00 7.97  ? 59  ALA A N   1 
ATOM   408 C  CA  . ALA A 1 59  ? 1.467   -6.524  6.007   1.00 7.64  ? 59  ALA A CA  1 
ATOM   409 C  C   . ALA A 1 59  ? -0.024  -6.689  6.269   1.00 6.76  ? 59  ALA A C   1 
ATOM   410 O  O   . ALA A 1 59  ? -0.716  -7.321  5.446   1.00 8.78  ? 59  ALA A O   1 
ATOM   411 C  CB  . ALA A 1 59  ? 1.832   -7.168  4.718   1.00 7.70  ? 59  ALA A CB  1 
ATOM   412 N  N   . PRO A 1 60  ? -0.548  -6.058  7.319   1.00 8.45  ? 60  PRO A N   1 
ATOM   413 C  CA  . PRO A 1 60  ? -1.947  -6.356  7.620   1.00 7.95  ? 60  PRO A CA  1 
ATOM   414 C  C   . PRO A 1 60  ? -2.965  -5.778  6.643   1.00 7.44  ? 60  PRO A C   1 
ATOM   415 O  O   . PRO A 1 60  ? -2.952  -4.579  6.347   1.00 8.42  ? 60  PRO A O   1 
ATOM   416 C  CB  . PRO A 1 60  ? -2.120  -5.674  8.983   1.00 8.22  ? 60  PRO A CB  1 
ATOM   417 C  CG  . PRO A 1 60  ? -1.114  -4.540  8.947   1.00 8.82  ? 60  PRO A CG  1 
ATOM   418 C  CD  . PRO A 1 60  ? 0.096   -5.206  8.342   1.00 8.30  ? 60  PRO A CD  1 
ATOM   419 N  N   . GLY A 1 61  ? -3.881  -6.641  6.202   1.00 7.74  ? 61  GLY A N   1 
ATOM   420 C  CA  . GLY A 1 61  ? -4.998  -6.266  5.352   1.00 8.07  ? 61  GLY A CA  1 
ATOM   421 C  C   . GLY A 1 61  ? -6.238  -5.924  6.187   1.00 8.09  ? 61  GLY A C   1 
ATOM   422 O  O   . GLY A 1 61  ? -6.156  -5.588  7.362   1.00 8.74  ? 61  GLY A O   1 
ATOM   423 N  N   . ASN A 1 62  ? -7.383  -6.036  5.535   1.00 9.39  ? 62  ASN A N   1 
ATOM   424 C  CA  . ASN A 1 62  ? -8.686  -5.910  6.168   1.00 10.18 ? 62  ASN A CA  1 
ATOM   425 C  C   . ASN A 1 62  ? -8.876  -4.582  6.885   1.00 10.52 ? 62  ASN A C   1 
ATOM   426 O  O   . ASN A 1 62  ? -9.525  -4.482  7.938   1.00 12.50 ? 62  ASN A O   1 
ATOM   427 C  CB  . ASN A 1 62  ? -8.918  -7.114  7.078   1.00 12.54 ? 62  ASN A CB  1 
ATOM   428 C  CG  . ASN A 1 62  ? -9.182  -8.318  6.210   1.00 18.68 ? 62  ASN A CG  1 
ATOM   429 O  OD1 . ASN A 1 62  ? -10.250 -8.377  5.586   1.00 24.22 ? 62  ASN A OD1 1 
ATOM   430 N  ND2 . ASN A 1 62  ? -8.262  -9.272  6.192   1.00 25.77 ? 62  ASN A ND2 1 
ATOM   431 N  N   . ALA A 1 63  ? -8.370  -3.501  6.276   1.00 9.31  ? 63  ALA A N   1 
ATOM   432 C  CA  . ALA A 1 63  ? -8.579  -2.172  6.869   1.00 9.53  ? 63  ALA A CA  1 
ATOM   433 C  C   . ALA A 1 63  ? -8.146  -2.103  8.325   1.00 10.37 ? 63  ALA A C   1 
ATOM   434 O  O   . ALA A 1 63  ? -8.778  -1.384  9.107   1.00 10.39 ? 63  ALA A O   1 
ATOM   435 C  CB  . ALA A 1 63  ? -10.011 -1.717  6.638   1.00 9.84  ? 63  ALA A CB  1 
ATOM   436 N  N   . ARG A 1 64  ? -7.005  -2.689  8.628   1.00 10.31 ? 64  ARG A N   1 
ATOM   437 C  CA  . ARG A 1 64  ? -6.499  -2.663  9.994   1.00 10.06 ? 64  ARG A CA  1 
ATOM   438 C  C   . ARG A 1 64  ? -6.230  -1.243  10.472  1.00 11.51 ? 64  ARG A C   1 
ATOM   439 O  O   . ARG A 1 64  ? -6.402  -0.952  11.655  1.00 11.73 ? 64  ARG A O   1 
ATOM   440 C  CB  . ARG A 1 64  ? -5.261  -3.548  10.126  1.00 11.89 ? 64  ARG A CB  1 
ATOM   441 C  CG  . ARG A 1 64  ? -4.694  -3.628  11.536  1.00 14.08 ? 64  ARG A CG  1 
ATOM   442 C  CD  . ARG A 1 64  ? -3.572  -2.639  11.620  1.00 14.41 ? 64  ARG A CD  1 
ATOM   443 N  NE  . ARG A 1 64  ? -2.983  -2.608  12.944  1.00 15.28 ? 64  ARG A NE  1 
ATOM   444 C  CZ  . ARG A 1 64  ? -3.411  -1.880  13.947  1.00 17.28 ? 64  ARG A CZ  1 
ATOM   445 N  NH1 . ARG A 1 64  ? -2.757  -1.964  15.101  1.00 21.78 ? 64  ARG A NH1 1 
ATOM   446 N  NH2 . ARG A 1 64  ? -4.428  -1.049  13.790  1.00 17.52 ? 64  ARG A NH2 1 
ATOM   447 N  N   . PHE A 1 65  ? -5.806  -0.371  9.561   1.00 11.53 ? 65  PHE A N   1 
ATOM   448 C  CA  . PHE A 1 65  ? -5.554  1.010   9.867   1.00 11.97 ? 65  PHE A CA  1 
ATOM   449 C  C   . PHE A 1 65  ? -6.676  1.869   9.329   1.00 13.29 ? 65  PHE A C   1 
ATOM   450 O  O   . PHE A 1 65  ? -6.446  3.015   8.945   1.00 15.57 ? 65  PHE A O   1 
ATOM   451 C  CB  . PHE A 1 65  ? -4.230  1.459   9.250   1.00 13.18 ? 65  PHE A CB  1 
ATOM   452 C  CG  . PHE A 1 65  ? -3.011  0.843   9.890   1.00 11.25 ? 65  PHE A CG  1 
ATOM   453 C  CD1 . PHE A 1 65  ? -2.635  1.117   11.193  1.00 11.48 ? 65  PHE A CD1 1 
ATOM   454 C  CD2 . PHE A 1 65  ? -2.292  -0.121  9.216   1.00 10.62 ? 65  PHE A CD2 1 
ATOM   455 C  CE1 . PHE A 1 65  ? -1.488  0.545   11.722  1.00 11.57 ? 65  PHE A CE1 1 
ATOM   456 C  CE2 . PHE A 1 65  ? -1.182  -0.704  9.754   1.00 10.77 ? 65  PHE A CE2 1 
ATOM   457 C  CZ  . PHE A 1 65  ? -0.761  -0.363  11.009  1.00 10.99 ? 65  PHE A CZ  1 
ATOM   458 N  N   . GLY A 1 66  ? -7.882  1.313   9.325   1.00 12.90 ? 66  GLY A N   1 
ATOM   459 C  CA  . GLY A 1 66  ? -9.035  2.054   8.869   1.00 12.77 ? 66  GLY A CA  1 
ATOM   460 C  C   . GLY A 1 66  ? -9.252  2.022   7.367   1.00 13.79 ? 66  GLY A C   1 
ATOM   461 O  O   . GLY A 1 66  ? -8.405  1.614   6.568   1.00 13.38 ? 66  GLY A O   1 
ATOM   462 N  N   . GLN A 1 67  ? -10.456 2.449   7.007   1.00 14.41 ? 67  GLN A N   1 
ATOM   463 C  CA  . GLN A 1 67  ? -10.884 2.546   5.631   1.00 15.87 ? 67  GLN A CA  1 
ATOM   464 C  C   . GLN A 1 67  ? -10.579 3.929   5.084   1.00 16.50 ? 67  GLN A C   1 
ATOM   465 O  O   . GLN A 1 67  ? -10.900 4.964   5.706   1.00 16.79 ? 67  GLN A O   1 
ATOM   466 C  CB  . GLN A 1 67  ? -12.381 2.281   5.576   1.00 16.51 ? 67  GLN A CB  1 
ATOM   467 C  CG  . GLN A 1 67  ? -12.780 0.907   6.091   1.00 16.38 ? 67  GLN A CG  1 
ATOM   468 C  CD  . GLN A 1 67  ? -14.186 0.569   5.680   1.00 18.51 ? 67  GLN A CD  1 
ATOM   469 O  OE1 . GLN A 1 67  ? -14.785 1.252   4.858   1.00 21.97 ? 67  GLN A OE1 1 
ATOM   470 N  NE2 . GLN A 1 67  ? -14.691 -0.545  6.173   1.00 21.10 ? 67  GLN A NE2 1 
ATOM   471 N  N   . GLY A 1 68  ? -9.972  3.975   3.899   1.00 15.61 ? 68  GLY A N   1 
ATOM   472 C  CA  . GLY A 1 68  ? -9.787  5.224   3.206   1.00 19.08 ? 68  GLY A CA  1 
ATOM   473 C  C   . GLY A 1 68  ? -11.107 5.716   2.629   1.00 16.97 ? 68  GLY A C   1 
ATOM   474 O  O   . GLY A 1 68  ? -12.112 5.028   2.671   1.00 17.16 ? 68  GLY A O   1 
ATOM   475 N  N   . SER A 1 69  ? -11.066 6.933   2.122   1.00 22.84 ? 69  SER A N   1 
ATOM   476 C  CA  . SER A 1 69  ? -12.230 7.515   1.462   1.00 26.49 ? 69  SER A CA  1 
ATOM   477 C  C   . SER A 1 69  ? -11.973 7.662   -0.029  1.00 26.15 ? 69  SER A C   1 
ATOM   478 O  O   . SER A 1 69  ? -12.898 7.770   -0.814  1.00 29.82 ? 69  SER A O   1 
ATOM   479 C  CB  . SER A 1 69  ? -12.551 8.835   2.063   1.00 27.04 ? 69  SER A CB  1 
ATOM   480 O  OG  . SER A 1 69  ? -11.409 9.662   2.020   1.00 32.05 ? 69  SER A OG  1 
ATOM   481 N  N   . GLY A 1 70  ? -10.698 7.711   -0.405  1.00 21.05 ? 70  GLY A N   1 
ATOM   482 C  CA  . GLY A 1 70  ? -10.372 7.942   -1.791  1.00 19.77 ? 70  GLY A CA  1 
ATOM   483 C  C   . GLY A 1 70  ? -10.753 6.731   -2.633  1.00 18.91 ? 70  GLY A C   1 
ATOM   484 O  O   . GLY A 1 70  ? -11.149 5.673   -2.163  1.00 21.50 ? 70  GLY A O   1 
ATOM   485 N  N   . PRO A 1 71  ? -10.580 6.859   -3.961  1.00 16.15 ? 71  PRO A N   1 
ATOM   486 C  CA  . PRO A 1 71  ? -10.734 5.737   -4.878  1.00 17.33 ? 71  PRO A CA  1 
ATOM   487 C  C   . PRO A 1 71  ? -9.823  4.587   -4.474  1.00 14.84 ? 71  PRO A C   1 
ATOM   488 O  O   . PRO A 1 71  ? -8.859  4.806   -3.736  1.00 17.47 ? 71  PRO A O   1 
ATOM   489 C  CB  . PRO A 1 71  ? -10.243 6.353   -6.179  1.00 16.93 ? 71  PRO A CB  1 
ATOM   490 C  CG  . PRO A 1 71  ? -9.286  7.423   -5.719  1.00 17.19 ? 71  PRO A CG  1 
ATOM   491 C  CD  . PRO A 1 71  ? -9.955  8.049   -4.536  1.00 17.85 ? 71  PRO A CD  1 
ATOM   492 N  N   . ILE A 1 72  ? -10.221 3.338   -4.801  1.00 11.90 ? 72  ILE A N   1 
ATOM   493 C  CA  . ILE A 1 72  ? -9.322  2.217   -4.603  1.00 10.08 ? 72  ILE A CA  1 
ATOM   494 C  C   . ILE A 1 72  ? -8.540  2.054   -5.891  1.00 10.31 ? 72  ILE A C   1 
ATOM   495 O  O   . ILE A 1 72  ? -9.051  1.609   -6.905  1.00 11.76 ? 72  ILE A O   1 
ATOM   496 C  CB  . ILE A 1 72  ? -10.068 0.958   -4.169  1.00 10.29 ? 72  ILE A CB  1 
ATOM   497 C  CG1 . ILE A 1 72  ? -10.856 1.247   -2.899  1.00 11.15 ? 72  ILE A CG1 1 
ATOM   498 C  CG2 . ILE A 1 72  ? -9.048  -0.173  -3.983  1.00 10.01 ? 72  ILE A CG2 1 
ATOM   499 C  CD1 . ILE A 1 72  ? -11.860 0.143   -2.576  1.00 12.20 ? 72  ILE A CD1 1 
ATOM   500 N  N   . VAL A 1 73  ? -7.275  2.445   -5.860  1.00 8.46  ? 73  VAL A N   1 
ATOM   501 C  CA  . VAL A 1 73  ? -6.559  2.647   -7.105  1.00 8.30  ? 73  VAL A CA  1 
ATOM   502 C  C   . VAL A 1 73  ? -5.827  1.395   -7.585  1.00 7.88  ? 73  VAL A C   1 
ATOM   503 O  O   . VAL A 1 73  ? -5.610  1.245   -8.793  1.00 8.64  ? 73  VAL A O   1 
ATOM   504 C  CB  . VAL A 1 73  ? -5.619  3.851   -7.060  1.00 8.44  ? 73  VAL A CB  1 
ATOM   505 C  CG1 . VAL A 1 73  ? -6.393  5.150   -6.954  1.00 9.36  ? 73  VAL A CG1 1 
ATOM   506 C  CG2 . VAL A 1 73  ? -4.560  3.732   -5.983  1.00 8.85  ? 73  VAL A CG2 1 
ATOM   507 N  N   . LEU A 1 74  ? -5.399  0.515   -6.655  1.00 7.54  ? 74  LEU A N   1 
ATOM   508 C  CA  . LEU A 1 74  ? -4.666  -0.682  -6.984  1.00 7.55  ? 74  LEU A CA  1 
ATOM   509 C  C   . LEU A 1 74  ? -5.323  -1.890  -6.329  1.00 7.00  ? 74  LEU A C   1 
ATOM   510 O  O   . LEU A 1 74  ? -5.830  -1.842  -5.215  1.00 7.95  ? 74  LEU A O   1 
ATOM   511 C  CB  . LEU A 1 74  ? -3.179  -0.602  -6.576  1.00 7.56  ? 74  LEU A CB  1 
ATOM   512 C  CG  . LEU A 1 74  ? -2.321  0.367   -7.369  1.00 8.79  ? 74  LEU A CG  1 
ATOM   513 C  CD1 . LEU A 1 74  ? -1.035  0.653   -6.617  1.00 9.59  ? 74  LEU A CD1 1 
ATOM   514 C  CD2 . LEU A 1 74  ? -2.085  -0.188  -8.774  1.00 9.04  ? 74  LEU A CD2 1 
ATOM   515 N  N   . ASP A 1 75  ? -5.189  -3.023  -7.021  1.00 8.41  ? 75  ASP A N   1 
ATOM   516 C  CA  . ASP A 1 75  ? -5.502  -4.325  -6.476  1.00 9.20  ? 75  ASP A CA  1 
ATOM   517 C  C   . ASP A 1 75  ? -4.657  -5.406  -7.156  1.00 9.34  ? 75  ASP A C   1 
ATOM   518 O  O   . ASP A 1 75  ? -3.948  -5.113  -8.096  1.00 9.87  ? 75  ASP A O   1 
ATOM   519 C  CB  . ASP A 1 75  ? -6.996  -4.640  -6.552  1.00 11.38 ? 75  ASP A CB  1 
ATOM   520 C  CG  . ASP A 1 75  ? -7.480  -5.296  -7.812  1.00 14.47 ? 75  ASP A CG  1 
ATOM   521 O  OD1 . ASP A 1 75  ? -7.356  -4.676  -8.864  1.00 15.86 ? 75  ASP A OD1 1 
ATOM   522 O  OD2 . ASP A 1 75  ? -8.007  -6.431  -7.701  1.00 18.37 ? 75  ASP A OD2 1 
ATOM   523 N  N   . ASP A 1 76  ? -4.643  -6.582  -6.546  1.00 9.82  ? 76  ASP A N   1 
ATOM   524 C  CA  . ASP A 1 76  ? -3.889  -7.742  -7.024  1.00 10.24 ? 76  ASP A CA  1 
ATOM   525 C  C   . ASP A 1 76  ? -2.416  -7.393  -7.235  1.00 9.38  ? 76  ASP A C   1 
ATOM   526 O  O   . ASP A 1 76  ? -1.774  -7.795  -8.206  1.00 9.20  ? 76  ASP A O   1 
ATOM   527 C  CB  . ASP A 1 76  ? -4.445  -8.369  -8.290  1.00 13.44 ? 76  ASP A CB  1 
ATOM   528 C  CG  . ASP A 1 76  ? -4.023  -9.829  -8.436  1.00 16.47 ? 76  ASP A CG  1 
ATOM   529 O  OD1 . ASP A 1 76  ? -3.710  -10.451 -7.406  1.00 19.21 ? 76  ASP A OD1 1 
ATOM   530 O  OD2 . ASP A 1 76  ? -3.956  -10.303 -9.580  1.00 21.42 ? 76  ASP A OD2 1 
ATOM   531 N  N   . VAL A 1 77  ? -1.865  -6.650  -6.296  1.00 7.84  ? 77  VAL A N   1 
ATOM   532 C  CA  . VAL A 1 77  ? -0.461  -6.282  -6.358  1.00 7.81  ? 77  VAL A CA  1 
ATOM   533 C  C   . VAL A 1 77  ? 0.379   -7.477  -5.925  1.00 7.90  ? 77  VAL A C   1 
ATOM   534 O  O   . VAL A 1 77  ? 0.258   -7.962  -4.802  1.00 7.23  ? 77  VAL A O   1 
ATOM   535 C  CB  . VAL A 1 77  ? -0.167  -5.055  -5.466  1.00 7.65  ? 77  VAL A CB  1 
ATOM   536 C  CG1 . VAL A 1 77  ? 1.306   -4.675  -5.520  1.00 7.84  ? 77  VAL A CG1 1 
ATOM   537 C  CG2 . VAL A 1 77  ? -1.064  -3.857  -5.813  1.00 7.84  ? 77  VAL A CG2 1 
ATOM   538 N  N   . ARG A 1 78  ? 1.272   -7.939  -6.845  1.00 8.02  ? 78  ARG A N   1 
ATOM   539 C  CA  . ARG A 1 78  ? 2.055   -9.156  -6.618  1.00 8.13  ? 78  ARG A CA  1 
ATOM   540 C  C   . ARG A 1 78  ? 3.535   -8.866  -6.834  1.00 7.52  ? 78  ARG A C   1 
ATOM   541 O  O   . ARG A 1 78  ? 4.137   -9.431  -7.754  1.00 8.99  ? 78  ARG A O   1 
ATOM   542 C  CB  . ARG A 1 78  ? 1.511   -10.289 -7.513  1.00 8.50  ? 78  ARG A CB  1 
ATOM   543 C  CG  . ARG A 1 78  ? 0.160   -10.809 -7.001  1.00 9.68  ? 78  ARG A CG  1 
ATOM   544 C  CD  . ARG A 1 78  ? -0.443  -11.834 -7.930  1.00 11.79 ? 78  ARG A CD  1 
ATOM   545 N  NE  . ARG A 1 78  ? -1.647  -12.463 -7.342  1.00 14.66 ? 78  ARG A NE  1 
ATOM   546 C  CZ  . ARG A 1 78  ? -1.672  -13.473 -6.464  1.00 15.20 ? 78  ARG A CZ  1 
ATOM   547 N  NH1 . ARG A 1 78  ? -0.557  -14.045 -6.016  1.00 13.61 ? 78  ARG A NH1 1 
ATOM   548 N  NH2 . ARG A 1 78  ? -2.853  -13.937 -6.080  1.00 17.41 ? 78  ARG A NH2 1 
ATOM   549 N  N   . CYS A 1 79  ? 4.138   -8.066  -5.954  1.00 7.63  ? 79  CYS A N   1 
ATOM   550 C  CA  . CYS A 1 79  ? 5.559   -7.748  -6.053  1.00 7.63  ? 79  CYS A CA  1 
ATOM   551 C  C   . CYS A 1 79  ? 6.406   -9.000  -5.902  1.00 8.42  ? 79  CYS A C   1 
ATOM   552 O  O   . CYS A 1 79  ? 6.071   -9.920  -5.134  1.00 8.24  ? 79  CYS A O   1 
ATOM   553 C  CB  . CYS A 1 79  ? 5.975   -6.822  -4.925  1.00 7.52  ? 79  CYS A CB  1 
ATOM   554 S  SG  . CYS A 1 79  ? 5.131   -5.210  -4.912  1.00 8.06  ? 79  CYS A SG  1 
ATOM   555 N  N   . SER A 1 80  ? 7.583   -8.966  -6.512  1.00 8.30  ? 80  SER A N   1 
ATOM   556 C  CA  . SER A 1 80  ? 8.588   -10.021 -6.263  1.00 8.88  ? 80  SER A CA  1 
ATOM   557 C  C   . SER A 1 80  ? 9.246   -9.712  -4.913  1.00 10.02 ? 80  SER A C   1 
ATOM   558 O  O   . SER A 1 80  ? 9.584   -10.641 -4.201  1.00 10.51 ? 80  SER A O   1 
ATOM   559 C  CB  . SER A 1 80  ? 9.635   -9.995  -7.371  1.00 12.98 ? 80  SER A CB  1 
ATOM   560 O  OG  . SER A 1 80  ? 9.016   -10.025 -8.642  1.00 21.42 ? 80  SER A OG  1 
ATOM   561 N  N   . GLY A 1 81  ? 9.432   -8.419  -4.619  1.00 9.87  ? 81  GLY A N   1 
ATOM   562 C  CA  . GLY A 1 81  ? 10.009  -8.005  -3.371  1.00 9.57  ? 81  GLY A CA  1 
ATOM   563 C  C   . GLY A 1 81  ? 11.159  -7.019  -3.502  1.00 11.47 ? 81  GLY A C   1 
ATOM   564 O  O   . GLY A 1 81  ? 11.421  -6.356  -2.496  1.00 14.09 ? 81  GLY A O   1 
ATOM   565 N  N   . HIS A 1 82  ? 11.766  -6.907  -4.703  1.00 13.10 ? 82  HIS A N   1 
ATOM   566 C  CA  . HIS A 1 82  ? 12.929  -6.032  -4.858  1.00 14.78 ? 82  HIS A CA  1 
ATOM   567 C  C   . HIS A 1 82  ? 12.670  -4.901  -5.832  1.00 14.20 ? 82  HIS A C   1 
ATOM   568 O  O   . HIS A 1 82  ? 13.568  -4.089  -6.118  1.00 15.42 ? 82  HIS A O   1 
ATOM   569 C  CB  . HIS A 1 82  ? 14.184  -6.868  -5.190  1.00 18.01 ? 82  HIS A CB  1 
ATOM   570 C  CG  . HIS A 1 82  ? 14.698  -7.581  -3.986  1.00 21.55 ? 82  HIS A CG  1 
ATOM   571 N  ND1 . HIS A 1 82  ? 14.312  -8.859  -3.609  1.00 25.79 ? 82  HIS A ND1 1 
ATOM   572 C  CD2 . HIS A 1 82  ? 15.436  -7.106  -2.967  1.00 25.62 ? 82  HIS A CD2 1 
ATOM   573 C  CE1 . HIS A 1 82  ? 14.870  -9.154  -2.441  1.00 27.62 ? 82  HIS A CE1 1 
ATOM   574 N  NE2 . HIS A 1 82  ? 15.547  -8.096  -2.019  1.00 25.98 ? 82  HIS A NE2 1 
ATOM   575 N  N   . GLU A 1 83  ? 11.417  -4.715  -6.254  1.00 11.44 ? 83  GLU A N   1 
ATOM   576 C  CA  . GLU A 1 83  ? 11.051  -3.532  -6.998  1.00 10.17 ? 83  GLU A CA  1 
ATOM   577 C  C   . GLU A 1 83  ? 11.311  -2.261  -6.175  1.00 10.21 ? 83  GLU A C   1 
ATOM   578 O  O   . GLU A 1 83  ? 11.291  -2.264  -4.924  1.00 6.47  ? 83  GLU A O   1 
ATOM   579 C  CB  . GLU A 1 83  ? 9.589   -3.536  -7.403  1.00 9.81  ? 83  GLU A CB  1 
ATOM   580 C  CG  . GLU A 1 83  ? 9.186   -4.732  -8.256  1.00 10.75 ? 83  GLU A CG  1 
ATOM   581 C  CD  . GLU A 1 83  ? 8.753   -6.008  -7.562  1.00 8.91  ? 83  GLU A CD  1 
ATOM   582 O  OE1 . GLU A 1 83  ? 9.049   -6.152  -6.382  1.00 9.75  ? 83  GLU A OE1 1 
ATOM   583 O  OE2 . GLU A 1 83  ? 8.040   -6.788  -8.256  1.00 10.42 ? 83  GLU A OE2 1 
ATOM   584 N  N   . SER A 1 84  ? 11.590  -1.159  -6.879  1.00 12.36 ? 84  SER A N   1 
ATOM   585 C  CA  . SER A 1 84  ? 11.885  0.142   -6.289  1.00 12.22 ? 84  SER A CA  1 
ATOM   586 C  C   . SER A 1 84  ? 10.608  0.902   -5.932  1.00 11.33 ? 84  SER A C   1 
ATOM   587 O  O   . SER A 1 84  ? 10.619  1.787   -5.073  1.00 11.50 ? 84  SER A O   1 
ATOM   588 C  CB  . SER A 1 84  ? 12.733  0.944   -7.244  1.00 13.58 ? 84  SER A CB  1 
ATOM   589 O  OG  . SER A 1 84  ? 14.017  0.376   -7.303  1.00 16.73 ? 84  SER A OG  1 
ATOM   590 N  N   . TYR A 1 85  ? 9.499   0.576   -6.595  1.00 11.77 ? 85  TYR A N   1 
ATOM   591 C  CA  . TYR A 1 85  ? 8.253   1.306   -6.403  1.00 12.15 ? 85  TYR A CA  1 
ATOM   592 C  C   . TYR A 1 85  ? 7.104   0.313   -6.442  1.00 10.32 ? 85  TYR A C   1 
ATOM   593 O  O   . TYR A 1 85  ? 7.114   -0.621  -7.238  1.00 10.02 ? 85  TYR A O   1 
ATOM   594 C  CB  . TYR A 1 85  ? 8.006   2.314   -7.521  1.00 14.82 ? 85  TYR A CB  1 
ATOM   595 C  CG  . TYR A 1 85  ? 9.198   3.184   -7.822  1.00 17.73 ? 85  TYR A CG  1 
ATOM   596 C  CD1 . TYR A 1 85  ? 9.509   4.238   -6.993  1.00 19.30 ? 85  TYR A CD1 1 
ATOM   597 C  CD2 . TYR A 1 85  ? 10.012  2.921   -8.902  1.00 21.14 ? 85  TYR A CD2 1 
ATOM   598 C  CE1 . TYR A 1 85  ? 10.641  5.014   -7.222  1.00 18.90 ? 85  TYR A CE1 1 
ATOM   599 C  CE2 . TYR A 1 85  ? 11.119  3.706   -9.181  1.00 22.96 ? 85  TYR A CE2 1 
ATOM   600 C  CZ  . TYR A 1 85  ? 11.444  4.724   -8.310  1.00 21.09 ? 85  TYR A CZ  1 
ATOM   601 O  OH  . TYR A 1 85  ? 12.531  5.496   -8.606  1.00 24.86 ? 85  TYR A OH  1 
ATOM   602 N  N   . LEU A 1 86  ? 6.067   0.551   -5.648  1.00 9.38  ? 86  LEU A N   1 
ATOM   603 C  CA  . LEU A 1 86  ? 4.946   -0.388  -5.607  1.00 8.71  ? 86  LEU A CA  1 
ATOM   604 C  C   . LEU A 1 86  ? 4.278   -0.517  -6.979  1.00 9.09  ? 86  LEU A C   1 
ATOM   605 O  O   . LEU A 1 86  ? 3.848   -1.593  -7.350  1.00 7.98  ? 86  LEU A O   1 
ATOM   606 C  CB  . LEU A 1 86  ? 3.931   0.057   -4.542  1.00 9.45  ? 86  LEU A CB  1 
ATOM   607 C  CG  . LEU A 1 86  ? 2.795   -0.917  -4.273  1.00 9.35  ? 86  LEU A CG  1 
ATOM   608 C  CD1 . LEU A 1 86  ? 3.318   -2.186  -3.596  1.00 9.80  ? 86  LEU A CD1 1 
ATOM   609 C  CD2 . LEU A 1 86  ? 1.719   -0.223  -3.467  1.00 10.59 ? 86  LEU A CD2 1 
ATOM   610 N  N   . TRP A 1 87  ? 4.211   0.585   -7.724  1.00 9.29  ? 87  TRP A N   1 
ATOM   611 C  CA  . TRP A 1 87  ? 3.573   0.614   -9.021  1.00 9.78  ? 87  TRP A CA  1 
ATOM   612 C  C   . TRP A 1 87  ? 4.371   -0.146  -10.066 1.00 11.49 ? 87  TRP A C   1 
ATOM   613 O  O   . TRP A 1 87  ? 3.771   -0.503  -11.078 1.00 12.97 ? 87  TRP A O   1 
ATOM   614 C  CB  . TRP A 1 87  ? 3.240   2.064   -9.472  1.00 11.13 ? 87  TRP A CB  1 
ATOM   615 C  CG  . TRP A 1 87  ? 4.339   3.052   -9.292  1.00 11.43 ? 87  TRP A CG  1 
ATOM   616 C  CD1 . TRP A 1 87  ? 5.415   3.297   -10.096 1.00 12.67 ? 87  TRP A CD1 1 
ATOM   617 C  CD2 . TRP A 1 87  ? 4.462   3.958   -8.183  1.00 11.00 ? 87  TRP A CD2 1 
ATOM   618 N  NE1 . TRP A 1 87  ? 6.170   4.301   -9.583  1.00 13.77 ? 87  TRP A NE1 1 
ATOM   619 C  CE2 . TRP A 1 87  ? 5.619   4.727   -8.402  1.00 12.17 ? 87  TRP A CE2 1 
ATOM   620 C  CE3 . TRP A 1 87  ? 3.686   4.189   -7.047  1.00 12.01 ? 87  TRP A CE3 1 
ATOM   621 C  CZ2 . TRP A 1 87  ? 6.046   5.685   -7.490  1.00 13.92 ? 87  TRP A CZ2 1 
ATOM   622 C  CZ3 . TRP A 1 87  ? 4.108   5.141   -6.142  1.00 11.94 ? 87  TRP A CZ3 1 
ATOM   623 C  CH2 . TRP A 1 87  ? 5.276   5.858   -6.369  1.00 11.98 ? 87  TRP A CH2 1 
ATOM   624 N  N   . SER A 1 88  ? 5.645   -0.445  -9.794  1.00 9.53  ? 88  SER A N   1 
ATOM   625 C  CA  . SER A 1 88  ? 6.464   -1.268  -10.687 1.00 11.34 ? 88  SER A CA  1 
ATOM   626 C  C   . SER A 1 88  ? 6.170   -2.760  -10.518 1.00 10.95 ? 88  SER A C   1 
ATOM   627 O  O   . SER A 1 88  ? 6.665   -3.577  -11.284 1.00 12.25 ? 88  SER A O   1 
ATOM   628 C  CB  . SER A 1 88  ? 7.893   -1.037  -10.374 1.00 14.30 ? 88  SER A CB  1 
ATOM   629 O  OG  . SER A 1 88  ? 8.230   0.293   -10.651 1.00 19.95 ? 88  SER A OG  1 
ATOM   630 N  N   . CYS A 1 89  ? 5.493   -3.158  -9.437  1.00 10.19 ? 89  CYS A N   1 
ATOM   631 C  CA  . CYS A 1 89  ? 5.150   -4.555  -9.266  1.00 9.56  ? 89  CYS A CA  1 
ATOM   632 C  C   . CYS A 1 89  ? 4.020   -4.909  -10.203 1.00 9.15  ? 89  CYS A C   1 
ATOM   633 O  O   . CYS A 1 89  ? 3.178   -4.062  -10.531 1.00 9.87  ? 89  CYS A O   1 
ATOM   634 C  CB  . CYS A 1 89  ? 4.647   -4.769  -7.849  1.00 8.89  ? 89  CYS A CB  1 
ATOM   635 S  SG  . CYS A 1 89  ? 5.865   -4.325  -6.589  1.00 9.07  ? 89  CYS A SG  1 
ATOM   636 N  N   . PRO A 1 90  ? 3.829   -6.206  -10.538 1.00 9.79  ? 90  PRO A N   1 
ATOM   637 C  CA  . PRO A 1 90  ? 2.626   -6.645  -11.243 1.00 10.36 ? 90  PRO A CA  1 
ATOM   638 C  C   . PRO A 1 90  ? 1.371   -6.264  -10.469 1.00 10.52 ? 90  PRO A C   1 
ATOM   639 O  O   . PRO A 1 90  ? 1.322   -6.448  -9.253  1.00 9.19  ? 90  PRO A O   1 
ATOM   640 C  CB  . PRO A 1 90  ? 2.799   -8.178  -11.264 1.00 10.91 ? 90  PRO A CB  1 
ATOM   641 C  CG  . PRO A 1 90  ? 4.294   -8.387  -11.209 1.00 11.18 ? 90  PRO A CG  1 
ATOM   642 C  CD  . PRO A 1 90  ? 4.760   -7.311  -10.256 1.00 10.28 ? 90  PRO A CD  1 
ATOM   643 N  N   . HIS A 1 91  ? 0.373   -5.740  -11.164 1.00 10.16 ? 91  HIS A N   1 
ATOM   644 C  CA  . HIS A 1 91  ? -0.895  -5.366  -10.547 1.00 10.82 ? 91  HIS A CA  1 
ATOM   645 C  C   . HIS A 1 91  ? -2.005  -5.415  -11.596 1.00 12.79 ? 91  HIS A C   1 
ATOM   646 O  O   . HIS A 1 91  ? -1.751  -5.551  -12.780 1.00 14.86 ? 91  HIS A O   1 
ATOM   647 C  CB  . HIS A 1 91  ? -0.799  -4.052  -9.768  1.00 10.89 ? 91  HIS A CB  1 
ATOM   648 C  CG  . HIS A 1 91  ? -0.456  -2.871  -10.617 1.00 11.04 ? 91  HIS A CG  1 
ATOM   649 N  ND1 . HIS A 1 91  ? -1.402  -2.122  -11.304 1.00 12.03 ? 91  HIS A ND1 1 
ATOM   650 C  CD2 . HIS A 1 91  ? 0.708   -2.256  -10.815 1.00 11.35 ? 91  HIS A CD2 1 
ATOM   651 C  CE1 . HIS A 1 91  ? -0.789  -1.146  -11.926 1.00 11.00 ? 91  HIS A CE1 1 
ATOM   652 N  NE2 . HIS A 1 91  ? 0.477   -1.164  -11.656 1.00 12.79 ? 91  HIS A NE2 1 
ATOM   653 N  N   . ASN A 1 92  ? -3.254  -5.356  -11.152 1.00 14.42 ? 92  ASN A N   1 
ATOM   654 C  CA  . ASN A 1 92  ? -4.407  -5.627  -12.028 1.00 15.22 ? 92  ASN A CA  1 
ATOM   655 C  C   . ASN A 1 92  ? -4.904  -4.324  -12.690 1.00 13.88 ? 92  ASN A C   1 
ATOM   656 O  O   . ASN A 1 92  ? -6.048  -3.900  -12.433 1.00 15.23 ? 92  ASN A O   1 
ATOM   657 C  CB  . ASN A 1 92  ? -5.518  -6.312  -11.206 1.00 17.19 ? 92  ASN A CB  1 
ATOM   658 C  CG  . ASN A 1 92  ? -6.785  -6.603  -11.968 1.00 20.35 ? 92  ASN A CG  1 
ATOM   659 O  OD1 . ASN A 1 92  ? -6.723  -7.131  -13.089 1.00 21.80 ? 92  ASN A OD1 1 
ATOM   660 N  ND2 . ASN A 1 92  ? -7.925  -6.226  -11.416 1.00 18.87 ? 92  ASN A ND2 1 
ATOM   661 N  N   . GLY A 1 93  ? -4.031  -3.658  -13.447 1.00 13.41 ? 93  GLY A N   1 
ATOM   662 C  CA  . GLY A 1 93  ? -4.262  -2.289  -13.909 1.00 14.45 ? 93  GLY A CA  1 
ATOM   663 C  C   . GLY A 1 93  ? -4.469  -1.323  -12.747 1.00 13.05 ? 93  GLY A C   1 
ATOM   664 O  O   . GLY A 1 93  ? -4.061  -1.545  -11.612 1.00 13.86 ? 93  GLY A O   1 
ATOM   665 N  N   . TRP A 1 94  ? -5.242  -0.300  -13.020 1.00 10.11 ? 94  TRP A N   1 
ATOM   666 C  CA  . TRP A 1 94  ? -5.639  0.691   -12.039 1.00 9.59  ? 94  TRP A CA  1 
ATOM   667 C  C   . TRP A 1 94  ? -7.163  0.777   -11.989 1.00 11.06 ? 94  TRP A C   1 
ATOM   668 O  O   . TRP A 1 94  ? -7.835  0.559   -13.010 1.00 11.23 ? 94  TRP A O   1 
ATOM   669 C  CB  . TRP A 1 94  ? -5.074  2.056   -12.418 1.00 9.52  ? 94  TRP A CB  1 
ATOM   670 C  CG  . TRP A 1 94  ? -3.580  2.161   -12.440 1.00 9.72  ? 94  TRP A CG  1 
ATOM   671 C  CD1 . TRP A 1 94  ? -2.737  1.862   -13.460 1.00 10.87 ? 94  TRP A CD1 1 
ATOM   672 C  CD2 . TRP A 1 94  ? -2.747  2.609   -11.362 1.00 9.56  ? 94  TRP A CD2 1 
ATOM   673 N  NE1 . TRP A 1 94  ? -1.432  2.121   -13.103 1.00 11.07 ? 94  TRP A NE1 1 
ATOM   674 C  CE2 . TRP A 1 94  ? -1.412  2.581   -11.807 1.00 9.84  ? 94  TRP A CE2 1 
ATOM   675 C  CE3 . TRP A 1 94  ? -3.013  3.030   -10.061 1.00 9.69  ? 94  TRP A CE3 1 
ATOM   676 C  CZ2 . TRP A 1 94  ? -0.342  2.973   -10.992 1.00 10.26 ? 94  TRP A CZ2 1 
ATOM   677 C  CZ3 . TRP A 1 94  ? -1.962  3.405   -9.264  1.00 9.62  ? 94  TRP A CZ3 1 
ATOM   678 C  CH2 . TRP A 1 94  ? -0.658  3.395   -9.716  1.00 9.54  ? 94  TRP A CH2 1 
ATOM   679 N  N   . LEU A 1 95  ? -7.689  1.151   -10.834 1.00 10.09 ? 95  LEU A N   1 
ATOM   680 C  CA  . LEU A 1 95  ? -9.122  1.480   -10.664 1.00 10.65 ? 95  LEU A CA  1 
ATOM   681 C  C   . LEU A 1 95  ? -10.018 0.332   -11.122 1.00 12.76 ? 95  LEU A C   1 
ATOM   682 O  O   . LEU A 1 95  ? -10.939 0.540   -11.932 1.00 15.37 ? 95  LEU A O   1 
ATOM   683 C  CB  . LEU A 1 95  ? -9.478  2.772   -11.418 1.00 12.14 ? 95  LEU A CB  1 
ATOM   684 C  CG  . LEU A 1 95  ? -8.829  4.043   -10.880 1.00 13.04 ? 95  LEU A CG  1 
ATOM   685 C  CD1 . LEU A 1 95  ? -9.036  5.194   -11.882 1.00 16.50 ? 95  LEU A CD1 1 
ATOM   686 C  CD2 . LEU A 1 95  ? -9.383  4.412   -9.537  1.00 13.22 ? 95  LEU A CD2 1 
ATOM   687 N  N   . SER A 1 96  ? -9.801  -0.865  -10.568 1.00 13.02 ? 96  SER A N   1 
ATOM   688 C  CA  . SER A 1 96  ? -10.572 -2.042  -10.969 1.00 13.35 ? 96  SER A CA  1 
ATOM   689 C  C   . SER A 1 96  ? -12.027 -2.027  -10.473 1.00 15.24 ? 96  SER A C   1 
ATOM   690 O  O   . SER A 1 96  ? -12.879 -2.741  -11.026 1.00 15.78 ? 96  SER A O   1 
ATOM   691 C  CB  . SER A 1 96  ? -9.916  -3.277  -10.491 1.00 13.80 ? 96  SER A CB  1 
ATOM   692 O  OG  . SER A 1 96  ? -10.021 -3.363  -9.064  1.00 15.83 ? 96  SER A OG  1 
ATOM   693 N  N   . HIS A 1 97  ? -12.325 -1.271  -9.418  1.00 15.82 ? 97  HIS A N   1 
ATOM   694 C  CA  . HIS A 1 97  ? -13.630 -1.288  -8.753  1.00 17.53 ? 97  HIS A CA  1 
ATOM   695 C  C   . HIS A 1 97  ? -14.058 -2.681  -8.271  1.00 18.65 ? 97  HIS A C   1 
ATOM   696 O  O   . HIS A 1 97  ? -15.254 -2.906  -8.086  1.00 20.73 ? 97  HIS A O   1 
ATOM   697 C  CB  . HIS A 1 97  ? -14.726 -0.588  -9.577  1.00 20.01 ? 97  HIS A CB  1 
ATOM   698 C  CG  . HIS A 1 97  ? -15.778 0.111   -8.743  1.00 24.43 ? 97  HIS A CG  1 
ATOM   699 N  ND1 . HIS A 1 97  ? -16.956 -0.474  -8.306  1.00 26.05 ? 97  HIS A ND1 1 
ATOM   700 C  CD2 . HIS A 1 97  ? -15.824 1.382   -8.298  1.00 25.82 ? 97  HIS A CD2 1 
ATOM   701 C  CE1 . HIS A 1 97  ? -17.698 0.431   -7.670  1.00 26.48 ? 97  HIS A CE1 1 
ATOM   702 N  NE2 . HIS A 1 97  ? -17.035 1.562   -7.638  1.00 28.27 ? 97  HIS A NE2 1 
ATOM   703 N  N   . ASN A 1 98  ? -13.123 -3.607  -8.046  1.00 15.66 ? 98  ASN A N   1 
ATOM   704 C  CA  . ASN A 1 98  ? -13.394 -4.982  -7.645  1.00 16.94 ? 98  ASN A CA  1 
ATOM   705 C  C   . ASN A 1 98  ? -13.492 -5.128  -6.119  1.00 15.98 ? 98  ASN A C   1 
ATOM   706 O  O   . ASN A 1 98  ? -13.886 -6.173  -5.614  1.00 17.48 ? 98  ASN A O   1 
ATOM   707 C  CB  . ASN A 1 98  ? -12.236 -5.947  -7.918  1.00 21.01 ? 98  ASN A CB  1 
ATOM   708 C  CG  . ASN A 1 98  ? -12.059 -6.387  -9.337  1.00 26.76 ? 98  ASN A CG  1 
ATOM   709 O  OD1 . ASN A 1 98  ? -13.001 -6.332  -10.126 1.00 29.61 ? 98  ASN A OD1 1 
ATOM   710 N  ND2 . ASN A 1 98  ? -10.838 -6.818  -9.638  1.00 30.61 ? 98  ASN A ND2 1 
ATOM   711 N  N   . CYS A 1 99  ? -13.041 -4.133  -5.370  1.00 14.93 ? 99  CYS A N   1 
ATOM   712 C  CA  . CYS A 1 99  ? -12.981 -4.184  -3.908  1.00 13.73 ? 99  CYS A CA  1 
ATOM   713 C  C   . CYS A 1 99  ? -13.794 -3.060  -3.258  1.00 15.12 ? 99  CYS A C   1 
ATOM   714 O  O   . CYS A 1 99  ? -14.128 -2.054  -3.884  1.00 16.34 ? 99  CYS A O   1 
ATOM   715 C  CB  . CYS A 1 99  ? -11.520 -4.002  -3.490  1.00 14.95 ? 99  CYS A CB  1 
ATOM   716 S  SG  . CYS A 1 99  ? -10.414 -5.264  -4.187  1.00 16.34 ? 99  CYS A SG  1 
ATOM   717 N  N   . GLY A 1 100 ? -13.999 -3.179  -1.944  1.00 12.20 ? 100 GLY A N   1 
ATOM   718 C  CA  . GLY A 1 100 ? -14.444 -2.129  -1.065  1.00 12.79 ? 100 GLY A CA  1 
ATOM   719 C  C   . GLY A 1 100 ? -13.332 -1.752  -0.100  1.00 11.85 ? 100 GLY A C   1 
ATOM   720 O  O   . GLY A 1 100 ? -12.349 -2.502  0.029   1.00 10.45 ? 100 GLY A O   1 
ATOM   721 N  N   . HIS A 1 101 ? -13.530 -0.668  0.630   1.00 11.08 ? 101 HIS A N   1 
ATOM   722 C  CA  . HIS A 1 101 ? -12.562 -0.119  1.544   1.00 10.92 ? 101 HIS A CA  1 
ATOM   723 C  C   . HIS A 1 101 ? -12.303 -1.023  2.733   1.00 10.32 ? 101 HIS A C   1 
ATOM   724 O  O   . HIS A 1 101 ? -11.308 -0.823  3.410   1.00 10.14 ? 101 HIS A O   1 
ATOM   725 C  CB  . HIS A 1 101 ? -12.908 1.329   1.942   1.00 12.77 ? 101 HIS A CB  1 
ATOM   726 C  CG  . HIS A 1 101 ? -12.511 2.324   0.917   1.00 13.23 ? 101 HIS A CG  1 
ATOM   727 N  ND1 . HIS A 1 101 ? -13.307 3.037   0.040   1.00 16.07 ? 101 HIS A ND1 1 
ATOM   728 C  CD2 . HIS A 1 101 ? -11.234 2.641   0.608   1.00 11.61 ? 101 HIS A CD2 1 
ATOM   729 C  CE1 . HIS A 1 101 ? -12.507 3.790   -0.721  1.00 12.64 ? 101 HIS A CE1 1 
ATOM   730 N  NE2 . HIS A 1 101 ? -11.237 3.568   -0.369  1.00 15.30 ? 101 HIS A NE2 1 
ATOM   731 N  N   . HIS A 1 102 ? -13.180 -2.000  3.025   1.00 9.54  ? 102 HIS A N   1 
ATOM   732 C  CA  . HIS A 1 102 ? -12.920 -2.924  4.109   1.00 10.56 ? 102 HIS A CA  1 
ATOM   733 C  C   . HIS A 1 102 ? -11.711 -3.813  3.812   1.00 9.77  ? 102 HIS A C   1 
ATOM   734 O  O   . HIS A 1 102 ? -11.196 -4.453  4.710   1.00 10.03 ? 102 HIS A O   1 
ATOM   735 C  CB  . HIS A 1 102 ? -14.142 -3.820  4.368   1.00 12.84 ? 102 HIS A CB  1 
ATOM   736 C  CG  . HIS A 1 102 ? -14.629 -4.566  3.196   1.00 15.43 ? 102 HIS A CG  1 
ATOM   737 N  ND1 . HIS A 1 102 ? -15.249 -3.912  2.136   1.00 21.07 ? 102 HIS A ND1 1 
ATOM   738 C  CD2 . HIS A 1 102 ? -14.689 -5.885  2.938   1.00 18.87 ? 102 HIS A CD2 1 
ATOM   739 C  CE1 . HIS A 1 102 ? -15.629 -4.820  1.262   1.00 23.31 ? 102 HIS A CE1 1 
ATOM   740 N  NE2 . HIS A 1 102 ? -15.295 -6.015  1.735   1.00 20.61 ? 102 HIS A NE2 1 
ATOM   741 N  N   . GLU A 1 103 ? -11.257 -3.818  2.541   1.00 9.20  ? 103 GLU A N   1 
ATOM   742 C  CA  . GLU A 1 103 ? -10.103 -4.604  2.117   1.00 8.75  ? 103 GLU A CA  1 
ATOM   743 C  C   . GLU A 1 103 ? -8.842  -3.732  2.017   1.00 8.02  ? 103 GLU A C   1 
ATOM   744 O  O   . GLU A 1 103 ? -7.828  -4.238  1.520   1.00 7.54  ? 103 GLU A O   1 
ATOM   745 C  CB  . GLU A 1 103 ? -10.359 -5.257  0.759   1.00 9.90  ? 103 GLU A CB  1 
ATOM   746 C  CG  . GLU A 1 103 ? -11.630 -6.074  0.733   1.00 12.17 ? 103 GLU A CG  1 
ATOM   747 C  CD  . GLU A 1 103 ? -12.033 -6.547  -0.655  1.00 14.57 ? 103 GLU A CD  1 
ATOM   748 O  OE1 . GLU A 1 103 ? -12.928 -5.925  -1.263  1.00 15.36 ? 103 GLU A OE1 1 
ATOM   749 O  OE2 . GLU A 1 103 ? -11.420 -7.541  -1.123  1.00 16.31 ? 103 GLU A OE2 1 
ATOM   750 N  N   . ASP A 1 104 ? -8.848  -2.499  2.509   1.00 7.73  ? 104 ASP A N   1 
ATOM   751 C  CA  . ASP A 1 104 ? -7.682  -1.619  2.369   1.00 7.92  ? 104 ASP A CA  1 
ATOM   752 C  C   . ASP A 1 104 ? -6.462  -2.233  3.036   1.00 8.21  ? 104 ASP A C   1 
ATOM   753 O  O   . ASP A 1 104 ? -6.485  -2.567  4.228   1.00 9.85  ? 104 ASP A O   1 
ATOM   754 C  CB  . ASP A 1 104 ? -7.993  -0.200  2.841   1.00 8.27  ? 104 ASP A CB  1 
ATOM   755 C  CG  . ASP A 1 104 ? -8.878  0.618   1.915   1.00 8.76  ? 104 ASP A CG  1 
ATOM   756 O  OD1 . ASP A 1 104 ? -9.060  0.230   0.748   1.00 7.44  ? 104 ASP A OD1 1 
ATOM   757 O  OD2 . ASP A 1 104 ? -9.371  1.699   2.363   1.00 10.49 ? 104 ASP A OD2 1 
ATOM   758 N  N   . ALA A 1 105 ? -5.330  -2.266  2.301   1.00 7.50  ? 105 ALA A N   1 
ATOM   759 C  CA  . ALA A 1 105 ? -4.118  -2.885  2.769   1.00 7.08  ? 105 ALA A CA  1 
ATOM   760 C  C   . ALA A 1 105 ? -3.280  -1.903  3.582   1.00 6.36  ? 105 ALA A C   1 
ATOM   761 O  O   . ALA A 1 105 ? -3.296  -0.680  3.386   1.00 6.38  ? 105 ALA A O   1 
ATOM   762 C  CB  . ALA A 1 105 ? -3.367  -3.352  1.581   1.00 7.17  ? 105 ALA A CB  1 
ATOM   763 N  N   . GLY A 1 106 ? -2.452  -2.484  4.464   1.00 6.50  ? 106 GLY A N   1 
ATOM   764 C  CA  . GLY A 1 106 ? -1.562  -1.740  5.332   1.00 6.54  ? 106 GLY A CA  1 
ATOM   765 C  C   . GLY A 1 106 ? -0.206  -2.416  5.466   1.00 6.48  ? 106 GLY A C   1 
ATOM   766 O  O   . GLY A 1 106 ? 0.019   -3.530  5.004   1.00 6.56  ? 106 GLY A O   1 
ATOM   767 N  N   . VAL A 1 107 ? 0.703   -1.673  6.076   1.00 6.93  ? 107 VAL A N   1 
ATOM   768 C  CA  . VAL A 1 107 ? 2.050   -2.166  6.284   1.00 8.05  ? 107 VAL A CA  1 
ATOM   769 C  C   . VAL A 1 107 ? 2.486   -1.679  7.652   1.00 8.12  ? 107 VAL A C   1 
ATOM   770 O  O   . VAL A 1 107 ? 2.123   -0.560  8.000   1.00 4.92  ? 107 VAL A O   1 
ATOM   771 C  CB  . VAL A 1 107 ? 2.991   -1.636  5.203   1.00 10.22 ? 107 VAL A CB  1 
ATOM   772 C  CG1 . VAL A 1 107 ? 4.401   -1.969  5.484   1.00 11.60 ? 107 VAL A CG1 1 
ATOM   773 C  CG2 . VAL A 1 107 ? 2.586   -2.078  3.834   1.00 9.34  ? 107 VAL A CG2 1 
ATOM   774 N  N   . ILE A 1 108 ? 3.336   -2.483  8.314   1.00 7.85  ? 108 ILE A N   1 
ATOM   775 C  CA  . ILE A 1 108 ? 4.144   -2.072  9.454   1.00 9.31  ? 108 ILE A CA  1 
ATOM   776 C  C   . ILE A 1 108 ? 5.595   -2.275  9.074   1.00 8.43  ? 108 ILE A C   1 
ATOM   777 O  O   . ILE A 1 108 ? 6.021   -3.386  8.786   1.00 8.98  ? 108 ILE A O   1 
ATOM   778 C  CB  . ILE A 1 108 ? 3.772   -2.870  10.712  1.00 9.11  ? 108 ILE A CB  1 
ATOM   779 C  CG1 . ILE A 1 108 ? 2.310   -2.636  11.052  1.00 10.01 ? 108 ILE A CG1 1 
ATOM   780 C  CG2 . ILE A 1 108 ? 4.723   -2.456  11.841  1.00 10.01 ? 108 ILE A CG2 1 
ATOM   781 C  CD1 . ILE A 1 108 ? 1.814   -3.405  12.297  1.00 10.42 ? 108 ILE A CD1 1 
ATOM   782 N  N   . CYS A 1 109 ? 6.389   -1.193  9.159   1.00 8.15  ? 109 CYS A N   1 
ATOM   783 C  CA  . CYS A 1 109 ? 7.797   -1.257  8.833   1.00 8.72  ? 109 CYS A CA  1 
ATOM   784 C  C   . CYS A 1 109 ? 8.662   -1.194  10.093  1.00 8.94  ? 109 CYS A C   1 
ATOM   785 O  O   . CYS A 1 109 ? 8.243   -0.633  11.098  1.00 10.62 ? 109 CYS A O   1 
ATOM   786 C  CB  . CYS A 1 109 ? 8.174   -0.093  7.933   1.00 8.33  ? 109 CYS A CB  1 
ATOM   787 S  SG  . CYS A 1 109 ? 7.210   0.079   6.404   1.00 9.18  ? 109 CYS A SG  1 
ATOM   788 N  N   . SER A 1 110 ? 9.882   -1.711  9.945   1.00 10.00 ? 110 SER A N   1 
ATOM   789 C  CA  . SER A 1 110 ? 10.804  -1.807  11.072  1.00 10.16 ? 110 SER A CA  1 
ATOM   790 C  C   . SER A 1 110 ? 11.106  -0.442  11.688  1.00 12.90 ? 110 SER A C   1 
ATOM   791 O  O   . SER A 1 110 ? 11.369  -0.359  12.899  1.00 13.80 ? 110 SER A O   1 
ATOM   792 C  CB  . SER A 1 110 ? 12.063  -2.497  10.600  1.00 10.53 ? 110 SER A CB  1 
ATOM   793 O  OG  . SER A 1 110 ? 12.677  -1.840  9.489   1.00 11.07 ? 110 SER A OG  1 
ATOM   794 N  N   . ALA A 1 111 ? 11.163  0.621   10.864  1.00 11.23 ? 111 ALA A N   1 
ATOM   795 C  CA  . ALA A 1 111 ? 11.520  1.959   11.341  1.00 11.98 ? 111 ALA A CA  1 
ATOM   796 C  C   . ALA A 1 111 ? 10.422  2.575   12.219  1.00 14.12 ? 111 ALA A C   1 
ATOM   797 O  O   . ALA A 1 111 ? 10.640  3.581   12.912  1.00 16.59 ? 111 ALA A O   1 
ATOM   798 C  CB  . ALA A 1 111 ? 11.810  2.849   10.161  1.00 11.48 ? 111 ALA A CB  1 
ATOM   799 N  N   . SER A 1 112 ? 9.192   2.052   12.186  1.00 14.78 ? 112 SER A N   1 
ATOM   800 C  CA  . SER A 1 112 ? 8.134   2.570   13.044  1.00 16.97 ? 112 SER A CA  1 
ATOM   801 C  C   . SER A 1 112 ? 8.540   2.365   14.504  1.00 22.00 ? 112 SER A C   1 
ATOM   802 O  O   . SER A 1 112 ? 9.282   1.424   14.795  1.00 24.39 ? 112 SER A O   1 
ATOM   803 C  CB  . SER A 1 112 ? 6.736   2.029   12.736  1.00 18.46 ? 112 SER A CB  1 
ATOM   804 O  OG  . SER A 1 112 ? 6.651   0.626   12.792  1.00 21.72 ? 112 SER A OG  1 
ATOM   805 N  N   . GLN A 1 113 ? 8.086   3.317   15.330  1.00 31.69 ? 113 GLN A N   1 
ATOM   806 C  CA  . GLN A 1 113 ? 8.529   3.570   16.696  1.00 38.66 ? 113 GLN A CA  1 
ATOM   807 C  C   . GLN A 1 113 ? 7.355   3.353   17.654  1.00 39.88 ? 113 GLN A C   1 
ATOM   808 O  O   . GLN A 1 113 ? 6.310   3.973   17.373  1.00 46.02 ? 113 GLN A O   1 
ATOM   809 C  CB  . GLN A 1 113 ? 9.013   5.019   16.845  1.00 43.91 ? 113 GLN A CB  1 
ATOM   810 C  CG  . GLN A 1 113 ? 10.481  5.234   16.485  1.00 46.30 ? 113 GLN A CG  1 
ATOM   811 C  CD  . GLN A 1 113 ? 10.638  6.327   15.456  1.00 50.29 ? 113 GLN A CD  1 
ATOM   812 O  OE1 . GLN A 1 113 ? 9.782   7.202   15.317  1.00 58.79 ? 113 GLN A OE1 1 
ATOM   813 N  NE2 . GLN A 1 113 ? 11.725  6.267   14.703  1.00 50.52 ? 113 GLN A NE2 1 
HETATM 814 CL CL  . CL  B 2 .   ? 6.950   9.767   3.705   1.00 18.40 ? 201 CL  A CL  1 
HETATM 815 CL CL  . CL  C 2 .   ? -1.042  9.454   -12.682 1.00 26.35 ? 202 CL  A CL  1 
HETATM 816 O  O   . HOH D 3 .   ? -7.697  -10.602 5.902   1.00 30.00 ? 301 HOH A O   1 
HETATM 817 O  O   . HOH D 3 .   ? -8.460  -8.366  -13.464 1.00 30.00 ? 302 HOH A O   1 
HETATM 818 O  O   . HOH D 3 .   ? 5.266   9.044   -11.914 1.00 22.07 ? 303 HOH A O   1 
HETATM 819 O  O   . HOH D 3 .   ? -9.979  -9.023  -0.005  1.00 33.59 ? 304 HOH A O   1 
HETATM 820 O  O   . HOH D 3 .   ? -3.060  -5.830  -3.631  1.00 13.39 ? 305 HOH A O   1 
HETATM 821 O  O   . HOH D 3 .   ? -8.562  12.252  -9.029  1.00 33.05 ? 306 HOH A O   1 
HETATM 822 O  O   . HOH D 3 .   ? -11.039 -0.739  10.052  1.00 36.27 ? 307 HOH A O   1 
HETATM 823 O  O   . HOH D 3 .   ? -3.488  -12.722 -10.214 1.00 28.47 ? 308 HOH A O   1 
HETATM 824 O  O   . HOH D 3 .   ? 9.331   -0.637  16.286  1.00 42.65 ? 309 HOH A O   1 
HETATM 825 O  O   . HOH D 3 .   ? 9.187   6.238   11.616  1.00 16.23 ? 310 HOH A O   1 
HETATM 826 O  O   . HOH D 3 .   ? 8.089   -8.076  -10.469 1.00 25.03 ? 311 HOH A O   1 
HETATM 827 O  O   . HOH D 3 .   ? -11.357 1.049   -7.872  1.00 21.97 ? 312 HOH A O   1 
HETATM 828 O  O   . HOH D 3 .   ? -11.746 -8.872  -3.291  1.00 28.30 ? 313 HOH A O   1 
HETATM 829 O  O   . HOH D 3 .   ? -2.524  4.772   -15.925 1.00 34.62 ? 314 HOH A O   1 
HETATM 830 O  O   . HOH D 3 .   ? -17.080 -4.553  -7.202  1.00 25.36 ? 315 HOH A O   1 
HETATM 831 O  O   . HOH D 3 .   ? -7.215  8.583   -7.601  1.00 39.94 ? 316 HOH A O   1 
HETATM 832 O  O   . HOH D 3 .   ? -17.141 3.985   -6.581  1.00 28.25 ? 317 HOH A O   1 
HETATM 833 O  O   . HOH D 3 .   ? -14.636 4.666   3.378   1.00 34.36 ? 318 HOH A O   1 
HETATM 834 O  O   . HOH D 3 .   ? -10.994 7.600   5.466   1.00 42.75 ? 319 HOH A O   1 
HETATM 835 O  O   . HOH D 3 .   ? 14.253  4.446   8.414   1.00 35.01 ? 320 HOH A O   1 
HETATM 836 O  O   . HOH D 3 .   ? -4.800  0.783   1.385   1.00 6.92  ? 321 HOH A O   1 
HETATM 837 O  O   . HOH D 3 .   ? -4.750  -8.722  -13.941 1.00 31.35 ? 322 HOH A O   1 
HETATM 838 O  O   . HOH D 3 .   ? 11.281  -0.673  -2.775  1.00 14.49 ? 323 HOH A O   1 
HETATM 839 O  O   . HOH D 3 .   ? -1.438  -4.793  12.820  1.00 19.51 ? 324 HOH A O   1 
HETATM 840 O  O   . HOH D 3 .   ? -13.552 -2.339  7.808   1.00 27.73 ? 325 HOH A O   1 
HETATM 841 O  O   . HOH D 3 .   ? 12.637  3.405   -4.331  1.00 30.00 ? 326 HOH A O   1 
HETATM 842 O  O   . HOH D 3 .   ? -8.169  -1.859  13.475  1.00 23.70 ? 327 HOH A O   1 
HETATM 843 O  O   . HOH D 3 .   ? -9.394  9.037   3.700   1.00 27.62 ? 328 HOH A O   1 
HETATM 844 O  O   . HOH D 3 .   ? 8.023   -10.398 9.665   1.00 24.43 ? 329 HOH A O   1 
HETATM 845 O  O   . HOH D 3 .   ? 10.557  -8.353  5.712   1.00 27.17 ? 330 HOH A O   1 
HETATM 846 O  O   . HOH D 3 .   ? 6.981   9.301   -9.156  1.00 19.07 ? 331 HOH A O   1 
HETATM 847 O  O   . HOH D 3 .   ? -11.052 1.687   -14.385 1.00 35.28 ? 332 HOH A O   1 
HETATM 848 O  O   . HOH D 3 .   ? -4.726  15.208  -4.015  1.00 22.23 ? 333 HOH A O   1 
HETATM 849 O  O   . HOH D 3 .   ? -6.216  -9.517  4.428   1.00 28.70 ? 334 HOH A O   1 
HETATM 850 O  O   . HOH D 3 .   ? 4.604   10.409  0.810   1.00 24.02 ? 335 HOH A O   1 
HETATM 851 O  O   . HOH D 3 .   ? 1.020   10.119  6.742   1.00 30.31 ? 336 HOH A O   1 
HETATM 852 O  O   . HOH D 3 .   ? 12.292  5.899   -2.770  1.00 20.90 ? 337 HOH A O   1 
HETATM 853 O  O   . HOH D 3 .   ? -5.422  3.056   12.878  1.00 36.63 ? 338 HOH A O   1 
HETATM 854 O  O   . HOH D 3 .   ? -12.230 3.411   8.855   1.00 30.78 ? 339 HOH A O   1 
HETATM 855 O  O   . HOH D 3 .   ? 15.094  2.447   1.684   1.00 19.56 ? 340 HOH A O   1 
HETATM 856 O  O   . HOH D 3 .   ? 4.585   -6.166  12.516  1.00 14.23 ? 341 HOH A O   1 
HETATM 857 O  O   . HOH D 3 .   ? 14.643  -2.268  -7.881  1.00 25.55 ? 342 HOH A O   1 
HETATM 858 O  O   . HOH D 3 .   ? 15.032  -2.401  -4.508  1.00 28.92 ? 343 HOH A O   1 
HETATM 859 O  O   . HOH D 3 .   ? -3.221  -9.031  -11.910 1.00 33.13 ? 344 HOH A O   1 
HETATM 860 O  O   . HOH D 3 .   ? -4.901  -2.548  6.486   1.00 10.49 ? 345 HOH A O   1 
HETATM 861 O  O   . HOH D 3 .   ? 1.887   17.008  -10.715 1.00 18.89 ? 346 HOH A O   1 
HETATM 862 O  O   . HOH D 3 .   ? 12.961  6.969   8.439   1.00 22.08 ? 347 HOH A O   1 
HETATM 863 O  O   . HOH D 3 .   ? -9.975  -2.539  -6.423  1.00 34.44 ? 348 HOH A O   1 
HETATM 864 O  O   . HOH D 3 .   ? 6.350   -10.485 -9.229  1.00 9.78  ? 349 HOH A O   1 
HETATM 865 O  O   . HOH D 3 .   ? 0.009   10.367  -9.842  1.00 14.74 ? 350 HOH A O   1 
HETATM 866 O  O   . HOH D 3 .   ? 6.827   10.886  -5.754  1.00 13.05 ? 351 HOH A O   1 
HETATM 867 O  O   . HOH D 3 .   ? -6.956  4.905   -15.275 1.00 20.69 ? 352 HOH A O   1 
HETATM 868 O  O   . HOH D 3 .   ? -7.765  7.388   0.597   1.00 24.73 ? 353 HOH A O   1 
HETATM 869 O  O   . HOH D 3 .   ? 10.544  7.811   9.823   1.00 23.04 ? 354 HOH A O   1 
HETATM 870 O  O   . HOH D 3 .   ? 14.585  -0.269  10.770  1.00 21.93 ? 355 HOH A O   1 
HETATM 871 O  O   . HOH D 3 .   ? -5.993  0.227   6.683   1.00 14.73 ? 356 HOH A O   1 
HETATM 872 O  O   . HOH D 3 .   ? 7.979   -3.349  13.367  1.00 38.16 ? 357 HOH A O   1 
HETATM 873 O  O   . HOH D 3 .   ? -5.331  -12.834 -6.774  1.00 38.48 ? 358 HOH A O   1 
HETATM 874 O  O   . HOH D 3 .   ? 3.722   -11.327 -4.548  1.00 9.45  ? 359 HOH A O   1 
HETATM 875 O  O   . HOH D 3 .   ? -9.618  -2.076  -0.744  1.00 10.28 ? 360 HOH A O   1 
HETATM 876 O  O   . HOH D 3 .   ? -1.515  12.606  -9.826  1.00 16.63 ? 361 HOH A O   1 
HETATM 877 O  O   . HOH D 3 .   ? -6.198  -2.273  -9.730  1.00 18.60 ? 362 HOH A O   1 
HETATM 878 O  O   . HOH D 3 .   ? 0.482   6.563   9.416   1.00 13.30 ? 363 HOH A O   1 
HETATM 879 O  O   . HOH D 3 .   ? 4.184   7.771   5.132   1.00 14.01 ? 364 HOH A O   1 
HETATM 880 O  O   . HOH D 3 .   ? 8.940   -3.385  -12.935 1.00 36.03 ? 365 HOH A O   1 
HETATM 881 O  O   . HOH D 3 .   ? -5.845  0.297   -15.708 1.00 15.45 ? 366 HOH A O   1 
HETATM 882 O  O   . HOH D 3 .   ? 12.056  -3.350  2.749   1.00 15.20 ? 367 HOH A O   1 
HETATM 883 O  O   . HOH D 3 .   ? 6.876   7.243   -0.743  1.00 47.15 ? 368 HOH A O   1 
HETATM 884 O  O   . HOH D 3 .   ? 12.377  -10.361 -5.028  1.00 25.57 ? 369 HOH A O   1 
HETATM 885 O  O   . HOH D 3 .   ? 0.105   -6.690  11.908  1.00 10.41 ? 370 HOH A O   1 
HETATM 886 O  O   . HOH D 3 .   ? 3.897   8.569   -14.327 1.00 40.41 ? 371 HOH A O   1 
HETATM 887 O  O   . HOH D 3 .   ? -5.938  -13.852 -3.749  1.00 31.82 ? 372 HOH A O   1 
HETATM 888 O  O   . HOH D 3 .   ? -8.619  12.696  -12.133 1.00 33.78 ? 373 HOH A O   1 
HETATM 889 O  O   . HOH D 3 .   ? 8.483   5.656   -10.583 1.00 30.31 ? 374 HOH A O   1 
HETATM 890 O  O   . HOH D 3 .   ? 1.916   0.793   -13.176 1.00 22.92 ? 375 HOH A O   1 
HETATM 891 O  O   . HOH D 3 .   ? -18.002 -3.327  -8.782  1.00 27.07 ? 376 HOH A O   1 
HETATM 892 O  O   . HOH D 3 .   ? -0.245  -3.222  15.704  1.00 17.30 ? 377 HOH A O   1 
HETATM 893 O  O   . HOH D 3 .   ? -6.483  9.398   3.609   1.00 21.53 ? 378 HOH A O   1 
HETATM 894 O  O   . HOH D 3 .   ? -6.895  16.432  -7.703  1.00 34.24 ? 379 HOH A O   1 
HETATM 895 O  O   . HOH D 3 .   ? 9.722   8.008   -0.826  1.00 30.53 ? 380 HOH A O   1 
HETATM 896 O  O   . HOH D 3 .   ? -0.276  -12.920 2.404   1.00 22.95 ? 381 HOH A O   1 
HETATM 897 O  O   . HOH D 3 .   ? -0.800  -9.035  -10.629 1.00 15.20 ? 382 HOH A O   1 
HETATM 898 O  O   . HOH D 3 .   ? -8.064  -1.068  -8.261  1.00 16.35 ? 383 HOH A O   1 
HETATM 899 O  O   . HOH D 3 .   ? 5.242   -13.465 1.797   1.00 11.55 ? 384 HOH A O   1 
HETATM 900 O  O   . HOH D 3 .   ? 5.378   3.174   -1.042  1.00 31.26 ? 385 HOH A O   1 
HETATM 901 O  O   . HOH D 3 .   ? 9.023   12.063  -9.647  1.00 28.04 ? 386 HOH A O   1 
HETATM 902 O  O   . HOH D 3 .   ? 15.031  -1.031  3.038   1.00 29.13 ? 387 HOH A O   1 
HETATM 903 O  O   . HOH D 3 .   ? 3.565   -2.821  -13.145 1.00 25.58 ? 388 HOH A O   1 
HETATM 904 O  O   . HOH D 3 .   ? 5.498   -8.954  12.873  1.00 18.20 ? 389 HOH A O   1 
HETATM 905 O  O   . HOH D 3 .   ? -11.976 -1.463  -5.884  1.00 24.46 ? 390 HOH A O   1 
HETATM 906 O  O   . HOH D 3 .   ? 15.171  0.371   -4.620  1.00 30.77 ? 391 HOH A O   1 
HETATM 907 O  O   . HOH D 3 .   ? -1.832  9.815   9.064   1.00 21.46 ? 392 HOH A O   1 
HETATM 908 O  O   . HOH D 3 .   ? 6.408   9.503   12.255  1.00 25.92 ? 393 HOH A O   1 
HETATM 909 O  O   . HOH D 3 .   ? -9.422  5.697   8.361   1.00 31.98 ? 394 HOH A O   1 
HETATM 910 O  O   . HOH D 3 .   ? -12.579 -4.663  7.287   1.00 27.90 ? 395 HOH A O   1 
HETATM 911 O  O   . HOH D 3 .   ? 2.578   10.787  -13.428 1.00 27.67 ? 396 HOH A O   1 
HETATM 912 O  O   . HOH D 3 .   ? -10.496 5.578   -16.726 1.00 30.99 ? 397 HOH A O   1 
HETATM 913 O  O   . HOH D 3 .   ? 15.631  0.631   -9.746  1.00 31.34 ? 398 HOH A O   1 
HETATM 914 O  O   . HOH D 3 .   ? 10.425  -8.382  -10.633 1.00 18.78 ? 399 HOH A O   1 
HETATM 915 O  O   . HOH D 3 .   ? 16.043  -5.020  0.718   1.00 42.30 ? 400 HOH A O   1 
HETATM 916 O  O   . HOH D 3 .   ? -10.672 -6.153  -12.503 1.00 32.53 ? 401 HOH A O   1 
HETATM 917 O  O   . HOH D 3 .   ? -1.565  8.747   11.907  1.00 22.55 ? 402 HOH A O   1 
HETATM 918 O  O   . HOH D 3 .   ? 5.203   15.466  -11.307 1.00 19.81 ? 403 HOH A O   1 
HETATM 919 O  O   . HOH D 3 .   ? 5.497   -0.928  15.095  1.00 38.97 ? 404 HOH A O   1 
HETATM 920 O  O   . HOH D 3 .   ? -1.362  2.092   14.923  1.00 39.04 ? 405 HOH A O   1 
HETATM 921 O  O   . HOH D 3 .   ? 11.592  -1.285  -9.917  1.00 18.33 ? 406 HOH A O   1 
HETATM 922 O  O   . HOH D 3 .   ? 14.370  4.510   -6.388  1.00 34.01 ? 407 HOH A O   1 
HETATM 923 O  O   . HOH D 3 .   ? 12.618  1.389   15.153  1.00 37.75 ? 408 HOH A O   1 
HETATM 924 O  O   . HOH D 3 .   ? -8.109  12.159  -14.657 1.00 27.06 ? 409 HOH A O   1 
HETATM 925 O  O   . HOH D 3 .   ? -10.404 10.587  -7.892  1.00 39.12 ? 410 HOH A O   1 
HETATM 926 O  O   . HOH D 3 .   ? -8.048  2.318   -15.607 1.00 23.96 ? 411 HOH A O   1 
HETATM 927 O  O   . HOH D 3 .   ? 12.527  -8.353  -0.323  1.00 13.24 ? 412 HOH A O   1 
HETATM 928 O  O   . HOH D 3 .   ? 5.298   -5.289  -13.572 1.00 32.72 ? 413 HOH A O   1 
HETATM 929 O  O   . HOH D 3 .   ? -13.048 2.607   -6.029  1.00 28.67 ? 414 HOH A O   1 
HETATM 930 O  O   . HOH D 3 .   ? 1.270   9.195   8.917   1.00 32.40 ? 415 HOH A O   1 
HETATM 931 O  O   . HOH D 3 .   ? -6.872  8.937   7.535   1.00 32.14 ? 416 HOH A O   1 
HETATM 932 O  O   . HOH D 3 .   ? -11.181 7.720   -17.674 1.00 27.60 ? 417 HOH A O   1 
HETATM 933 O  O   . HOH D 3 .   ? 13.215  1.246   -3.197  1.00 24.02 ? 418 HOH A O   1 
HETATM 934 O  O   . HOH D 3 .   ? 16.481  -2.368  1.275   1.00 40.60 ? 419 HOH A O   1 
HETATM 935 O  O   . HOH D 3 .   ? 15.240  1.775   4.120   1.00 14.21 ? 420 HOH A O   1 
HETATM 936 O  O   . HOH D 3 .   ? -9.783  5.084   12.421  1.00 34.18 ? 421 HOH A O   1 
HETATM 937 O  O   . HOH D 3 .   ? 7.135   -6.499  -12.847 1.00 36.99 ? 422 HOH A O   1 
HETATM 938 O  O   . HOH D 3 .   ? 8.494   7.133   -4.834  1.00 23.93 ? 423 HOH A O   1 
HETATM 939 O  O   . HOH D 3 .   ? -1.764  -14.911 -9.653  1.00 19.66 ? 424 HOH A O   1 
HETATM 940 O  O   . HOH D 3 .   ? 7.077   7.618   -2.956  1.00 13.71 ? 425 HOH A O   1 
HETATM 941 O  O   . HOH D 3 .   ? -16.541 -7.404  -7.447  1.00 27.61 ? 426 HOH A O   1 
HETATM 942 O  O   . HOH D 3 .   ? 11.920  -9.048  11.123  1.00 11.23 ? 427 HOH A O   1 
HETATM 943 O  O   . HOH D 3 .   ? 11.285  1.226   -11.988 1.00 14.66 ? 428 HOH A O   1 
HETATM 944 O  O   . HOH D 3 .   ? 1.446   -1.354  15.483  1.00 24.24 ? 429 HOH A O   1 
HETATM 945 O  O   . HOH D 3 .   ? -11.224 14.172  -7.237  1.00 33.31 ? 430 HOH A O   1 
HETATM 946 O  O   . HOH D 3 .   ? -2.787  6.025   15.280  1.00 47.56 ? 431 HOH A O   1 
HETATM 947 O  O   . HOH D 3 .   ? -17.592 -1.132  -11.755 1.00 34.45 ? 432 HOH A O   1 
HETATM 948 O  O   . HOH D 3 .   ? -7.668  -10.958 -7.030  1.00 40.57 ? 433 HOH A O   1 
HETATM 949 O  O   . HOH D 3 .   ? 3.739   12.565  -16.023 1.00 40.23 ? 434 HOH A O   1 
HETATM 950 O  O   . HOH D 3 .   ? -0.081  12.112  5.441   1.00 31.37 ? 435 HOH A O   1 
HETATM 951 O  O   . HOH D 3 .   ? -10.150 11.604  -3.254  1.00 44.51 ? 436 HOH A O   1 
HETATM 952 O  O   . HOH D 3 .   ? -2.605  7.971   -15.494 1.00 45.84 ? 437 HOH A O   1 
HETATM 953 O  O   . HOH D 3 .   ? 0.974   -14.801 1.416   1.00 16.02 ? 438 HOH A O   1 
HETATM 954 O  O   . HOH D 3 .   ? 11.683  -7.178  13.226  1.00 24.46 ? 439 HOH A O   1 
HETATM 955 O  O   . HOH D 3 .   ? -5.322  10.803  5.794   1.00 29.19 ? 440 HOH A O   1 
HETATM 956 O  O   . HOH D 3 .   ? -2.586  -17.114 -8.565  1.00 35.14 ? 441 HOH A O   1 
HETATM 957 O  O   . HOH D 3 .   ? -4.009  -15.918 -2.674  1.00 43.11 ? 442 HOH A O   1 
HETATM 958 O  O   . HOH D 3 .   ? -10.270 14.549  -9.316  1.00 39.21 ? 443 HOH A O   1 
HETATM 959 O  O   . HOH D 3 .   ? 3.606   10.493  5.201   1.00 29.09 ? 444 HOH A O   1 
HETATM 960 O  O   . HOH D 3 .   ? -1.635  13.033  -12.706 1.00 33.90 ? 445 HOH A O   1 
HETATM 961 O  O   . HOH D 3 .   ? -13.816 8.273   -6.238  1.00 10.12 ? 446 HOH A O   1 
HETATM 962 O  O   . HOH D 3 .   ? 9.104   8.382   -6.703  1.00 35.43 ? 447 HOH A O   1 
HETATM 963 O  O   . HOH D 3 .   ? -4.892  12.900  -14.704 1.00 34.81 ? 448 HOH A O   1 
HETATM 964 O  O   . HOH D 3 .   ? -12.196 3.722   -14.910 1.00 43.98 ? 449 HOH A O   1 
HETATM 965 O  O   . HOH D 3 .   ? 5.409   4.692   -14.135 1.00 39.87 ? 450 HOH A O   1 
HETATM 966 O  O   . HOH D 3 .   ? 17.053  1.257   0.218   1.00 37.51 ? 451 HOH A O   1 
HETATM 967 O  O   . HOH D 3 .   ? 3.322   11.688  2.618   1.00 16.58 ? 452 HOH A O   1 
HETATM 968 O  O   . HOH D 3 .   ? 9.547   -6.362  15.290  1.00 33.78 ? 453 HOH A O   1 
HETATM 969 O  O   . HOH D 3 .   ? 0.585   6.771   -14.233 1.00 25.76 ? 454 HOH A O   1 
# 
